data_3FO4
# 
_entry.id   3FO4 
# 
_audit_conform.dict_name       mmcif_pdbx.dic 
_audit_conform.dict_version    5.378 
_audit_conform.dict_location   http://mmcif.pdb.org/dictionaries/ascii/mmcif_pdbx.dic 
# 
loop_
_database_2.database_id 
_database_2.database_code 
_database_2.pdbx_database_accession 
_database_2.pdbx_DOI 
PDB   3FO4         pdb_00003fo4 10.2210/pdb3fo4/pdb 
NDB   UR0180       ?            ?                   
RCSB  RCSB050830   ?            ?                   
WWPDB D_1000050830 ?            ?                   
# 
loop_
_pdbx_database_related.db_name 
_pdbx_database_related.db_id 
_pdbx_database_related.details 
_pdbx_database_related.content_type 
PDB 1U8D 'Crystal structure of guanine riboswitch bound to hypoxanthine'      unspecified 
PDB 3FO6 'Crystal structure of guanine riboswitch bound to 6-O-methylguanine' unspecified 
# 
_pdbx_database_status.status_code                     REL 
_pdbx_database_status.entry_id                        3FO4 
_pdbx_database_status.recvd_initial_deposition_date   2008-12-27 
_pdbx_database_status.deposit_site                    RCSB 
_pdbx_database_status.process_site                    RCSB 
_pdbx_database_status.status_code_sf                  REL 
_pdbx_database_status.status_code_mr                  ? 
_pdbx_database_status.SG_entry                        ? 
_pdbx_database_status.pdb_format_compatible           Y 
_pdbx_database_status.status_code_cs                  ? 
_pdbx_database_status.status_code_nmr_data            ? 
_pdbx_database_status.methods_development_category    ? 
# 
loop_
_audit_author.name 
_audit_author.pdbx_ordinal 
'Gilbert, S.D.' 1 
'Batey, R.T.'   2 
# 
_citation.id                        primary 
_citation.title                     
'Adaptive ligand binding by the purine riboswitch in the recognition of Guanine and adenine analogs.' 
_citation.journal_abbrev            Structure 
_citation.journal_volume            17 
_citation.page_first                857 
_citation.page_last                 868 
_citation.year                      2009 
_citation.journal_id_ASTM           STRUE6 
_citation.country                   UK 
_citation.journal_id_ISSN           0969-2126 
_citation.journal_id_CSD            2005 
_citation.book_publisher            ? 
_citation.pdbx_database_id_PubMed   19523903 
_citation.pdbx_database_id_DOI      10.1016/j.str.2009.04.009 
# 
loop_
_citation_author.citation_id 
_citation_author.name 
_citation_author.ordinal 
_citation_author.identifier_ORCID 
primary 'Gilbert, S.D.' 1 ? 
primary 'Reyes, F.E.'   2 ? 
primary 'Edwards, A.L.' 3 ? 
primary 'Batey, R.T.'   4 ? 
# 
_cell.entry_id           3FO4 
_cell.length_a           132.600 
_cell.length_b           35.170 
_cell.length_c           41.790 
_cell.angle_alpha        90.00 
_cell.angle_beta         90.38 
_cell.angle_gamma        90.00 
_cell.Z_PDB              4 
_cell.pdbx_unique_axis   ? 
_cell.length_a_esd       ? 
_cell.length_b_esd       ? 
_cell.length_c_esd       ? 
_cell.angle_alpha_esd    ? 
_cell.angle_beta_esd     ? 
_cell.angle_gamma_esd    ? 
# 
_symmetry.entry_id                         3FO4 
_symmetry.space_group_name_H-M             'C 1 2 1' 
_symmetry.pdbx_full_space_group_name_H-M   ? 
_symmetry.cell_setting                     ? 
_symmetry.Int_Tables_number                5 
_symmetry.space_group_name_Hall            ? 
# 
loop_
_entity.id 
_entity.type 
_entity.src_method 
_entity.pdbx_description 
_entity.formula_weight 
_entity.pdbx_number_of_molecules 
_entity.pdbx_ec 
_entity.pdbx_mutation 
_entity.pdbx_fragment 
_entity.details 
1 polymer     syn 'Guanine riboswitch C74U mutant' 21836.975 1   ? C74U ? ? 
2 non-polymer syn 6-chloroguanine                  169.572   1   ? ?    ? ? 
3 non-polymer syn 'ACETATE ION'                    59.044    1   ? ?    ? ? 
4 non-polymer syn 'COBALT HEXAMMINE(III)'          161.116   12  ? ?    ? ? 
5 water       nat water                            18.015    203 ? ?    ? ? 
# 
_entity_poly.entity_id                      1 
_entity_poly.type                           polyribonucleotide 
_entity_poly.nstd_linkage                   no 
_entity_poly.nstd_monomer                   no 
_entity_poly.pdbx_seq_one_letter_code       GGACAUAUAAUCGCGUGGAUAUGGCACGCAAGUUUCUACCGGGCACCGUAAAUGUCCGAUUAUGUCCA 
_entity_poly.pdbx_seq_one_letter_code_can   GGACAUAUAAUCGCGUGGAUAUGGCACGCAAGUUUCUACCGGGCACCGUAAAUGUCCGAUUAUGUCCA 
_entity_poly.pdbx_strand_id                 A 
_entity_poly.pdbx_target_identifier         ? 
# 
loop_
_entity_poly_seq.entity_id 
_entity_poly_seq.num 
_entity_poly_seq.mon_id 
_entity_poly_seq.hetero 
1 1  G n 
1 2  G n 
1 3  A n 
1 4  C n 
1 5  A n 
1 6  U n 
1 7  A n 
1 8  U n 
1 9  A n 
1 10 A n 
1 11 U n 
1 12 C n 
1 13 G n 
1 14 C n 
1 15 G n 
1 16 U n 
1 17 G n 
1 18 G n 
1 19 A n 
1 20 U n 
1 21 A n 
1 22 U n 
1 23 G n 
1 24 G n 
1 25 C n 
1 26 A n 
1 27 C n 
1 28 G n 
1 29 C n 
1 30 A n 
1 31 A n 
1 32 G n 
1 33 U n 
1 34 U n 
1 35 U n 
1 36 C n 
1 37 U n 
1 38 A n 
1 39 C n 
1 40 C n 
1 41 G n 
1 42 G n 
1 43 G n 
1 44 C n 
1 45 A n 
1 46 C n 
1 47 C n 
1 48 G n 
1 49 U n 
1 50 A n 
1 51 A n 
1 52 A n 
1 53 U n 
1 54 G n 
1 55 U n 
1 56 C n 
1 57 C n 
1 58 G n 
1 59 A n 
1 60 U n 
1 61 U n 
1 62 A n 
1 63 U n 
1 64 G n 
1 65 U n 
1 66 C n 
1 67 C n 
1 68 A n 
# 
_pdbx_entity_src_syn.entity_id              1 
_pdbx_entity_src_syn.pdbx_src_id            1 
_pdbx_entity_src_syn.pdbx_alt_source_flag   sample 
_pdbx_entity_src_syn.pdbx_beg_seq_num       ? 
_pdbx_entity_src_syn.pdbx_end_seq_num       ? 
_pdbx_entity_src_syn.organism_scientific    ? 
_pdbx_entity_src_syn.organism_common_name   ? 
_pdbx_entity_src_syn.ncbi_taxonomy_id       ? 
_pdbx_entity_src_syn.details                
;This sequence was engineered based on the guanine riboswitch found in the 5'UTR of the xpt-pbuX gene in Bacillus subtilis
;
# 
_struct_ref.id                         1 
_struct_ref.db_name                    PDB 
_struct_ref.db_code                    3FO4 
_struct_ref.pdbx_db_accession          3FO4 
_struct_ref.entity_id                  1 
_struct_ref.pdbx_seq_one_letter_code   GGACAUAUAAUCGCGUGGAUAUGGCACGCAAGUUUCUACCGGGCACCGUAAAUGUCCGACUAUGUCCA 
_struct_ref.pdbx_align_begin           15 
_struct_ref.pdbx_db_isoform            ? 
# 
_struct_ref_seq.align_id                      1 
_struct_ref_seq.ref_id                        1 
_struct_ref_seq.pdbx_PDB_id_code              3FO4 
_struct_ref_seq.pdbx_strand_id                A 
_struct_ref_seq.seq_align_beg                 1 
_struct_ref_seq.pdbx_seq_align_beg_ins_code   ? 
_struct_ref_seq.seq_align_end                 68 
_struct_ref_seq.pdbx_seq_align_end_ins_code   ? 
_struct_ref_seq.pdbx_db_accession             3FO4 
_struct_ref_seq.db_align_beg                  15 
_struct_ref_seq.pdbx_db_align_beg_ins_code    ? 
_struct_ref_seq.db_align_end                  82 
_struct_ref_seq.pdbx_db_align_end_ins_code    ? 
_struct_ref_seq.pdbx_auth_seq_align_beg       15 
_struct_ref_seq.pdbx_auth_seq_align_end       82 
# 
_struct_ref_seq_dif.align_id                     1 
_struct_ref_seq_dif.pdbx_pdb_id_code             3FO4 
_struct_ref_seq_dif.mon_id                       U 
_struct_ref_seq_dif.pdbx_pdb_strand_id           A 
_struct_ref_seq_dif.seq_num                      60 
_struct_ref_seq_dif.pdbx_pdb_ins_code            ? 
_struct_ref_seq_dif.pdbx_seq_db_name             PDB 
_struct_ref_seq_dif.pdbx_seq_db_accession_code   3FO4 
_struct_ref_seq_dif.db_mon_id                    C 
_struct_ref_seq_dif.pdbx_seq_db_seq_num          74 
_struct_ref_seq_dif.details                      'engineered mutation' 
_struct_ref_seq_dif.pdbx_auth_seq_num            74 
_struct_ref_seq_dif.pdbx_ordinal                 1 
# 
loop_
_chem_comp.id 
_chem_comp.type 
_chem_comp.mon_nstd_flag 
_chem_comp.name 
_chem_comp.pdbx_synonyms 
_chem_comp.formula 
_chem_comp.formula_weight 
6GU non-polymer   . 6-chloroguanine              6-chloro-9H-purin-2-amine 'C5 H4 Cl N5'     169.572 
A   'RNA linking' y "ADENOSINE-5'-MONOPHOSPHATE" ?                         'C10 H14 N5 O7 P' 347.221 
ACT non-polymer   . 'ACETATE ION'                ?                         'C2 H3 O2 -1'     59.044  
C   'RNA linking' y "CYTIDINE-5'-MONOPHOSPHATE"  ?                         'C9 H14 N3 O8 P'  323.197 
G   'RNA linking' y "GUANOSINE-5'-MONOPHOSPHATE" ?                         'C10 H14 N5 O8 P' 363.221 
HOH non-polymer   . WATER                        ?                         'H2 O'            18.015  
NCO non-polymer   . 'COBALT HEXAMMINE(III)'      ?                         'Co H18 N6 3'     161.116 
U   'RNA linking' y "URIDINE-5'-MONOPHOSPHATE"   ?                         'C9 H13 N2 O9 P'  324.181 
# 
_exptl.entry_id          3FO4 
_exptl.method            'X-RAY DIFFRACTION' 
_exptl.crystals_number   1 
# 
_exptl_crystal.id                    1 
_exptl_crystal.density_meas          ? 
_exptl_crystal.density_Matthews      2.23 
_exptl_crystal.density_percent_sol   44.87 
_exptl_crystal.description           ? 
_exptl_crystal.F_000                 ? 
_exptl_crystal.preparation           ? 
# 
_exptl_crystal_grow.crystal_id      1 
_exptl_crystal_grow.method          'VAPOR DIFFUSION, HANGING DROP' 
_exptl_crystal_grow.temp            298 
_exptl_crystal_grow.temp_details    ? 
_exptl_crystal_grow.pH              7.5 
_exptl_crystal_grow.pdbx_pH_range   ? 
_exptl_crystal_grow.pdbx_details    
;20% PEG 2000, 480 mM Ammonium acetate, 12 mM Cobalt hexammine, 10 mM K+HEPES, pH 7.5, VAPOR DIFFUSION, HANGING DROP, temperature 298K
;
# 
loop_
_exptl_crystal_grow_comp.crystal_id 
_exptl_crystal_grow_comp.id 
_exptl_crystal_grow_comp.sol_id 
_exptl_crystal_grow_comp.name 
_exptl_crystal_grow_comp.volume 
_exptl_crystal_grow_comp.conc 
_exptl_crystal_grow_comp.details 
1 1 1 'PEG 2000'         ? ? ? 
1 2 1 'Ammonium acetate' ? ? ? 
1 3 1 'Cobalt hexammine' ? ? ? 
1 4 1 'Potassium HEPES'  ? ? ? 
1 5 2 'PEG 2000'         ? ? ? 
1 6 2 'Ammonium acetate' ? ? ? 
1 7 2 'Cobalt hexammine' ? ? ? 
1 8 2 'Potassium HEPES'  ? ? ? 
# 
_diffrn.id                     1 
_diffrn.ambient_temp           100 
_diffrn.ambient_temp_details   ? 
_diffrn.crystal_id             1 
# 
_diffrn_detector.diffrn_id              1 
_diffrn_detector.detector               'IMAGE PLATE' 
_diffrn_detector.type                   'RIGAKU RAXIS IV' 
_diffrn_detector.pdbx_collection_date   2005-05-13 
_diffrn_detector.details                ? 
# 
_diffrn_radiation.diffrn_id                        1 
_diffrn_radiation.wavelength_id                    1 
_diffrn_radiation.pdbx_monochromatic_or_laue_m_l   M 
_diffrn_radiation.monochromator                    'Nickel filter' 
_diffrn_radiation.pdbx_diffrn_protocol             'SINGLE WAVELENGTH' 
_diffrn_radiation.pdbx_scattering_type             x-ray 
# 
_diffrn_radiation_wavelength.id           1 
_diffrn_radiation_wavelength.wavelength   1.5418 
_diffrn_radiation_wavelength.wt           1.0 
# 
_diffrn_source.diffrn_id                   1 
_diffrn_source.source                      'ROTATING ANODE' 
_diffrn_source.type                        RIGAKU 
_diffrn_source.pdbx_synchrotron_site       ? 
_diffrn_source.pdbx_synchrotron_beamline   ? 
_diffrn_source.pdbx_wavelength             ? 
_diffrn_source.pdbx_wavelength_list        1.5418 
# 
_reflns.entry_id                     3FO4 
_reflns.observed_criterion_sigma_I   3.0 
_reflns.observed_criterion_sigma_F   0 
_reflns.d_resolution_low             20.0 
_reflns.d_resolution_high            1.80 
_reflns.number_obs                   15304 
_reflns.number_all                   16673 
_reflns.percent_possible_obs         91.8 
_reflns.pdbx_Rmerge_I_obs            ? 
_reflns.pdbx_Rsym_value              0.048 
_reflns.pdbx_netI_over_sigmaI        15.8 
_reflns.B_iso_Wilson_estimate        19.9 
_reflns.pdbx_redundancy              3.56 
_reflns.R_free_details               ? 
_reflns.pdbx_chi_squared             ? 
_reflns.pdbx_scaling_rejects         ? 
_reflns.pdbx_diffrn_id               1 
_reflns.pdbx_ordinal                 1 
# 
_reflns_shell.d_res_high             1.80 
_reflns_shell.d_res_low              1.86 
_reflns_shell.percent_possible_all   69.5 
_reflns_shell.Rmerge_I_obs           ? 
_reflns_shell.pdbx_Rsym_value        0.201 
_reflns_shell.meanI_over_sigI_obs    ? 
_reflns_shell.pdbx_redundancy        3.31 
_reflns_shell.percent_possible_obs   ? 
_reflns_shell.number_unique_all      ? 
_reflns_shell.number_measured_all    ? 
_reflns_shell.number_measured_obs    ? 
_reflns_shell.number_unique_obs      ? 
_reflns_shell.pdbx_chi_squared       ? 
_reflns_shell.pdbx_diffrn_id         ? 
_reflns_shell.pdbx_ordinal           1 
# 
_refine.pdbx_refine_id                           'X-RAY DIFFRACTION' 
_refine.entry_id                                 3FO4 
_refine.ls_number_reflns_obs                     14584 
_refine.ls_number_reflns_all                     14584 
_refine.pdbx_ls_sigma_I                          ? 
_refine.pdbx_ls_sigma_F                          0.0 
_refine.pdbx_data_cutoff_high_absF               1233811.58 
_refine.pdbx_data_cutoff_low_absF                0.000000 
_refine.pdbx_data_cutoff_high_rms_absF           ? 
_refine.ls_d_res_low                             19.97 
_refine.ls_d_res_high                            1.90 
_refine.ls_percent_reflns_obs                    94.3 
_refine.ls_R_factor_obs                          0.226 
_refine.ls_R_factor_all                          ? 
_refine.ls_R_factor_R_work                       0.226 
_refine.ls_R_factor_R_free                       0.249 
_refine.ls_R_factor_R_free_error                 0.008 
_refine.ls_R_factor_R_free_error_details         ? 
_refine.ls_percent_reflns_R_free                 7.3 
_refine.ls_number_reflns_R_free                  1065 
_refine.ls_number_parameters                     ? 
_refine.ls_number_restraints                     ? 
_refine.occupancy_min                            ? 
_refine.occupancy_max                            ? 
_refine.correlation_coeff_Fo_to_Fc               ? 
_refine.correlation_coeff_Fo_to_Fc_free          ? 
_refine.B_iso_mean                               27.3 
_refine.aniso_B[1][1]                            2.95 
_refine.aniso_B[2][2]                            -2.06 
_refine.aniso_B[3][3]                            -0.89 
_refine.aniso_B[1][2]                            0.00 
_refine.aniso_B[1][3]                            2.44 
_refine.aniso_B[2][3]                            0.00 
_refine.solvent_model_details                    'FLAT MODEL' 
_refine.solvent_model_param_ksol                 0.4 
_refine.solvent_model_param_bsol                 44.9172 
_refine.pdbx_solvent_vdw_probe_radii             ? 
_refine.pdbx_solvent_ion_probe_radii             ? 
_refine.pdbx_solvent_shrinkage_radii             ? 
_refine.pdbx_ls_cross_valid_method               THROUGHOUT 
_refine.details                                  ? 
_refine.pdbx_starting_model                      'PDB entry 1U8D' 
_refine.pdbx_method_to_determine_struct          'MOLECULAR REPLACEMENT' 
_refine.pdbx_isotropic_thermal_model             RESTRAINED 
_refine.pdbx_stereochemistry_target_values       'Engh & Huber' 
_refine.pdbx_stereochem_target_val_spec_case     ? 
_refine.pdbx_R_Free_selection_details            RANDOM 
_refine.pdbx_overall_ESU_R                       ? 
_refine.pdbx_overall_ESU_R_Free                  ? 
_refine.overall_SU_ML                            ? 
_refine.pdbx_overall_phase_error                 ? 
_refine.overall_SU_B                             ? 
_refine.ls_redundancy_reflns_obs                 ? 
_refine.overall_SU_R_Cruickshank_DPI             ? 
_refine.overall_SU_R_free                        ? 
_refine.ls_wR_factor_R_free                      ? 
_refine.ls_wR_factor_R_work                      ? 
_refine.overall_FOM_free_R_set                   ? 
_refine.overall_FOM_work_R_set                   ? 
_refine.pdbx_diffrn_id                           1 
_refine.pdbx_TLS_residual_ADP_flag               ? 
_refine.pdbx_overall_SU_R_free_Cruickshank_DPI   ? 
_refine.pdbx_overall_SU_R_Blow_DPI               ? 
_refine.pdbx_overall_SU_R_free_Blow_DPI          ? 
# 
_refine_analyze.pdbx_refine_id                  'X-RAY DIFFRACTION' 
_refine_analyze.entry_id                        3FO4 
_refine_analyze.Luzzati_coordinate_error_obs    0.26 
_refine_analyze.Luzzati_sigma_a_obs             0.22 
_refine_analyze.Luzzati_d_res_low_obs           5.00 
_refine_analyze.Luzzati_coordinate_error_free   0.29 
_refine_analyze.Luzzati_sigma_a_free            0.25 
_refine_analyze.Luzzati_d_res_low_free          ? 
_refine_analyze.number_disordered_residues      ? 
_refine_analyze.occupancy_sum_hydrogen          ? 
_refine_analyze.occupancy_sum_non_hydrogen      ? 
# 
_refine_hist.pdbx_refine_id                   'X-RAY DIFFRACTION' 
_refine_hist.cycle_id                         LAST 
_refine_hist.pdbx_number_atoms_protein        0 
_refine_hist.pdbx_number_atoms_nucleic_acid   1336 
_refine_hist.pdbx_number_atoms_ligand         99 
_refine_hist.number_atoms_solvent             203 
_refine_hist.number_atoms_total               1638 
_refine_hist.d_res_high                       1.90 
_refine_hist.d_res_low                        19.97 
# 
loop_
_refine_ls_restr.type 
_refine_ls_restr.dev_ideal 
_refine_ls_restr.dev_ideal_target 
_refine_ls_restr.weight 
_refine_ls_restr.number 
_refine_ls_restr.pdbx_refine_id 
_refine_ls_restr.pdbx_restraint_function 
c_bond_d                0.004 ? ? ? 'X-RAY DIFFRACTION' ? 
c_bond_d_na             ?     ? ? ? 'X-RAY DIFFRACTION' ? 
c_bond_d_prot           ?     ? ? ? 'X-RAY DIFFRACTION' ? 
c_angle_d               ?     ? ? ? 'X-RAY DIFFRACTION' ? 
c_angle_d_na            ?     ? ? ? 'X-RAY DIFFRACTION' ? 
c_angle_d_prot          ?     ? ? ? 'X-RAY DIFFRACTION' ? 
c_angle_deg             0.9   ? ? ? 'X-RAY DIFFRACTION' ? 
c_angle_deg_na          ?     ? ? ? 'X-RAY DIFFRACTION' ? 
c_angle_deg_prot        ?     ? ? ? 'X-RAY DIFFRACTION' ? 
c_dihedral_angle_d      21.5  ? ? ? 'X-RAY DIFFRACTION' ? 
c_dihedral_angle_d_na   ?     ? ? ? 'X-RAY DIFFRACTION' ? 
c_dihedral_angle_d_prot ?     ? ? ? 'X-RAY DIFFRACTION' ? 
c_improper_angle_d      1.44  ? ? ? 'X-RAY DIFFRACTION' ? 
c_improper_angle_d_na   ?     ? ? ? 'X-RAY DIFFRACTION' ? 
c_improper_angle_d_prot ?     ? ? ? 'X-RAY DIFFRACTION' ? 
c_mcbond_it             ?     ? ? ? 'X-RAY DIFFRACTION' ? 
c_mcangle_it            ?     ? ? ? 'X-RAY DIFFRACTION' ? 
c_scbond_it             ?     ? ? ? 'X-RAY DIFFRACTION' ? 
c_scangle_it            ?     ? ? ? 'X-RAY DIFFRACTION' ? 
# 
_refine_ls_shell.pdbx_refine_id                   'X-RAY DIFFRACTION' 
_refine_ls_shell.pdbx_total_number_of_bins_used   6 
_refine_ls_shell.d_res_high                       1.90 
_refine_ls_shell.d_res_low                        2.02 
_refine_ls_shell.number_reflns_R_work             2156 
_refine_ls_shell.R_factor_R_work                  0.315 
_refine_ls_shell.percent_reflns_obs               91.1 
_refine_ls_shell.R_factor_R_free                  0.356 
_refine_ls_shell.R_factor_R_free_error            0.028 
_refine_ls_shell.percent_reflns_R_free            7.0 
_refine_ls_shell.number_reflns_R_free             163 
_refine_ls_shell.number_reflns_all                ? 
_refine_ls_shell.R_factor_all                     ? 
_refine_ls_shell.redundancy_reflns_obs            ? 
_refine_ls_shell.number_reflns_obs                ? 
# 
loop_
_pdbx_xplor_file.pdbx_refine_id 
_pdbx_xplor_file.serial_no 
_pdbx_xplor_file.param_file 
_pdbx_xplor_file.topol_file 
'X-RAY DIFFRACTION' 1 water_rep.param          water_rep.top          
'X-RAY DIFFRACTION' 2 dna-rna_rep_revise.param dna-rna_rep_revise.top 
'X-RAY DIFFRACTION' 3 ion.param                ion.top                
'X-RAY DIFFRACTION' 4 cohex_rep.param          cohex_rep.top          
'X-RAY DIFFRACTION' 5 acetate.param            acetate.top            
# 
_struct.entry_id                  3FO4 
_struct.title                     'Crystal structure of guanine riboswitch C74U mutant bound to 6-chloroguanine' 
_struct.pdbx_model_details        ? 
_struct.pdbx_CASP_flag            ? 
_struct.pdbx_model_type_details   ? 
# 
_struct_keywords.entry_id        3FO4 
_struct_keywords.pdbx_keywords   RNA 
_struct_keywords.text            
'mRNA, riboswitch, 6-chloroguanine, adenine, RNA-ligand complex, double helix, three-way junction, RNA' 
# 
loop_
_struct_asym.id 
_struct_asym.pdbx_blank_PDB_chainid_flag 
_struct_asym.pdbx_modified 
_struct_asym.entity_id 
_struct_asym.details 
A N N 1 ? 
B N N 2 ? 
C N N 3 ? 
D N N 4 ? 
E N N 4 ? 
F N N 4 ? 
G N N 4 ? 
H N N 4 ? 
I N N 4 ? 
J N N 4 ? 
K N N 4 ? 
L N N 4 ? 
M N N 4 ? 
N N N 4 ? 
O N N 4 ? 
P N N 5 ? 
# 
_struct_biol.id        1 
_struct_biol.details   'The asymmetric unit contains one biological unit' 
# 
loop_
_struct_conn.id 
_struct_conn.conn_type_id 
_struct_conn.pdbx_leaving_atom_flag 
_struct_conn.pdbx_PDB_id 
_struct_conn.ptnr1_label_asym_id 
_struct_conn.ptnr1_label_comp_id 
_struct_conn.ptnr1_label_seq_id 
_struct_conn.ptnr1_label_atom_id 
_struct_conn.pdbx_ptnr1_label_alt_id 
_struct_conn.pdbx_ptnr1_PDB_ins_code 
_struct_conn.pdbx_ptnr1_standard_comp_id 
_struct_conn.ptnr1_symmetry 
_struct_conn.ptnr2_label_asym_id 
_struct_conn.ptnr2_label_comp_id 
_struct_conn.ptnr2_label_seq_id 
_struct_conn.ptnr2_label_atom_id 
_struct_conn.pdbx_ptnr2_label_alt_id 
_struct_conn.pdbx_ptnr2_PDB_ins_code 
_struct_conn.ptnr1_auth_asym_id 
_struct_conn.ptnr1_auth_comp_id 
_struct_conn.ptnr1_auth_seq_id 
_struct_conn.ptnr2_auth_asym_id 
_struct_conn.ptnr2_auth_comp_id 
_struct_conn.ptnr2_auth_seq_id 
_struct_conn.ptnr2_symmetry 
_struct_conn.pdbx_ptnr3_label_atom_id 
_struct_conn.pdbx_ptnr3_label_seq_id 
_struct_conn.pdbx_ptnr3_label_comp_id 
_struct_conn.pdbx_ptnr3_label_asym_id 
_struct_conn.pdbx_ptnr3_label_alt_id 
_struct_conn.pdbx_ptnr3_PDB_ins_code 
_struct_conn.details 
_struct_conn.pdbx_dist_value 
_struct_conn.pdbx_value_order 
_struct_conn.pdbx_role 
hydrog1  hydrog ? ? A A 3  N1 ? ? ? 1_555 A U 65 N3 ? ? A A 17 A U 79 1_555 ? ? ? ? ? ? WATSON-CRICK         ? ? ? 
hydrog2  hydrog ? ? A A 3  N6 ? ? ? 1_555 A U 65 O4 ? ? A A 17 A U 79 1_555 ? ? ? ? ? ? WATSON-CRICK         ? ? ? 
hydrog3  hydrog ? ? A C 4  N3 ? ? ? 1_555 A G 64 N1 ? ? A C 18 A G 78 1_555 ? ? ? ? ? ? WATSON-CRICK         ? ? ? 
hydrog4  hydrog ? ? A C 4  N4 ? ? ? 1_555 A G 64 O6 ? ? A C 18 A G 78 1_555 ? ? ? ? ? ? WATSON-CRICK         ? ? ? 
hydrog5  hydrog ? ? A C 4  O2 ? ? ? 1_555 A G 64 N2 ? ? A C 18 A G 78 1_555 ? ? ? ? ? ? WATSON-CRICK         ? ? ? 
hydrog6  hydrog ? ? A A 5  N1 ? ? ? 1_555 A U 63 N3 ? ? A A 19 A U 77 1_555 ? ? ? ? ? ? WATSON-CRICK         ? ? ? 
hydrog7  hydrog ? ? A A 5  N6 ? ? ? 1_555 A U 63 O4 ? ? A A 19 A U 77 1_555 ? ? ? ? ? ? WATSON-CRICK         ? ? ? 
hydrog8  hydrog ? ? A U 6  N3 ? ? ? 1_555 A A 62 N1 ? ? A U 20 A A 76 1_555 ? ? ? ? ? ? WATSON-CRICK         ? ? ? 
hydrog9  hydrog ? ? A U 6  O4 ? ? ? 1_555 A A 62 N6 ? ? A U 20 A A 76 1_555 ? ? ? ? ? ? WATSON-CRICK         ? ? ? 
hydrog10 hydrog ? ? A A 7  N1 ? ? ? 1_555 A U 61 N3 ? ? A A 21 A U 75 1_555 ? ? ? ? ? ? WATSON-CRICK         ? ? ? 
hydrog11 hydrog ? ? A A 7  N6 ? ? ? 1_555 A U 61 O4 ? ? A A 21 A U 75 1_555 ? ? ? ? ? ? WATSON-CRICK         ? ? ? 
hydrog12 hydrog ? ? A U 8  N3 ? ? ? 1_555 A A 38 N1 ? ? A U 22 A A 52 1_555 ? ? ? ? ? ? WATSON-CRICK         ? ? ? 
hydrog13 hydrog ? ? A U 8  O4 ? ? ? 1_555 A A 38 N6 ? ? A U 22 A A 52 1_555 ? ? ? ? ? ? WATSON-CRICK         ? ? ? 
hydrog14 hydrog ? ? A A 9  N1 ? ? ? 1_555 A G 32 N2 ? ? A A 23 A G 46 1_555 ? ? ? ? ? ? TYPE_10_PAIR         ? ? ? 
hydrog15 hydrog ? ? A A 9  N6 ? ? ? 1_555 A G 32 N3 ? ? A A 23 A G 46 1_555 ? ? ? ? ? ? TYPE_10_PAIR         ? ? ? 
hydrog16 hydrog ? ? A U 11 N3 ? ? ? 1_555 A A 31 N1 ? ? A U 25 A A 45 1_555 ? ? ? ? ? ? WATSON-CRICK         ? ? ? 
hydrog17 hydrog ? ? A U 11 O4 ? ? ? 1_555 A A 31 N6 ? ? A U 25 A A 45 1_555 ? ? ? ? ? ? WATSON-CRICK         ? ? ? 
hydrog18 hydrog ? ? A C 12 N4 ? ? ? 1_555 A A 30 N1 ? ? A C 26 A A 44 1_555 ? ? ? ? ? ? 'C-A MISPAIR'        ? ? ? 
hydrog19 hydrog ? ? A G 13 N1 ? ? ? 1_555 A C 29 N3 ? ? A G 27 A C 43 1_555 ? ? ? ? ? ? WATSON-CRICK         ? ? ? 
hydrog20 hydrog ? ? A G 13 N2 ? ? ? 1_555 A C 29 O2 ? ? A G 27 A C 43 1_555 ? ? ? ? ? ? WATSON-CRICK         ? ? ? 
hydrog21 hydrog ? ? A G 13 O6 ? ? ? 1_555 A C 29 N4 ? ? A G 27 A C 43 1_555 ? ? ? ? ? ? WATSON-CRICK         ? ? ? 
hydrog22 hydrog ? ? A C 14 N3 ? ? ? 1_555 A G 28 N1 ? ? A C 28 A G 42 1_555 ? ? ? ? ? ? WATSON-CRICK         ? ? ? 
hydrog23 hydrog ? ? A C 14 N4 ? ? ? 1_555 A G 28 O6 ? ? A C 28 A G 42 1_555 ? ? ? ? ? ? WATSON-CRICK         ? ? ? 
hydrog24 hydrog ? ? A C 14 O2 ? ? ? 1_555 A G 28 N2 ? ? A C 28 A G 42 1_555 ? ? ? ? ? ? WATSON-CRICK         ? ? ? 
hydrog25 hydrog ? ? A G 15 N1 ? ? ? 1_555 A C 27 N3 ? ? A G 29 A C 41 1_555 ? ? ? ? ? ? WATSON-CRICK         ? ? ? 
hydrog26 hydrog ? ? A G 15 N2 ? ? ? 1_555 A C 27 O2 ? ? A G 29 A C 41 1_555 ? ? ? ? ? ? WATSON-CRICK         ? ? ? 
hydrog27 hydrog ? ? A G 15 O6 ? ? ? 1_555 A C 27 N4 ? ? A G 29 A C 41 1_555 ? ? ? ? ? ? WATSON-CRICK         ? ? ? 
hydrog28 hydrog ? ? A U 16 N3 ? ? ? 1_555 A A 26 N1 ? ? A U 30 A A 40 1_555 ? ? ? ? ? ? WATSON-CRICK         ? ? ? 
hydrog29 hydrog ? ? A U 16 O4 ? ? ? 1_555 A A 26 N6 ? ? A U 30 A A 40 1_555 ? ? ? ? ? ? WATSON-CRICK         ? ? ? 
hydrog30 hydrog ? ? A G 17 N1 ? ? ? 1_555 A C 25 N3 ? ? A G 31 A C 39 1_555 ? ? ? ? ? ? WATSON-CRICK         ? ? ? 
hydrog31 hydrog ? ? A G 17 N2 ? ? ? 1_555 A C 25 O2 ? ? A G 31 A C 39 1_555 ? ? ? ? ? ? WATSON-CRICK         ? ? ? 
hydrog32 hydrog ? ? A G 17 O6 ? ? ? 1_555 A C 25 N4 ? ? A G 31 A C 39 1_555 ? ? ? ? ? ? WATSON-CRICK         ? ? ? 
hydrog33 hydrog ? ? A A 19 N1 ? ? ? 1_555 A A 52 N6 ? ? A A 33 A A 66 1_555 ? ? ? ? ? ? TYPE_5_PAIR          ? ? ? 
hydrog34 hydrog ? ? A A 19 N6 ? ? ? 1_555 A A 52 N7 ? ? A A 33 A A 66 1_555 ? ? ? ? ? ? TYPE_5_PAIR          ? ? ? 
hydrog35 hydrog ? ? A U 20 O2 ? ? ? 1_555 A G 23 N2 ? ? A U 34 A G 37 1_555 ? ? ? ? ? ? 'U-G MISPAIR'        ? ? ? 
hydrog36 hydrog ? ? A U 20 N3 ? ? ? 1_555 A A 51 N7 ? ? A U 34 A A 65 1_555 ? ? ? ? ? ? 'REVERSED HOOGSTEEN' ? ? ? 
hydrog37 hydrog ? ? A U 20 O2 ? ? ? 1_555 A A 51 N6 ? ? A U 34 A A 65 1_555 ? ? ? ? ? ? 'REVERSED HOOGSTEEN' ? ? ? 
hydrog38 hydrog ? ? A A 21 N6 ? ? ? 1_555 A A 50 N1 ? ? A A 35 A A 64 1_555 ? ? ? ? ? ? TYPE_5_PAIR          ? ? ? 
hydrog39 hydrog ? ? A A 21 N7 ? ? ? 1_555 A A 50 N6 ? ? A A 35 A A 64 1_555 ? ? ? ? ? ? TYPE_5_PAIR          ? ? ? 
hydrog40 hydrog ? ? A G 23 N1 ? ? ? 1_555 A C 47 N3 ? ? A G 37 A C 61 1_555 ? ? ? ? ? ? WATSON-CRICK         ? ? ? 
hydrog41 hydrog ? ? A G 23 N2 ? ? ? 1_555 A C 47 O2 ? ? A G 37 A C 61 1_555 ? ? ? ? ? ? WATSON-CRICK         ? ? ? 
hydrog42 hydrog ? ? A G 23 O6 ? ? ? 1_555 A C 47 N4 ? ? A G 37 A C 61 1_555 ? ? ? ? ? ? WATSON-CRICK         ? ? ? 
hydrog43 hydrog ? ? A G 24 N1 ? ? ? 1_555 A C 46 N3 ? ? A G 38 A C 60 1_555 ? ? ? ? ? ? WATSON-CRICK         ? ? ? 
hydrog44 hydrog ? ? A G 24 N2 ? ? ? 1_555 A C 46 O2 ? ? A G 38 A C 60 1_555 ? ? ? ? ? ? WATSON-CRICK         ? ? ? 
hydrog45 hydrog ? ? A G 24 O6 ? ? ? 1_555 A C 46 N4 ? ? A G 38 A C 60 1_555 ? ? ? ? ? ? WATSON-CRICK         ? ? ? 
hydrog46 hydrog ? ? A G 24 N2 ? ? ? 1_555 A A 52 N1 ? ? A G 38 A A 66 1_555 ? ? ? ? ? ? TYPE_10_PAIR         ? ? ? 
hydrog47 hydrog ? ? A G 24 N3 ? ? ? 1_555 A A 52 N6 ? ? A G 38 A A 66 1_555 ? ? ? ? ? ? TYPE_10_PAIR         ? ? ? 
hydrog48 hydrog ? ? A G 32 N1 ? ? ? 1_555 A C 39 N3 ? ? A G 46 A C 53 1_555 ? ? ? ? ? ? WATSON-CRICK         ? ? ? 
hydrog49 hydrog ? ? A G 32 N2 ? ? ? 1_555 A C 39 O2 ? ? A G 46 A C 53 1_555 ? ? ? ? ? ? WATSON-CRICK         ? ? ? 
hydrog50 hydrog ? ? A G 32 O6 ? ? ? 1_555 A C 39 N4 ? ? A G 46 A C 53 1_555 ? ? ? ? ? ? WATSON-CRICK         ? ? ? 
hydrog51 hydrog ? ? A U 33 N3 ? ? ? 1_555 A U 37 O4 ? ? A U 47 A U 51 1_555 ? ? ? ? ? ? 'U-U MISPAIR'        ? ? ? 
hydrog52 hydrog ? ? A U 35 N3 ? ? ? 1_555 A A 62 N3 ? ? A U 49 A A 76 1_555 ? ? ? ? ? ? 'U-A PAIR'           ? ? ? 
hydrog53 hydrog ? ? A C 36 N4 ? ? ? 1_555 A U 61 O2 ? ? A C 50 A U 75 1_555 ? ? ? ? ? ? 'C-U MISPAIR'        ? ? ? 
hydrog54 hydrog ? ? A C 40 N3 ? ? ? 1_555 A G 58 N1 ? ? A C 54 A G 72 1_555 ? ? ? ? ? ? WATSON-CRICK         ? ? ? 
hydrog55 hydrog ? ? A C 40 N4 ? ? ? 1_555 A G 58 O6 ? ? A C 54 A G 72 1_555 ? ? ? ? ? ? WATSON-CRICK         ? ? ? 
hydrog56 hydrog ? ? A C 40 O2 ? ? ? 1_555 A G 58 N2 ? ? A C 54 A G 72 1_555 ? ? ? ? ? ? WATSON-CRICK         ? ? ? 
hydrog57 hydrog ? ? A G 41 N1 ? ? ? 1_555 A C 57 N3 ? ? A G 55 A C 71 1_555 ? ? ? ? ? ? WATSON-CRICK         ? ? ? 
hydrog58 hydrog ? ? A G 41 N2 ? ? ? 1_555 A C 57 O2 ? ? A G 55 A C 71 1_555 ? ? ? ? ? ? WATSON-CRICK         ? ? ? 
hydrog59 hydrog ? ? A G 41 O6 ? ? ? 1_555 A C 57 N4 ? ? A G 55 A C 71 1_555 ? ? ? ? ? ? WATSON-CRICK         ? ? ? 
hydrog60 hydrog ? ? A G 42 N1 ? ? ? 1_555 A C 56 N3 ? ? A G 56 A C 70 1_555 ? ? ? ? ? ? WATSON-CRICK         ? ? ? 
hydrog61 hydrog ? ? A G 42 N2 ? ? ? 1_555 A C 56 O2 ? ? A G 56 A C 70 1_555 ? ? ? ? ? ? WATSON-CRICK         ? ? ? 
hydrog62 hydrog ? ? A G 42 O6 ? ? ? 1_555 A C 56 N4 ? ? A G 56 A C 70 1_555 ? ? ? ? ? ? WATSON-CRICK         ? ? ? 
hydrog63 hydrog ? ? A G 43 N1 ? ? ? 1_555 A U 55 O2 ? ? A G 57 A U 69 1_555 ? ? ? ? ? ? TYPE_28_PAIR         ? ? ? 
hydrog64 hydrog ? ? A G 43 O6 ? ? ? 1_555 A U 55 N3 ? ? A G 57 A U 69 1_555 ? ? ? ? ? ? TYPE_28_PAIR         ? ? ? 
hydrog65 hydrog ? ? A C 44 N3 ? ? ? 1_555 A G 54 N1 ? ? A C 58 A G 68 1_555 ? ? ? ? ? ? WATSON-CRICK         ? ? ? 
hydrog66 hydrog ? ? A C 44 N4 ? ? ? 1_555 A G 54 O6 ? ? A C 58 A G 68 1_555 ? ? ? ? ? ? WATSON-CRICK         ? ? ? 
hydrog67 hydrog ? ? A C 44 O2 ? ? ? 1_555 A G 54 N2 ? ? A C 58 A G 68 1_555 ? ? ? ? ? ? WATSON-CRICK         ? ? ? 
hydrog68 hydrog ? ? A A 45 N1 ? ? ? 1_555 A U 53 N3 ? ? A A 59 A U 67 1_555 ? ? ? ? ? ? WATSON-CRICK         ? ? ? 
hydrog69 hydrog ? ? A A 45 N6 ? ? ? 1_555 A U 53 O4 ? ? A A 59 A U 67 1_555 ? ? ? ? ? ? WATSON-CRICK         ? ? ? 
hydrog70 hydrog ? ? A C 47 O2 ? ? ? 1_555 A A 51 N6 ? ? A C 61 A A 65 1_555 ? ? ? ? ? ? 'C-A MISPAIR'        ? ? ? 
hydrog71 hydrog ? ? A G 48 N2 ? ? ? 1_555 A U 49 O4 ? ? A G 62 A U 63 1_555 ? ? ? ? ? ? 'G-U MISPAIR'        ? ? ? 
# 
_struct_conn_type.id          hydrog 
_struct_conn_type.criteria    ? 
_struct_conn_type.reference   ? 
# 
loop_
_struct_site.id 
_struct_site.pdbx_evidence_code 
_struct_site.pdbx_auth_asym_id 
_struct_site.pdbx_auth_comp_id 
_struct_site.pdbx_auth_seq_id 
_struct_site.pdbx_auth_ins_code 
_struct_site.pdbx_num_residues 
_struct_site.details 
AC1 Software A 6GU 91  ? 9  'BINDING SITE FOR RESIDUE 6GU A 91'  
AC2 Software A ACT 96  ? 7  'BINDING SITE FOR RESIDUE ACT A 96'  
AC3 Software A NCO 101 ? 10 'BINDING SITE FOR RESIDUE NCO A 101' 
AC4 Software A NCO 102 ? 8  'BINDING SITE FOR RESIDUE NCO A 102' 
AC5 Software A NCO 103 ? 9  'BINDING SITE FOR RESIDUE NCO A 103' 
AC6 Software A NCO 104 ? 10 'BINDING SITE FOR RESIDUE NCO A 104' 
AC7 Software A NCO 105 ? 7  'BINDING SITE FOR RESIDUE NCO A 105' 
AC8 Software A NCO 106 ? 8  'BINDING SITE FOR RESIDUE NCO A 106' 
AC9 Software A NCO 107 ? 4  'BINDING SITE FOR RESIDUE NCO A 107' 
BC1 Software A NCO 108 ? 6  'BINDING SITE FOR RESIDUE NCO A 108' 
BC2 Software A NCO 109 ? 3  'BINDING SITE FOR RESIDUE NCO A 109' 
BC3 Software A NCO 110 ? 2  'BINDING SITE FOR RESIDUE NCO A 110' 
BC4 Software A NCO 111 ? 3  'BINDING SITE FOR RESIDUE NCO A 111' 
BC5 Software A NCO 112 ? 6  'BINDING SITE FOR RESIDUE NCO A 112' 
# 
loop_
_struct_site_gen.id 
_struct_site_gen.site_id 
_struct_site_gen.pdbx_num_res 
_struct_site_gen.label_comp_id 
_struct_site_gen.label_asym_id 
_struct_site_gen.label_seq_id 
_struct_site_gen.pdbx_auth_ins_code 
_struct_site_gen.auth_comp_id 
_struct_site_gen.auth_asym_id 
_struct_site_gen.auth_seq_id 
_struct_site_gen.label_atom_id 
_struct_site_gen.label_alt_id 
_struct_site_gen.symmetry 
_struct_site_gen.details 
1  AC1 9  A   A 7  ? A   A 21  . ? 1_555 ? 
2  AC1 9  U   A 8  ? U   A 22  . ? 1_555 ? 
3  AC1 9  U   A 33 ? U   A 47  . ? 1_555 ? 
4  AC1 9  U   A 37 ? U   A 51  . ? 1_555 ? 
5  AC1 9  A   A 38 ? A   A 52  . ? 1_555 ? 
6  AC1 9  A   A 59 ? A   A 73  . ? 1_555 ? 
7  AC1 9  U   A 60 ? U   A 74  . ? 1_555 ? 
8  AC1 9  U   A 61 ? U   A 75  . ? 1_555 ? 
9  AC1 9  HOH P .  ? HOH A 393 . ? 1_555 ? 
10 AC2 7  G   A 18 ? G   A 32  . ? 1_555 ? 
11 AC2 7  A   A 19 ? A   A 33  . ? 1_555 ? 
12 AC2 7  G   A 24 ? G   A 38  . ? 1_555 ? 
13 AC2 7  C   A 25 ? C   A 39  . ? 1_555 ? 
14 AC2 7  A   A 52 ? A   A 66  . ? 1_555 ? 
15 AC2 7  U   A 53 ? U   A 67  . ? 1_555 ? 
16 AC2 7  HOH P .  ? HOH A 343 . ? 1_555 ? 
17 AC3 10 G   A 15 ? G   A 29  . ? 4_455 ? 
18 AC3 10 U   A 16 ? U   A 30  . ? 4_455 ? 
19 AC3 10 A   A 52 ? A   A 66  . ? 1_555 ? 
20 AC3 10 U   A 53 ? U   A 67  . ? 1_555 ? 
21 AC3 10 HOH P .  ? HOH A 339 . ? 1_555 ? 
22 AC3 10 HOH P .  ? HOH A 342 . ? 1_555 ? 
23 AC3 10 HOH P .  ? HOH A 348 . ? 4_455 ? 
24 AC3 10 HOH P .  ? HOH A 366 . ? 4_445 ? 
25 AC3 10 HOH P .  ? HOH A 405 . ? 1_555 ? 
26 AC3 10 HOH P .  ? HOH A 439 . ? 1_555 ? 
27 AC4 8  G   A 24 ? G   A 38  . ? 1_555 ? 
28 AC4 8  C   A 25 ? C   A 39  . ? 1_555 ? 
29 AC4 8  G   A 42 ? G   A 56  . ? 1_555 ? 
30 AC4 8  G   A 43 ? G   A 57  . ? 4_446 ? 
31 AC4 8  C   A 44 ? C   A 58  . ? 4_446 ? 
32 AC4 8  HOH P .  ? HOH A 450 . ? 1_555 ? 
33 AC4 8  HOH P .  ? HOH A 456 . ? 1_555 ? 
34 AC4 8  HOH P .  ? HOH A 462 . ? 1_555 ? 
35 AC5 9  C   A 25 ? C   A 39  . ? 1_555 ? 
36 AC5 9  G   A 41 ? G   A 55  . ? 1_555 ? 
37 AC5 9  G   A 42 ? G   A 56  . ? 1_555 ? 
38 AC5 9  G   A 43 ? G   A 57  . ? 1_555 ? 
39 AC5 9  G   A 54 ? G   A 68  . ? 1_555 ? 
40 AC5 9  U   A 55 ? U   A 69  . ? 1_555 ? 
41 AC5 9  HOH P .  ? HOH A 316 . ? 1_555 ? 
42 AC5 9  HOH P .  ? HOH A 466 . ? 1_555 ? 
43 AC5 9  HOH P .  ? HOH A 493 . ? 1_555 ? 
44 AC6 10 U   A 16 ? U   A 30  . ? 1_555 ? 
45 AC6 10 G   A 17 ? G   A 31  . ? 1_555 ? 
46 AC6 10 G   A 18 ? G   A 32  . ? 1_555 ? 
47 AC6 10 A   A 51 ? A   A 65  . ? 1_555 ? 
48 AC6 10 A   A 52 ? A   A 66  . ? 1_555 ? 
49 AC6 10 NCO I .  ? NCO A 106 . ? 4_445 ? 
50 AC6 10 HOH P .  ? HOH A 307 . ? 1_555 ? 
51 AC6 10 HOH P .  ? HOH A 308 . ? 1_555 ? 
52 AC6 10 HOH P .  ? HOH A 343 . ? 1_555 ? 
53 AC6 10 HOH P .  ? HOH A 352 . ? 1_555 ? 
54 AC7 7  G   A 23 ? G   A 37  . ? 1_555 ? 
55 AC7 7  G   A 24 ? G   A 38  . ? 1_555 ? 
56 AC7 7  HOH P .  ? HOH A 338 . ? 1_555 ? 
57 AC7 7  HOH P .  ? HOH A 349 . ? 1_555 ? 
58 AC7 7  HOH P .  ? HOH A 383 . ? 1_555 ? 
59 AC7 7  HOH P .  ? HOH A 419 . ? 1_555 ? 
60 AC7 7  HOH P .  ? HOH A 467 . ? 1_555 ? 
61 AC8 8  C   A 12 ? C   A 26  . ? 1_555 ? 
62 AC8 8  G   A 15 ? G   A 29  . ? 4_455 ? 
63 AC8 8  U   A 16 ? U   A 30  . ? 4_455 ? 
64 AC8 8  A   A 52 ? A   A 66  . ? 4_455 ? 
65 AC8 8  NCO G .  ? NCO A 104 . ? 4_455 ? 
66 AC8 8  HOH P .  ? HOH A 318 . ? 1_555 ? 
67 AC8 8  HOH P .  ? HOH A 365 . ? 1_555 ? 
68 AC8 8  HOH P .  ? HOH A 372 . ? 1_555 ? 
69 AC9 4  C   A 27 ? C   A 41  . ? 1_555 ? 
70 AC9 4  G   A 28 ? G   A 42  . ? 1_555 ? 
71 AC9 4  C   A 39 ? C   A 53  . ? 1_555 ? 
72 AC9 4  C   A 40 ? C   A 54  . ? 1_555 ? 
73 BC1 6  G   A 32 ? G   A 46  . ? 1_555 ? 
74 BC1 6  U   A 33 ? U   A 47  . ? 1_555 ? 
75 BC1 6  C   A 36 ? C   A 50  . ? 1_555 ? 
76 BC1 6  U   A 37 ? U   A 51  . ? 1_555 ? 
77 BC1 6  HOH P .  ? HOH A 435 . ? 1_555 ? 
78 BC1 6  HOH P .  ? HOH A 470 . ? 1_555 ? 
79 BC2 3  A   A 10 ? A   A 24  . ? 1_555 ? 
80 BC2 3  C   A 57 ? C   A 71  . ? 1_555 ? 
81 BC2 3  HOH P .  ? HOH A 441 . ? 1_555 ? 
82 BC3 2  A   A 7  ? A   A 21  . ? 1_555 ? 
83 BC3 2  U   A 8  ? U   A 22  . ? 1_555 ? 
84 BC4 3  G   A 18 ? G   A 32  . ? 1_555 ? 
85 BC4 3  A   A 19 ? A   A 33  . ? 1_555 ? 
86 BC4 3  HOH P .  ? HOH A 351 . ? 1_555 ? 
87 BC5 6  U   A 22 ? U   A 36  . ? 4_456 ? 
88 BC5 6  G   A 28 ? G   A 42  . ? 1_565 ? 
89 BC5 6  C   A 29 ? C   A 43  . ? 1_565 ? 
90 BC5 6  G   A 58 ? G   A 72  . ? 1_555 ? 
91 BC5 6  A   A 59 ? A   A 73  . ? 1_555 ? 
92 BC5 6  HOH P .  ? HOH A 438 . ? 1_555 ? 
# 
_atom_sites.entry_id                    3FO4 
_atom_sites.fract_transf_matrix[1][1]   -0.00375587 
_atom_sites.fract_transf_matrix[1][2]   -0.00302908 
_atom_sites.fract_transf_matrix[1][3]   -0.00579545 
_atom_sites.fract_transf_matrix[2][1]   0.02227682 
_atom_sites.fract_transf_matrix[2][2]   -0.01672556 
_atom_sites.fract_transf_matrix[2][3]   -0.00569512 
_atom_sites.fract_transf_matrix[3][1]   -0.00897160 
_atom_sites.fract_transf_matrix[3][2]   -0.01685920 
_atom_sites.fract_transf_matrix[3][3]   0.01441952 
_atom_sites.fract_transf_vector[1]      -0.188127 
_atom_sites.fract_transf_vector[2]      -0.424131 
_atom_sites.fract_transf_vector[3]      0.218697 
# 
loop_
_atom_type.symbol 
C  
CL 
CO 
N  
O  
P  
# 
loop_
_atom_site.group_PDB 
_atom_site.id 
_atom_site.type_symbol 
_atom_site.label_atom_id 
_atom_site.label_alt_id 
_atom_site.label_comp_id 
_atom_site.label_asym_id 
_atom_site.label_entity_id 
_atom_site.label_seq_id 
_atom_site.pdbx_PDB_ins_code 
_atom_site.Cartn_x 
_atom_site.Cartn_y 
_atom_site.Cartn_z 
_atom_site.occupancy 
_atom_site.B_iso_or_equiv 
_atom_site.pdbx_formal_charge 
_atom_site.auth_seq_id 
_atom_site.auth_comp_id 
_atom_site.auth_asym_id 
_atom_site.auth_atom_id 
_atom_site.pdbx_PDB_model_num 
ATOM   1    O  "O5'" . A   A 1 3  ? 3.032   -21.754 -12.169 1.00 64.46  ? 17  A   A "O5'" 1 
ATOM   2    C  "C5'" . A   A 1 3  ? 4.200   -22.542 -12.410 1.00 64.61  ? 17  A   A "C5'" 1 
ATOM   3    C  "C4'" . A   A 1 3  ? 4.714   -22.433 -13.830 1.00 64.90  ? 17  A   A "C4'" 1 
ATOM   4    O  "O4'" . A   A 1 3  ? 3.701   -22.916 -14.753 1.00 64.92  ? 17  A   A "O4'" 1 
ATOM   5    C  "C3'" . A   A 1 3  ? 5.023   -21.024 -14.308 1.00 64.70  ? 17  A   A "C3'" 1 
ATOM   6    O  "O3'" . A   A 1 3  ? 6.344   -20.648 -13.936 1.00 64.15  ? 17  A   A "O3'" 1 
ATOM   7    C  "C2'" . A   A 1 3  ? 4.896   -21.162 -15.822 1.00 64.93  ? 17  A   A "C2'" 1 
ATOM   8    O  "O2'" . A   A 1 3  ? 6.058   -21.684 -16.434 1.00 64.87  ? 17  A   A "O2'" 1 
ATOM   9    C  "C1'" . A   A 1 3  ? 3.732   -22.148 -15.944 1.00 65.11  ? 17  A   A "C1'" 1 
ATOM   10   N  N9    . A   A 1 3  ? 2.436   -21.487 -16.096 1.00 65.22  ? 17  A   A N9    1 
ATOM   11   C  C8    . A   A 1 3  ? 1.632   -20.980 -15.105 1.00 65.67  ? 17  A   A C8    1 
ATOM   12   N  N7    . A   A 1 3  ? 0.527   -20.435 -15.549 1.00 65.63  ? 17  A   A N7    1 
ATOM   13   C  C5    . A   A 1 3  ? 0.606   -20.594 -16.925 1.00 65.34  ? 17  A   A C5    1 
ATOM   14   C  C6    . A   A 1 3  ? -0.258  -20.224 -17.970 1.00 65.16  ? 17  A   A C6    1 
ATOM   15   N  N6    . A   A 1 3  ? -1.420  -19.593 -17.782 1.00 65.05  ? 17  A   A N6    1 
ATOM   16   N  N1    . A   A 1 3  ? 0.116   -20.529 -19.233 1.00 65.14  ? 17  A   A N1    1 
ATOM   17   C  C2    . A   A 1 3  ? 1.281   -21.161 -19.419 1.00 65.38  ? 17  A   A C2    1 
ATOM   18   N  N3    . A   A 1 3  ? 2.177   -21.560 -18.519 1.00 65.35  ? 17  A   A N3    1 
ATOM   19   C  C4    . A   A 1 3  ? 1.775   -21.242 -17.276 1.00 65.38  ? 17  A   A C4    1 
ATOM   20   P  P     . C   A 1 4  ? 6.737   -19.091 -13.866 1.00 63.66  ? 18  C   A P     1 
ATOM   21   O  OP1   . C   A 1 4  ? 8.077   -18.960 -13.238 1.00 63.30  ? 18  C   A OP1   1 
ATOM   22   O  OP2   . C   A 1 4  ? 5.576   -18.367 -13.283 1.00 63.70  ? 18  C   A OP2   1 
ATOM   23   O  "O5'" . C   A 1 4  ? 6.854   -18.660 -15.393 1.00 62.00  ? 18  C   A "O5'" 1 
ATOM   24   C  "C5'" . C   A 1 4  ? 6.335   -17.413 -15.830 1.00 59.67  ? 18  C   A "C5'" 1 
ATOM   25   C  "C4'" . C   A 1 4  ? 6.114   -17.432 -17.321 1.00 57.70  ? 18  C   A "C4'" 1 
ATOM   26   O  "O4'" . C   A 1 4  ? 5.038   -18.354 -17.641 1.00 57.32  ? 18  C   A "O4'" 1 
ATOM   27   C  "C3'" . C   A 1 4  ? 5.670   -16.109 -17.916 1.00 56.62  ? 18  C   A "C3'" 1 
ATOM   28   O  "O3'" . C   A 1 4  ? 6.796   -15.283 -18.176 1.00 54.79  ? 18  C   A "O3'" 1 
ATOM   29   C  "C2'" . C   A 1 4  ? 4.960   -16.555 -19.188 1.00 56.68  ? 18  C   A "C2'" 1 
ATOM   30   O  "O2'" . C   A 1 4  ? 5.850   -16.846 -20.247 1.00 55.98  ? 18  C   A "O2'" 1 
ATOM   31   C  "C1'" . C   A 1 4  ? 4.264   -17.832 -18.710 1.00 56.68  ? 18  C   A "C1'" 1 
ATOM   32   N  N1    . C   A 1 4  ? 2.910   -17.569 -18.198 1.00 56.39  ? 18  C   A N1    1 
ATOM   33   C  C2    . C   A 1 4  ? 1.903   -17.207 -19.097 1.00 56.39  ? 18  C   A C2    1 
ATOM   34   O  O2    . C   A 1 4  ? 2.176   -17.121 -20.304 1.00 57.35  ? 18  C   A O2    1 
ATOM   35   N  N3    . C   A 1 4  ? 0.658   -16.958 -18.629 1.00 55.92  ? 18  C   A N3    1 
ATOM   36   C  C4    . C   A 1 4  ? 0.404   -17.058 -17.323 1.00 56.04  ? 18  C   A C4    1 
ATOM   37   N  N4    . C   A 1 4  ? -0.840  -16.802 -16.910 1.00 55.61  ? 18  C   A N4    1 
ATOM   38   C  C5    . C   A 1 4  ? 1.411   -17.425 -16.385 1.00 56.02  ? 18  C   A C5    1 
ATOM   39   C  C6    . C   A 1 4  ? 2.638   -17.671 -16.861 1.00 56.08  ? 18  C   A C6    1 
ATOM   40   P  P     . A   A 1 5  ? 6.707   -13.710 -17.881 1.00 53.10  ? 19  A   A P     1 
ATOM   41   O  OP1   . A   A 1 5  ? 8.058   -13.118 -18.057 1.00 52.98  ? 19  A   A OP1   1 
ATOM   42   O  OP2   . A   A 1 5  ? 5.992   -13.539 -16.590 1.00 53.11  ? 19  A   A OP2   1 
ATOM   43   O  "O5'" . A   A 1 5  ? 5.776   -13.173 -19.054 1.00 51.20  ? 19  A   A "O5'" 1 
ATOM   44   C  "C5'" . A   A 1 5  ? 6.044   -13.536 -20.405 1.00 48.60  ? 19  A   A "C5'" 1 
ATOM   45   C  "C4'" . A   A 1 5  ? 5.023   -12.916 -21.323 1.00 46.49  ? 19  A   A "C4'" 1 
ATOM   46   O  "O4'" . A   A 1 5  ? 3.843   -13.760 -21.356 1.00 46.26  ? 19  A   A "O4'" 1 
ATOM   47   C  "C3'" . A   A 1 5  ? 4.498   -11.564 -20.875 1.00 45.56  ? 19  A   A "C3'" 1 
ATOM   48   O  "O3'" . A   A 1 5  ? 5.364   -10.516 -21.291 1.00 43.06  ? 19  A   A "O3'" 1 
ATOM   49   C  "C2'" . A   A 1 5  ? 3.149   -11.502 -21.574 1.00 45.50  ? 19  A   A "C2'" 1 
ATOM   50   O  "O2'" . A   A 1 5  ? 3.260   -11.152 -22.938 1.00 47.11  ? 19  A   A "O2'" 1 
ATOM   51   C  "C1'" . A   A 1 5  ? 2.685   -12.952 -21.456 1.00 45.75  ? 19  A   A "C1'" 1 
ATOM   52   N  N9    . A   A 1 5  ? 1.852   -13.191 -20.279 1.00 45.01  ? 19  A   A N9    1 
ATOM   53   C  C8    . A   A 1 5  ? 2.228   -13.667 -19.046 1.00 44.81  ? 19  A   A C8    1 
ATOM   54   N  N7    . A   A 1 5  ? 1.233   -13.780 -18.199 1.00 44.93  ? 19  A   A N7    1 
ATOM   55   C  C5    . A   A 1 5  ? 0.128   -13.347 -18.923 1.00 44.47  ? 19  A   A C5    1 
ATOM   56   C  C6    . A   A 1 5  ? -1.236  -13.223 -18.594 1.00 44.21  ? 19  A   A C6    1 
ATOM   57   N  N6    . A   A 1 5  ? -1.749  -13.537 -17.402 1.00 44.17  ? 19  A   A N6    1 
ATOM   58   N  N1    . A   A 1 5  ? -2.069  -12.759 -19.550 1.00 43.92  ? 19  A   A N1    1 
ATOM   59   C  C2    . A   A 1 5  ? -1.562  -12.443 -20.746 1.00 43.93  ? 19  A   A C2    1 
ATOM   60   N  N3    . A   A 1 5  ? -0.306  -12.512 -21.171 1.00 43.94  ? 19  A   A N3    1 
ATOM   61   C  C4    . A   A 1 5  ? 0.497   -12.979 -20.202 1.00 44.51  ? 19  A   A C4    1 
ATOM   62   P  P     . U   A 1 6  ? 5.384   -9.136  -20.472 1.00 41.01  ? 20  U   A P     1 
ATOM   63   O  OP1   . U   A 1 6  ? 6.426   -8.253  -21.058 1.00 41.85  ? 20  U   A OP1   1 
ATOM   64   O  OP2   . U   A 1 6  ? 5.436   -9.476  -19.028 1.00 41.84  ? 20  U   A OP2   1 
ATOM   65   O  "O5'" . U   A 1 6  ? 3.963   -8.486  -20.782 1.00 40.52  ? 20  U   A "O5'" 1 
ATOM   66   C  "C5'" . U   A 1 6  ? 3.599   -8.156  -22.117 1.00 37.84  ? 20  U   A "C5'" 1 
ATOM   67   C  "C4'" . U   A 1 6  ? 2.177   -7.644  -22.175 1.00 36.45  ? 20  U   A "C4'" 1 
ATOM   68   O  "O4'" . U   A 1 6  ? 1.264   -8.739  -21.891 1.00 35.58  ? 20  U   A "O4'" 1 
ATOM   69   C  "C3'" . U   A 1 6  ? 1.824   -6.608  -21.117 1.00 34.95  ? 20  U   A "C3'" 1 
ATOM   70   O  "O3'" . U   A 1 6  ? 2.212   -5.300  -21.507 1.00 33.41  ? 20  U   A "O3'" 1 
ATOM   71   C  "C2'" . U   A 1 6  ? 0.310   -6.735  -21.041 1.00 35.69  ? 20  U   A "C2'" 1 
ATOM   72   O  "O2'" . U   A 1 6  ? -0.347  -6.044  -22.084 1.00 36.74  ? 20  U   A "O2'" 1 
ATOM   73   C  "C1'" . U   A 1 6  ? 0.122   -8.241  -21.213 1.00 35.88  ? 20  U   A "C1'" 1 
ATOM   74   N  N1    . U   A 1 6  ? -0.033  -8.942  -19.932 1.00 35.82  ? 20  U   A N1    1 
ATOM   75   C  C2    . U   A 1 6  ? -1.294  -8.943  -19.372 1.00 36.09  ? 20  U   A C2    1 
ATOM   76   O  O2    . U   A 1 6  ? -2.252  -8.407  -19.904 1.00 36.86  ? 20  U   A O2    1 
ATOM   77   N  N3    . U   A 1 6  ? -1.395  -9.588  -18.165 1.00 36.44  ? 20  U   A N3    1 
ATOM   78   C  C4    . U   A 1 6  ? -0.383  -10.219 -17.474 1.00 36.09  ? 20  U   A C4    1 
ATOM   79   O  O4    . U   A 1 6  ? -0.634  -10.755 -16.390 1.00 35.72  ? 20  U   A O4    1 
ATOM   80   C  C5    . U   A 1 6  ? 0.896   -10.180 -18.123 1.00 35.84  ? 20  U   A C5    1 
ATOM   81   C  C6    . U   A 1 6  ? 1.022   -9.559  -19.303 1.00 35.91  ? 20  U   A C6    1 
ATOM   82   P  P     . A   A 1 7  ? 2.595   -4.216  -20.383 1.00 32.42  ? 21  A   A P     1 
ATOM   83   O  OP1   . A   A 1 7  ? 2.922   -2.946  -21.074 1.00 31.71  ? 21  A   A OP1   1 
ATOM   84   O  OP2   . A   A 1 7  ? 3.596   -4.838  -19.475 1.00 31.62  ? 21  A   A OP2   1 
ATOM   85   O  "O5'" . A   A 1 7  ? 1.249   -4.014  -19.551 1.00 29.95  ? 21  A   A "O5'" 1 
ATOM   86   C  "C5'" . A   A 1 7  ? 0.099   -3.452  -20.165 1.00 25.78  ? 21  A   A "C5'" 1 
ATOM   87   C  "C4'" . A   A 1 7  ? -1.040  -3.303  -19.173 1.00 24.96  ? 21  A   A "C4'" 1 
ATOM   88   O  "O4'" . A   A 1 7  ? -1.616  -4.612  -18.897 1.00 23.40  ? 21  A   A "O4'" 1 
ATOM   89   C  "C3'" . A   A 1 7  ? -0.615  -2.829  -17.788 1.00 25.73  ? 21  A   A "C3'" 1 
ATOM   90   O  "O3'" . A   A 1 7  ? -0.489  -1.413  -17.740 1.00 24.47  ? 21  A   A "O3'" 1 
ATOM   91   C  "C2'" . A   A 1 7  ? -1.761  -3.307  -16.907 1.00 23.92  ? 21  A   A "C2'" 1 
ATOM   92   O  "O2'" . A   A 1 7  ? -2.875  -2.438  -16.912 1.00 27.10  ? 21  A   A "O2'" 1 
ATOM   93   C  "C1'" . A   A 1 7  ? -2.135  -4.627  -17.577 1.00 24.70  ? 21  A   A "C1'" 1 
ATOM   94   N  N9    . A   A 1 7  ? -1.686  -5.810  -16.844 1.00 25.07  ? 21  A   A N9    1 
ATOM   95   C  C8    . A   A 1 7  ? -0.447  -6.393  -16.762 1.00 25.62  ? 21  A   A C8    1 
ATOM   96   N  N7    . A   A 1 7  ? -0.393  -7.403  -15.922 1.00 25.64  ? 21  A   A N7    1 
ATOM   97   C  C5    . A   A 1 7  ? -1.692  -7.504  -15.435 1.00 25.01  ? 21  A   A C5    1 
ATOM   98   C  C6    . A   A 1 7  ? -2.303  -8.373  -14.501 1.00 24.31  ? 21  A   A C6    1 
ATOM   99   N  N6    . A   A 1 7  ? -1.662  -9.354  -13.852 1.00 21.32  ? 21  A   A N6    1 
ATOM   100  N  N1    . A   A 1 7  ? -3.620  -8.197  -14.250 1.00 25.12  ? 21  A   A N1    1 
ATOM   101  C  C2    . A   A 1 7  ? -4.269  -7.216  -14.890 1.00 25.38  ? 21  A   A C2    1 
ATOM   102  N  N3    . A   A 1 7  ? -3.809  -6.340  -15.779 1.00 25.67  ? 21  A   A N3    1 
ATOM   103  C  C4    . A   A 1 7  ? -2.500  -6.541  -16.010 1.00 25.96  ? 21  A   A C4    1 
ATOM   104  P  P     . U   A 1 8  ? 0.885   -0.761  -17.227 1.00 25.21  ? 22  U   A P     1 
ATOM   105  O  OP1   . U   A 1 8  ? 0.705   0.704   -17.203 1.00 25.23  ? 22  U   A OP1   1 
ATOM   106  O  OP2   . U   A 1 8  ? 1.991   -1.354  -18.025 1.00 22.98  ? 22  U   A OP2   1 
ATOM   107  O  "O5'" . U   A 1 8  ? 0.998   -1.287  -15.728 1.00 26.94  ? 22  U   A "O5'" 1 
ATOM   108  C  "C5'" . U   A 1 8  ? 2.198   -1.129  -14.978 1.00 27.36  ? 22  U   A "C5'" 1 
ATOM   109  C  "C4'" . U   A 1 8  ? 2.189   -2.047  -13.773 1.00 28.69  ? 22  U   A "C4'" 1 
ATOM   110  O  "O4'" . U   A 1 8  ? 1.195   -1.560  -12.826 1.00 28.21  ? 22  U   A "O4'" 1 
ATOM   111  C  "C3'" . U   A 1 8  ? 1.771   -3.482  -14.088 1.00 27.62  ? 22  U   A "C3'" 1 
ATOM   112  O  "O3'" . U   A 1 8  ? 2.310   -4.416  -13.151 1.00 27.10  ? 22  U   A "O3'" 1 
ATOM   113  C  "C2'" . U   A 1 8  ? 0.254   -3.427  -13.950 1.00 27.86  ? 22  U   A "C2'" 1 
ATOM   114  O  "O2'" . U   A 1 8  ? -0.315  -4.675  -13.599 1.00 27.60  ? 22  U   A "O2'" 1 
ATOM   115  C  "C1'" . U   A 1 8  ? 0.092   -2.441  -12.795 1.00 27.97  ? 22  U   A "C1'" 1 
ATOM   116  N  N1    . U   A 1 8  ? -1.153  -1.662  -12.837 1.00 27.67  ? 22  U   A N1    1 
ATOM   117  C  C2    . U   A 1 8  ? -2.073  -1.883  -11.830 1.00 27.99  ? 22  U   A C2    1 
ATOM   118  O  O2    . U   A 1 8  ? -1.867  -2.652  -10.903 1.00 27.71  ? 22  U   A O2    1 
ATOM   119  N  N3    . U   A 1 8  ? -3.240  -1.171  -11.945 1.00 25.96  ? 22  U   A N3    1 
ATOM   120  C  C4    . U   A 1 8  ? -3.570  -0.276  -12.939 1.00 27.86  ? 22  U   A C4    1 
ATOM   121  O  O4    . U   A 1 8  ? -4.699  0.219   -12.957 1.00 28.43  ? 22  U   A O4    1 
ATOM   122  C  C5    . U   A 1 8  ? -2.552  -0.080  -13.928 1.00 28.15  ? 22  U   A C5    1 
ATOM   123  C  C6    . U   A 1 8  ? -1.406  -0.763  -13.843 1.00 27.13  ? 22  U   A C6    1 
ATOM   124  P  P     . A   A 1 9  ? 3.811   -4.958  -13.329 1.00 29.10  ? 23  A   A P     1 
ATOM   125  O  OP1   . A   A 1 9  ? 4.278   -4.620  -14.704 1.00 28.04  ? 23  A   A OP1   1 
ATOM   126  O  OP2   . A   A 1 9  ? 3.869   -6.367  -12.863 1.00 26.96  ? 23  A   A OP2   1 
ATOM   127  O  "O5'" . A   A 1 9  ? 4.654   -4.075  -12.311 1.00 29.57  ? 23  A   A "O5'" 1 
ATOM   128  C  "C5'" . A   A 1 9  ? 4.228   -3.909  -10.962 1.00 29.64  ? 23  A   A "C5'" 1 
ATOM   129  C  "C4'" . A   A 1 9  ? 4.821   -2.650  -10.384 1.00 28.20  ? 23  A   A "C4'" 1 
ATOM   130  O  "O4'" . A   A 1 9  ? 4.587   -1.552  -11.298 1.00 27.99  ? 23  A   A "O4'" 1 
ATOM   131  C  "C3'" . A   A 1 9  ? 4.194   -2.177  -9.082  1.00 27.23  ? 23  A   A "C3'" 1 
ATOM   132  O  "O3'" . A   A 1 9  ? 4.826   -2.821  -7.981  1.00 26.64  ? 23  A   A "O3'" 1 
ATOM   133  C  "C2'" . A   A 1 9  ? 4.527   -0.687  -9.075  1.00 27.78  ? 23  A   A "C2'" 1 
ATOM   134  O  "O2'" . A   A 1 9  ? 5.791   -0.427  -8.498  1.00 30.60  ? 23  A   A "O2'" 1 
ATOM   135  C  "C1'" . A   A 1 9  ? 4.541   -0.344  -10.569 1.00 26.80  ? 23  A   A "C1'" 1 
ATOM   136  N  N9    . A   A 1 9  ? 3.378   0.420   -11.017 1.00 25.59  ? 23  A   A N9    1 
ATOM   137  C  C8    . A   A 1 9  ? 3.360   1.435   -11.945 1.00 26.56  ? 23  A   A C8    1 
ATOM   138  N  N7    . A   A 1 9  ? 2.177   1.966   -12.123 1.00 26.61  ? 23  A   A N7    1 
ATOM   139  C  C5    . A   A 1 9  ? 1.357   1.251   -11.260 1.00 25.83  ? 23  A   A C5    1 
ATOM   140  C  C6    . A   A 1 9  ? -0.012  1.342   -10.968 1.00 24.19  ? 23  A   A C6    1 
ATOM   141  N  N6    . A   A 1 9  ? -0.831  2.232   -11.531 1.00 25.64  ? 23  A   A N6    1 
ATOM   142  N  N1    . A   A 1 9  ? -0.520  0.482   -10.059 1.00 24.48  ? 23  A   A N1    1 
ATOM   143  C  C2    . A   A 1 9  ? 0.305   -0.406  -9.488  1.00 22.67  ? 23  A   A C2    1 
ATOM   144  N  N3    . A   A 1 9  ? 1.609   -0.585  -9.676  1.00 26.03  ? 23  A   A N3    1 
ATOM   145  C  C4    . A   A 1 9  ? 2.082   0.287   -10.582 1.00 25.46  ? 23  A   A C4    1 
ATOM   146  P  P     . A   A 1 10 ? 4.034   -3.944  -7.147  1.00 24.31  ? 24  A   A P     1 
ATOM   147  O  OP1   . A   A 1 10 ? 5.011   -4.644  -6.268  1.00 25.61  ? 24  A   A OP1   1 
ATOM   148  O  OP2   . A   A 1 10 ? 3.221   -4.733  -8.107  1.00 26.00  ? 24  A   A OP2   1 
ATOM   149  O  "O5'" . A   A 1 10 ? 3.053   -3.103  -6.221  1.00 25.48  ? 24  A   A "O5'" 1 
ATOM   150  C  "C5'" . A   A 1 10 ? 1.951   -2.396  -6.772  1.00 21.64  ? 24  A   A "C5'" 1 
ATOM   151  C  "C4'" . A   A 1 10 ? 0.686   -2.768  -6.041  1.00 22.83  ? 24  A   A "C4'" 1 
ATOM   152  O  "O4'" . A   A 1 10 ? 0.389   -4.156  -6.317  1.00 22.89  ? 24  A   A "O4'" 1 
ATOM   153  C  "C3'" . A   A 1 10 ? 0.764   -2.720  -4.524  1.00 22.47  ? 24  A   A "C3'" 1 
ATOM   154  O  "O3'" . A   A 1 10 ? 0.549   -1.383  -4.054  1.00 21.78  ? 24  A   A "O3'" 1 
ATOM   155  C  "C2'" . A   A 1 10 ? -0.384  -3.652  -4.127  1.00 22.82  ? 24  A   A "C2'" 1 
ATOM   156  O  "O2'" . A   A 1 10 ? -1.646  -3.017  -4.150  1.00 24.48  ? 24  A   A "O2'" 1 
ATOM   157  C  "C1'" . A   A 1 10 ? -0.345  -4.701  -5.241  1.00 23.46  ? 24  A   A "C1'" 1 
ATOM   158  N  N9    . A   A 1 10 ? 0.279   -5.966  -4.859  1.00 22.89  ? 24  A   A N9    1 
ATOM   159  C  C8    . A   A 1 10 ? 1.484   -6.474  -5.282  1.00 23.96  ? 24  A   A C8    1 
ATOM   160  N  N7    . A   A 1 10 ? 1.777   -7.643  -4.764  1.00 21.97  ? 24  A   A N7    1 
ATOM   161  C  C5    . A   A 1 10 ? 0.694   -7.920  -3.939  1.00 22.50  ? 24  A   A C5    1 
ATOM   162  C  C6    . A   A 1 10 ? 0.400   -9.009  -3.100  1.00 23.10  ? 24  A   A C6    1 
ATOM   163  N  N6    . A   A 1 10 ? 1.199   -10.065 -2.952  1.00 20.99  ? 24  A   A N6    1 
ATOM   164  N  N1    . A   A 1 10 ? -0.764  -8.976  -2.413  1.00 22.18  ? 24  A   A N1    1 
ATOM   165  C  C2    . A   A 1 10 ? -1.570  -7.918  -2.571  1.00 21.40  ? 24  A   A C2    1 
ATOM   166  N  N3    . A   A 1 10 ? -1.404  -6.837  -3.329  1.00 19.95  ? 24  A   A N3    1 
ATOM   167  C  C4    . A   A 1 10 ? -0.237  -6.898  -3.993  1.00 22.37  ? 24  A   A C4    1 
ATOM   168  P  P     . U   A 1 11 ? 1.656   -0.657  -3.128  1.00 17.68  ? 25  U   A P     1 
ATOM   169  O  OP1   . U   A 1 11 ? 2.756   -1.619  -2.852  1.00 19.94  ? 25  U   A OP1   1 
ATOM   170  O  OP2   . U   A 1 11 ? 0.934   -0.046  -1.985  1.00 22.30  ? 25  U   A OP2   1 
ATOM   171  O  "O5'" . U   A 1 11 ? 2.149   0.569   -4.023  1.00 21.97  ? 25  U   A "O5'" 1 
ATOM   172  C  "C5'" . U   A 1 11 ? 3.297   0.471   -4.861  1.00 23.14  ? 25  U   A "C5'" 1 
ATOM   173  C  "C4'" . U   A 1 11 ? 3.173   1.425   -6.035  1.00 24.99  ? 25  U   A "C4'" 1 
ATOM   174  O  "O4'" . U   A 1 11 ? 2.086   0.980   -6.897  1.00 25.25  ? 25  U   A "O4'" 1 
ATOM   175  C  "C3'" . U   A 1 11 ? 2.805   2.870   -5.715  1.00 25.81  ? 25  U   A "C3'" 1 
ATOM   176  O  "O3'" . U   A 1 11 ? 3.941   3.654   -5.357  1.00 26.77  ? 25  U   A "O3'" 1 
ATOM   177  C  "C2'" . U   A 1 11 ? 2.247   3.336   -7.051  1.00 26.70  ? 25  U   A "C2'" 1 
ATOM   178  O  "O2'" . U   A 1 11 ? 3.270   3.576   -7.991  1.00 28.16  ? 25  U   A "O2'" 1 
ATOM   179  C  "C1'" . U   A 1 11 ? 1.447   2.105   -7.480  1.00 24.88  ? 25  U   A "C1'" 1 
ATOM   180  N  N1    . U   A 1 11 ? 0.047   2.146   -7.031  1.00 24.76  ? 25  U   A N1    1 
ATOM   181  C  C2    . U   A 1 11 ? -0.796  3.041   -7.667  1.00 22.18  ? 25  U   A C2    1 
ATOM   182  O  O2    . U   A 1 11 ? -0.425  3.782   -8.560  1.00 24.93  ? 25  U   A O2    1 
ATOM   183  N  N3    . U   A 1 11 ? -2.089  3.043   -7.215  1.00 25.71  ? 25  U   A N3    1 
ATOM   184  C  C4    . U   A 1 11 ? -2.622  2.267   -6.208  1.00 23.07  ? 25  U   A C4    1 
ATOM   185  O  O4    . U   A 1 11 ? -3.801  2.424   -5.889  1.00 24.98  ? 25  U   A O4    1 
ATOM   186  C  C5    . U   A 1 11 ? -1.692  1.363   -5.596  1.00 24.92  ? 25  U   A C5    1 
ATOM   187  C  C6    . U   A 1 11 ? -0.417  1.333   -6.021  1.00 21.93  ? 25  U   A C6    1 
ATOM   188  P  P     . C   A 1 12 ? 3.751   4.964   -4.437  1.00 27.85  ? 26  C   A P     1 
ATOM   189  O  OP1   . C   A 1 12 ? 5.098   5.394   -3.988  1.00 28.80  ? 26  C   A OP1   1 
ATOM   190  O  OP2   . C   A 1 12 ? 2.712   4.646   -3.429  1.00 27.47  ? 26  C   A OP2   1 
ATOM   191  O  "O5'" . C   A 1 12 ? 3.147   6.076   -5.416  1.00 25.19  ? 26  C   A "O5'" 1 
ATOM   192  C  "C5'" . C   A 1 12 ? 3.937   6.648   -6.460  1.00 27.19  ? 26  C   A "C5'" 1 
ATOM   193  C  "C4'" . C   A 1 12 ? 3.165   7.734   -7.194  1.00 27.36  ? 26  C   A "C4'" 1 
ATOM   194  O  "O4'" . C   A 1 12 ? 2.081   7.157   -7.980  1.00 26.99  ? 26  C   A "O4'" 1 
ATOM   195  C  "C3'" . C   A 1 12 ? 2.450   8.776   -6.352  1.00 27.48  ? 26  C   A "C3'" 1 
ATOM   196  O  "O3'" . C   A 1 12 ? 3.345   9.754   -5.848  1.00 27.45  ? 26  C   A "O3'" 1 
ATOM   197  C  "C2'" . C   A 1 12 ? 1.491   9.364   -7.376  1.00 28.32  ? 26  C   A "C2'" 1 
ATOM   198  O  "O2'" . C   A 1 12 ? 2.129   10.196  -8.331  1.00 27.37  ? 26  C   A "O2'" 1 
ATOM   199  C  "C1'" . C   A 1 12 ? 1.003   8.087   -8.058  1.00 28.03  ? 26  C   A "C1'" 1 
ATOM   200  N  N1    . C   A 1 12 ? -0.155  7.522   -7.350  1.00 28.99  ? 26  C   A N1    1 
ATOM   201  C  C2    . C   A 1 12 ? -1.405  8.135   -7.512  1.00 28.29  ? 26  C   A C2    1 
ATOM   202  O  O2    . C   A 1 12 ? -1.499  9.127   -8.258  1.00 27.66  ? 26  C   A O2    1 
ATOM   203  N  N3    . C   A 1 12 ? -2.474  7.638   -6.851  1.00 28.46  ? 26  C   A N3    1 
ATOM   204  C  C4    . C   A 1 12 ? -2.331  6.581   -6.050  1.00 27.71  ? 26  C   A C4    1 
ATOM   205  N  N4    . C   A 1 12 ? -3.416  6.138   -5.406  1.00 29.20  ? 26  C   A N4    1 
ATOM   206  C  C5    . C   A 1 12 ? -1.073  5.934   -5.869  1.00 29.13  ? 26  C   A C5    1 
ATOM   207  C  C6    . C   A 1 12 ? -0.022  6.432   -6.537  1.00 27.67  ? 26  C   A C6    1 
ATOM   208  P  P     . G   A 1 13 ? 2.999   10.514  -4.473  1.00 25.70  ? 27  G   A P     1 
ATOM   209  O  OP1   . G   A 1 13 ? 4.123   11.441  -4.223  1.00 23.53  ? 27  G   A OP1   1 
ATOM   210  O  OP2   . G   A 1 13 ? 2.613   9.530   -3.436  1.00 26.08  ? 27  G   A OP2   1 
ATOM   211  O  "O5'" . G   A 1 13 ? 1.695   11.356  -4.822  1.00 24.92  ? 27  G   A "O5'" 1 
ATOM   212  C  "C5'" . G   A 1 13 ? 1.712   12.329  -5.857  1.00 23.12  ? 27  G   A "C5'" 1 
ATOM   213  C  "C4'" . G   A 1 13 ? 0.401   13.070  -5.879  1.00 20.37  ? 27  G   A "C4'" 1 
ATOM   214  O  "O4'" . G   A 1 13 ? -0.638  12.180  -6.368  1.00 20.02  ? 27  G   A "O4'" 1 
ATOM   215  C  "C3'" . G   A 1 13 ? -0.113  13.474  -4.509  1.00 19.39  ? 27  G   A "C3'" 1 
ATOM   216  O  "O3'" . G   A 1 13 ? 0.522   14.657  -4.048  1.00 16.61  ? 27  G   A "O3'" 1 
ATOM   217  C  "C2'" . G   A 1 13 ? -1.594  13.678  -4.792  1.00 20.18  ? 27  G   A "C2'" 1 
ATOM   218  O  "O2'" . G   A 1 13 ? -1.881  14.909  -5.430  1.00 22.98  ? 27  G   A "O2'" 1 
ATOM   219  C  "C1'" . G   A 1 13 ? -1.871  12.513  -5.744  1.00 20.56  ? 27  G   A "C1'" 1 
ATOM   220  N  N9    . G   A 1 13 ? -2.384  11.336  -5.047  1.00 19.91  ? 27  G   A N9    1 
ATOM   221  C  C8    . G   A 1 13 ? -1.683  10.238  -4.607  1.00 17.59  ? 27  G   A C8    1 
ATOM   222  N  N7    . G   A 1 13 ? -2.438  9.359   -3.999  1.00 19.91  ? 27  G   A N7    1 
ATOM   223  C  C5    . G   A 1 13 ? -3.714  9.912   -4.045  1.00 18.68  ? 27  G   A C5    1 
ATOM   224  C  C6    . G   A 1 13 ? -4.959  9.423   -3.545  1.00 19.60  ? 27  G   A C6    1 
ATOM   225  O  O6    . G   A 1 13 ? -5.196  8.356   -2.948  1.00 16.54  ? 27  G   A O6    1 
ATOM   226  N  N1    . G   A 1 13 ? -5.996  10.317  -3.807  1.00 17.13  ? 27  G   A N1    1 
ATOM   227  C  C2    . G   A 1 13 ? -5.864  11.515  -4.471  1.00 17.14  ? 27  G   A C2    1 
ATOM   228  N  N2    . G   A 1 13 ? -6.980  12.228  -4.649  1.00 17.33  ? 27  G   A N2    1 
ATOM   229  N  N3    . G   A 1 13 ? -4.718  11.976  -4.936  1.00 18.29  ? 27  G   A N3    1 
ATOM   230  C  C4    . G   A 1 13 ? -3.693  11.131  -4.691  1.00 18.95  ? 27  G   A C4    1 
ATOM   231  P  P     . C   A 1 14 ? 0.549   14.987  -2.471  1.00 21.06  ? 28  C   A P     1 
ATOM   232  O  OP1   . C   A 1 14 ? 1.334   16.230  -2.259  1.00 22.14  ? 28  C   A OP1   1 
ATOM   233  O  OP2   . C   A 1 14 ? 0.933   13.742  -1.735  1.00 18.22  ? 28  C   A OP2   1 
ATOM   234  O  "O5'" . C   A 1 14 ? -0.981  15.301  -2.171  1.00 20.44  ? 28  C   A "O5'" 1 
ATOM   235  C  "C5'" . C   A 1 14 ? -1.639  14.786  -1.023  1.00 15.87  ? 28  C   A "C5'" 1 
ATOM   236  C  "C4'" . C   A 1 14 ? -3.100  15.164  -1.077  1.00 16.07  ? 28  C   A "C4'" 1 
ATOM   237  O  "O4'" . C   A 1 14 ? -3.794  14.281  -2.002  1.00 13.16  ? 28  C   A "O4'" 1 
ATOM   238  C  "C3'" . C   A 1 14 ? -3.882  15.052  0.223   1.00 15.21  ? 28  C   A "C3'" 1 
ATOM   239  O  "O3'" . C   A 1 14 ? -3.705  16.232  1.002   1.00 17.32  ? 28  C   A "O3'" 1 
ATOM   240  C  "C2'" . C   A 1 14 ? -5.297  14.920  -0.315  1.00 14.93  ? 28  C   A "C2'" 1 
ATOM   241  O  "O2'" . C   A 1 14 ? -5.784  16.148  -0.820  1.00 16.03  ? 28  C   A "O2'" 1 
ATOM   242  C  "C1'" . C   A 1 14 ? -5.072  13.953  -1.478  1.00 13.29  ? 28  C   A "C1'" 1 
ATOM   243  N  N1    . C   A 1 14 ? -5.055  12.544  -1.038  1.00 17.67  ? 28  C   A N1    1 
ATOM   244  C  C2    . C   A 1 14 ? -6.271  11.922  -0.720  1.00 15.50  ? 28  C   A C2    1 
ATOM   245  O  O2    . C   A 1 14 ? -7.332  12.557  -0.872  1.00 16.57  ? 28  C   A O2    1 
ATOM   246  N  N3    . C   A 1 14 ? -6.264  10.647  -0.262  1.00 16.12  ? 28  C   A N3    1 
ATOM   247  C  C4    . C   A 1 14 ? -5.109  9.990   -0.130  1.00 17.34  ? 28  C   A C4    1 
ATOM   248  N  N4    . C   A 1 14 ? -5.150  8.743   0.345   1.00 18.35  ? 28  C   A N4    1 
ATOM   249  C  C5    . C   A 1 14 ? -3.858  10.587  -0.479  1.00 16.52  ? 28  C   A C5    1 
ATOM   250  C  C6    . C   A 1 14 ? -3.879  11.856  -0.924  1.00 12.43  ? 28  C   A C6    1 
ATOM   251  P  P     . G   A 1 15 ? -3.901  16.185  2.599   1.00 18.97  ? 29  G   A P     1 
ATOM   252  O  OP1   . G   A 1 15 ? -3.466  17.486  3.157   1.00 21.14  ? 29  G   A OP1   1 
ATOM   253  O  OP2   . G   A 1 15 ? -3.300  14.922  3.121   1.00 17.92  ? 29  G   A OP2   1 
ATOM   254  O  "O5'" . G   A 1 15 ? -5.474  16.074  2.789   1.00 16.88  ? 29  G   A "O5'" 1 
ATOM   255  C  "C5'" . G   A 1 15 ? -6.329  17.130  2.364   1.00 19.60  ? 29  G   A "C5'" 1 
ATOM   256  C  "C4'" . G   A 1 15 ? -7.764  16.764  2.636   1.00 18.21  ? 29  G   A "C4'" 1 
ATOM   257  O  "O4'" . G   A 1 15 ? -8.104  15.595  1.845   1.00 17.22  ? 29  G   A "O4'" 1 
ATOM   258  C  "C3'" . G   A 1 15 ? -8.034  16.337  4.068   1.00 17.56  ? 29  G   A "C3'" 1 
ATOM   259  O  "O3'" . G   A 1 15 ? -8.246  17.478  4.894   1.00 18.17  ? 29  G   A "O3'" 1 
ATOM   260  C  "C2'" . G   A 1 15 ? -9.282  15.479  3.897   1.00 17.50  ? 29  G   A "C2'" 1 
ATOM   261  O  "O2'" . G   A 1 15 ? -10.433 16.262  3.682   1.00 19.06  ? 29  G   A "O2'" 1 
ATOM   262  C  "C1'" . G   A 1 15 ? -8.947  14.734  2.602   1.00 15.97  ? 29  G   A "C1'" 1 
ATOM   263  N  N9    . G   A 1 15 ? -8.244  13.475  2.826   1.00 14.71  ? 29  G   A N9    1 
ATOM   264  C  C8    . G   A 1 15 ? -6.913  13.204  2.604   1.00 13.06  ? 29  G   A C8    1 
ATOM   265  N  N7    . G   A 1 15 ? -6.583  11.974  2.898   1.00 11.28  ? 29  G   A N7    1 
ATOM   266  C  C5    . G   A 1 15 ? -7.768  11.397  3.331   1.00 14.06  ? 29  G   A C5    1 
ATOM   267  C  C6    . G   A 1 15 ? -8.041  10.068  3.772   1.00 14.71  ? 29  G   A C6    1 
ATOM   268  O  O6    . G   A 1 15 ? -7.269  9.098   3.840   1.00 15.94  ? 29  G   A O6    1 
ATOM   269  N  N1    . G   A 1 15 ? -9.371  9.922   4.147   1.00 13.06  ? 29  G   A N1    1 
ATOM   270  C  C2    . G   A 1 15 ? -10.327 10.908  4.086   1.00 11.73  ? 29  G   A C2    1 
ATOM   271  N  N2    . G   A 1 15 ? -11.565 10.561  4.512   1.00 13.29  ? 29  G   A N2    1 
ATOM   272  N  N3    . G   A 1 15 ? -10.092 12.140  3.652   1.00 13.62  ? 29  G   A N3    1 
ATOM   273  C  C4    . G   A 1 15 ? -8.799  12.315  3.301   1.00 13.86  ? 29  G   A C4    1 
ATOM   274  P  P     . U   A 1 16 ? -7.567  17.548  6.353   1.00 13.42  ? 30  U   A P     1 
ATOM   275  O  OP1   . U   A 1 16 ? -7.690  18.946  6.830   1.00 13.83  ? 30  U   A OP1   1 
ATOM   276  O  OP2   . U   A 1 16 ? -6.243  16.904  6.325   1.00 18.50  ? 30  U   A OP2   1 
ATOM   277  O  "O5'" . U   A 1 16 ? -8.514  16.631  7.240   1.00 15.54  ? 30  U   A "O5'" 1 
ATOM   278  C  "C5'" . U   A 1 16 ? -9.859  17.008  7.498   1.00 16.17  ? 30  U   A "C5'" 1 
ATOM   279  C  "C4'" . U   A 1 16 ? -10.599 15.864  8.152   1.00 13.49  ? 30  U   A "C4'" 1 
ATOM   280  O  "O4'" . U   A 1 16 ? -10.748 14.781  7.189   1.00 15.03  ? 30  U   A "O4'" 1 
ATOM   281  C  "C3'" . U   A 1 16 ? -9.895  15.187  9.316   1.00 15.93  ? 30  U   A "C3'" 1 
ATOM   282  O  "O3'" . U   A 1 16 ? -9.987  15.929  10.532  1.00 15.93  ? 30  U   A "O3'" 1 
ATOM   283  C  "C2'" . U   A 1 16 ? -10.649 13.867  9.364   1.00 13.58  ? 30  U   A "C2'" 1 
ATOM   284  O  "O2'" . U   A 1 16 ? -11.965 13.998  9.868   1.00 15.66  ? 30  U   A "O2'" 1 
ATOM   285  C  "C1'" . U   A 1 16 ? -10.710 13.534  7.872   1.00 16.49  ? 30  U   A "C1'" 1 
ATOM   286  N  N1    . U   A 1 16 ? -9.518  12.785  7.441   1.00 13.97  ? 30  U   A N1    1 
ATOM   287  C  C2    . U   A 1 16 ? -9.515  11.432  7.681   1.00 14.26  ? 30  U   A C2    1 
ATOM   288  O  O2    . U   A 1 16 ? -10.464 10.857  8.188   1.00 10.19  ? 30  U   A O2    1 
ATOM   289  N  N3    . U   A 1 16 ? -8.369  10.773  7.308   1.00 14.56  ? 30  U   A N3    1 
ATOM   290  C  C4    . U   A 1 16 ? -7.251  11.328  6.715   1.00 15.23  ? 30  U   A C4    1 
ATOM   291  O  O4    . U   A 1 16 ? -6.300  10.605  6.423   1.00 16.82  ? 30  U   A O4    1 
ATOM   292  C  C5    . U   A 1 16 ? -7.340  12.739  6.478   1.00 16.28  ? 30  U   A C5    1 
ATOM   293  C  C6    . U   A 1 16 ? -8.444  13.401  6.842   1.00 15.90  ? 30  U   A C6    1 
ATOM   294  P  P     . G   A 1 17 ? -8.814  15.812  11.630  1.00 18.76  ? 31  G   A P     1 
ATOM   295  O  OP1   . G   A 1 17 ? -9.042  16.821  12.697  1.00 18.53  ? 31  G   A OP1   1 
ATOM   296  O  OP2   . G   A 1 17 ? -7.506  15.783  10.919  1.00 20.58  ? 31  G   A OP2   1 
ATOM   297  O  "O5'" . G   A 1 17 ? -9.024  14.362  12.254  1.00 18.33  ? 31  G   A "O5'" 1 
ATOM   298  C  "C5'" . G   A 1 17 ? -10.192 14.060  13.015  1.00 17.80  ? 31  G   A "C5'" 1 
ATOM   299  C  "C4'" . G   A 1 17 ? -10.342 12.568  13.175  1.00 17.16  ? 31  G   A "C4'" 1 
ATOM   300  O  "O4'" . G   A 1 17 ? -10.344 11.917  11.873  1.00 17.52  ? 31  G   A "O4'" 1 
ATOM   301  C  "C3'" . G   A 1 17 ? -9.224  11.848  13.904  1.00 18.37  ? 31  G   A "C3'" 1 
ATOM   302  O  "O3'" . G   A 1 17 ? -9.329  12.013  15.310  1.00 17.78  ? 31  G   A "O3'" 1 
ATOM   303  C  "C2'" . G   A 1 17 ? -9.512  10.419  13.491  1.00 16.55  ? 31  G   A "C2'" 1 
ATOM   304  O  "O2'" . G   A 1 17 ? -10.676 9.920   14.120  1.00 16.30  ? 31  G   A "O2'" 1 
ATOM   305  C  "C1'" . G   A 1 17 ? -9.765  10.625  11.996  1.00 17.32  ? 31  G   A "C1'" 1 
ATOM   306  N  N9    . G   A 1 17 ? -8.502  10.595  11.263  1.00 17.76  ? 31  G   A N9    1 
ATOM   307  C  C8    . G   A 1 17 ? -7.829  11.638  10.671  1.00 17.39  ? 31  G   A C8    1 
ATOM   308  N  N7    . G   A 1 17 ? -6.704  11.266  10.111  1.00 12.88  ? 31  G   A N7    1 
ATOM   309  C  C5    . G   A 1 17 ? -6.639  9.900   10.350  1.00 12.56  ? 31  G   A C5    1 
ATOM   310  C  C6    . G   A 1 17 ? -5.648  8.941   9.992   1.00 14.80  ? 31  G   A C6    1 
ATOM   311  O  O6    . G   A 1 17 ? -4.587  9.119   9.363   1.00 12.59  ? 31  G   A O6    1 
ATOM   312  N  N1    . G   A 1 17 ? -5.990  7.664   10.443  1.00 12.55  ? 31  G   A N1    1 
ATOM   313  C  C2    . G   A 1 17 ? -7.132  7.350   11.147  1.00 13.63  ? 31  G   A C2    1 
ATOM   314  N  N2    . G   A 1 17 ? -7.307  6.051   11.503  1.00 9.17   ? 31  G   A N2    1 
ATOM   315  N  N3    . G   A 1 17 ? -8.048  8.234   11.482  1.00 13.85  ? 31  G   A N3    1 
ATOM   316  C  C4    . G   A 1 17 ? -7.742  9.475   11.055  1.00 13.64  ? 31  G   A C4    1 
ATOM   317  P  P     . G   A 1 18 ? -8.041  11.791  16.231  1.00 19.38  ? 32  G   A P     1 
ATOM   318  O  OP1   . G   A 1 18 ? -8.475  12.001  17.637  1.00 20.42  ? 32  G   A OP1   1 
ATOM   319  O  OP2   . G   A 1 18 ? -6.910  12.576  15.687  1.00 19.89  ? 32  G   A OP2   1 
ATOM   320  O  "O5'" . G   A 1 18 ? -7.648  10.262  16.005  1.00 18.48  ? 32  G   A "O5'" 1 
ATOM   321  C  "C5'" . G   A 1 18 ? -8.524  9.206   16.385  1.00 19.55  ? 32  G   A "C5'" 1 
ATOM   322  C  "C4'" . G   A 1 18 ? -7.821  7.881   16.234  1.00 18.36  ? 32  G   A "C4'" 1 
ATOM   323  O  "O4'" . G   A 1 18 ? -7.576  7.617   14.820  1.00 17.59  ? 32  G   A "O4'" 1 
ATOM   324  C  "C3'" . G   A 1 18 ? -6.431  7.822   16.844  1.00 19.62  ? 32  G   A "C3'" 1 
ATOM   325  O  "O3'" . G   A 1 18 ? -6.479  7.596   18.250  1.00 19.21  ? 32  G   A "O3'" 1 
ATOM   326  C  "C2'" . G   A 1 18 ? -5.827  6.659   16.074  1.00 15.66  ? 32  G   A "C2'" 1 
ATOM   327  O  "O2'" . G   A 1 18 ? -6.369  5.404   16.436  1.00 20.82  ? 32  G   A "O2'" 1 
ATOM   328  C  "C1'" . G   A 1 18 ? -6.310  6.992   14.666  1.00 17.26  ? 32  G   A "C1'" 1 
ATOM   329  N  N9    . G   A 1 18 ? -5.420  7.907   13.955  1.00 13.54  ? 32  G   A N9    1 
ATOM   330  C  C8    . G   A 1 18 ? -5.605  9.251   13.736  1.00 14.17  ? 32  G   A C8    1 
ATOM   331  N  N7    . G   A 1 18 ? -4.645  9.791   13.032  1.00 14.45  ? 32  G   A N7    1 
ATOM   332  C  C5    . G   A 1 18 ? -3.772  8.739   12.780  1.00 12.27  ? 32  G   A C5    1 
ATOM   333  C  C6    . G   A 1 18 ? -2.550  8.708   12.055  1.00 11.77  ? 32  G   A C6    1 
ATOM   334  O  O6    . G   A 1 18 ? -1.978  9.627   11.480  1.00 12.02  ? 32  G   A O6    1 
ATOM   335  N  N1    . G   A 1 18 ? -1.987  7.440   12.050  1.00 9.02   ? 32  G   A N1    1 
ATOM   336  C  C2    . G   A 1 18 ? -2.517  6.342   12.676  1.00 12.83  ? 32  G   A C2    1 
ATOM   337  N  N2    . G   A 1 18 ? -1.786  5.224   12.601  1.00 12.82  ? 32  G   A N2    1 
ATOM   338  N  N3    . G   A 1 18 ? -3.664  6.347   13.337  1.00 10.69  ? 32  G   A N3    1 
ATOM   339  C  C4    . G   A 1 18 ? -4.233  7.574   13.352  1.00 13.37  ? 32  G   A C4    1 
ATOM   340  P  P     . A   A 1 19 ? -5.235  8.024   19.162  1.00 19.30  ? 33  A   A P     1 
ATOM   341  O  OP1   . A   A 1 19 ? -5.646  7.905   20.584  1.00 22.81  ? 33  A   A OP1   1 
ATOM   342  O  OP2   . A   A 1 19 ? -4.685  9.306   18.667  1.00 21.94  ? 33  A   A OP2   1 
ATOM   343  O  "O5'" . A   A 1 19 ? -4.137  6.911   18.865  1.00 19.29  ? 33  A   A "O5'" 1 
ATOM   344  C  "C5'" . A   A 1 19 ? -4.404  5.540   19.118  1.00 18.49  ? 33  A   A "C5'" 1 
ATOM   345  C  "C4'" . A   A 1 19 ? -3.247  4.694   18.651  1.00 18.00  ? 33  A   A "C4'" 1 
ATOM   346  O  "O4'" . A   A 1 19 ? -3.066  4.839   17.217  1.00 14.85  ? 33  A   A "O4'" 1 
ATOM   347  C  "C3'" . A   A 1 19 ? -1.890  5.097   19.190  1.00 18.73  ? 33  A   A "C3'" 1 
ATOM   348  O  "O3'" . A   A 1 19 ? -1.715  4.659   20.532  1.00 21.27  ? 33  A   A "O3'" 1 
ATOM   349  C  "C2'" . A   A 1 19 ? -0.961  4.387   18.213  1.00 16.04  ? 33  A   A "C2'" 1 
ATOM   350  O  "O2'" . A   A 1 19 ? -0.866  2.992   18.458  1.00 16.67  ? 33  A   A "O2'" 1 
ATOM   351  C  "C1'" . A   A 1 19 ? -1.700  4.614   16.894  1.00 14.61  ? 33  A   A "C1'" 1 
ATOM   352  N  N9    . A   A 1 19 ? -1.188  5.767   16.154  1.00 11.47  ? 33  A   A N9    1 
ATOM   353  C  C8    . A   A 1 19 ? -1.764  7.001   15.965  1.00 13.71  ? 33  A   A C8    1 
ATOM   354  N  N7    . A   A 1 19 ? -1.046  7.807   15.215  1.00 9.32   ? 33  A   A N7    1 
ATOM   355  C  C5    . A   A 1 19 ? 0.073   7.052   14.888  1.00 11.48  ? 33  A   A C5    1 
ATOM   356  C  C6    . A   A 1 19 ? 1.204   7.330   14.094  1.00 9.41   ? 33  A   A C6    1 
ATOM   357  N  N6    . A   A 1 19 ? 1.373   8.474   13.409  1.00 10.01  ? 33  A   A N6    1 
ATOM   358  N  N1    . A   A 1 19 ? 2.158   6.376   14.007  1.00 10.83  ? 33  A   A N1    1 
ATOM   359  C  C2    . A   A 1 19 ? 1.964   5.211   14.647  1.00 10.98  ? 33  A   A C2    1 
ATOM   360  N  N3    . A   A 1 19 ? 0.926   4.822   15.395  1.00 11.99  ? 33  A   A N3    1 
ATOM   361  C  C4    . A   A 1 19 ? 0.009   5.803   15.478  1.00 11.67  ? 33  A   A C4    1 
ATOM   362  P  P     . U   A 1 20 ? -0.863  5.559   21.553  1.00 21.34  ? 34  U   A P     1 
ATOM   363  O  OP1   . U   A 1 20 ? -0.981  4.935   22.893  1.00 25.61  ? 34  U   A OP1   1 
ATOM   364  O  OP2   . U   A 1 20 ? -1.292  6.970   21.352  1.00 22.25  ? 34  U   A OP2   1 
ATOM   365  O  "O5'" . U   A 1 20 ? 0.644   5.401   21.045  1.00 22.33  ? 34  U   A "O5'" 1 
ATOM   366  C  "C5'" . U   A 1 20 ? 1.107   4.131   20.610  1.00 19.76  ? 34  U   A "C5'" 1 
ATOM   367  C  "C4'" . U   A 1 20 ? 2.524   4.187   20.056  1.00 19.20  ? 34  U   A "C4'" 1 
ATOM   368  O  "O4'" . U   A 1 20 ? 2.506   4.842   18.748  1.00 16.19  ? 34  U   A "O4'" 1 
ATOM   369  C  "C3'" . U   A 1 20 ? 3.515   5.005   20.893  1.00 19.88  ? 34  U   A "C3'" 1 
ATOM   370  O  "O3'" . U   A 1 20 ? 4.838   4.508   20.809  1.00 23.82  ? 34  U   A "O3'" 1 
ATOM   371  C  "C2'" . U   A 1 20 ? 3.435   6.401   20.287  1.00 20.92  ? 34  U   A "C2'" 1 
ATOM   372  O  "O2'" . U   A 1 20 ? 4.666   7.093   20.382  1.00 19.96  ? 34  U   A "O2'" 1 
ATOM   373  C  "C1'" . U   A 1 20 ? 3.224   6.065   18.816  1.00 18.71  ? 34  U   A "C1'" 1 
ATOM   374  N  N1    . U   A 1 20 ? 2.538   7.131   18.074  1.00 17.74  ? 34  U   A N1    1 
ATOM   375  C  C2    . U   A 1 20 ? 3.245   7.764   17.058  1.00 19.30  ? 34  U   A C2    1 
ATOM   376  O  O2    . U   A 1 20 ? 4.348   7.399   16.678  1.00 14.85  ? 34  U   A O2    1 
ATOM   377  N  N3    . U   A 1 20 ? 2.609   8.843   16.498  1.00 18.60  ? 34  U   A N3    1 
ATOM   378  C  C4    . U   A 1 20 ? 1.365   9.330   16.822  1.00 21.24  ? 34  U   A C4    1 
ATOM   379  O  O4    . U   A 1 20 ? 0.960   10.358  16.276  1.00 20.04  ? 34  U   A O4    1 
ATOM   380  C  C5    . U   A 1 20 ? 0.678   8.586   17.837  1.00 16.91  ? 34  U   A C5    1 
ATOM   381  C  C6    . U   A 1 20 ? 1.272   7.534   18.407  1.00 17.01  ? 34  U   A C6    1 
ATOM   382  P  P     . A   A 1 21 ? 5.552   3.917   22.122  1.00 22.74  ? 35  A   A P     1 
ATOM   383  O  OP1   . A   A 1 21 ? 4.560   3.030   22.791  1.00 21.08  ? 35  A   A OP1   1 
ATOM   384  O  OP2   . A   A 1 21 ? 6.180   5.021   22.889  1.00 24.57  ? 35  A   A OP2   1 
ATOM   385  O  "O5'" . A   A 1 21 ? 6.720   3.030   21.516  1.00 21.34  ? 35  A   A "O5'" 1 
ATOM   386  C  "C5'" . A   A 1 21 ? 6.443   2.001   20.587  1.00 18.43  ? 35  A   A "C5'" 1 
ATOM   387  C  "C4'" . A   A 1 21 ? 7.700   1.217   20.291  1.00 18.62  ? 35  A   A "C4'" 1 
ATOM   388  O  "O4'" . A   A 1 21 ? 8.471   1.919   19.277  1.00 17.40  ? 35  A   A "O4'" 1 
ATOM   389  C  "C3'" . A   A 1 21 ? 8.646   1.080   21.476  1.00 17.71  ? 35  A   A "C3'" 1 
ATOM   390  O  "O3'" . A   A 1 21 ? 9.342   -0.152  21.423  1.00 18.83  ? 35  A   A "O3'" 1 
ATOM   391  C  "C2'" . A   A 1 21 ? 9.541   2.314   21.360  1.00 17.99  ? 35  A   A "C2'" 1 
ATOM   392  O  "O2'" . A   A 1 21 ? 10.838  2.127   21.898  1.00 20.78  ? 35  A   A "O2'" 1 
ATOM   393  C  "C1'" . A   A 1 21 ? 9.639   2.484   19.845  1.00 17.84  ? 35  A   A "C1'" 1 
ATOM   394  N  N9    . A   A 1 21 ? 9.739   3.885   19.425  1.00 18.12  ? 35  A   A N9    1 
ATOM   395  C  C8    . A   A 1 21 ? 8.722   4.789   19.239  1.00 20.57  ? 35  A   A C8    1 
ATOM   396  N  N7    . A   A 1 21 ? 9.132   5.984   18.885  1.00 20.24  ? 35  A   A N7    1 
ATOM   397  C  C5    . A   A 1 21 ? 10.512  5.860   18.832  1.00 19.22  ? 35  A   A C5    1 
ATOM   398  C  C6    . A   A 1 21 ? 11.535  6.779   18.522  1.00 18.68  ? 35  A   A C6    1 
ATOM   399  N  N6    . A   A 1 21 ? 11.316  8.064   18.218  1.00 19.45  ? 35  A   A N6    1 
ATOM   400  N  N1    . A   A 1 21 ? 12.807  6.329   18.540  1.00 19.28  ? 35  A   A N1    1 
ATOM   401  C  C2    . A   A 1 21 ? 13.030  5.049   18.862  1.00 20.49  ? 35  A   A C2    1 
ATOM   402  N  N3    . A   A 1 21 ? 12.157  4.095   19.187  1.00 17.54  ? 35  A   A N3    1 
ATOM   403  C  C4    . A   A 1 21 ? 10.900  4.570   19.152  1.00 19.59  ? 35  A   A C4    1 
ATOM   404  P  P     . U   A 1 22 ? 8.882   -1.357  22.385  1.00 20.40  ? 36  U   A P     1 
ATOM   405  O  OP1   . U   A 1 22 ? 8.863   -0.806  23.755  1.00 18.52  ? 36  U   A OP1   1 
ATOM   406  O  OP2   . U   A 1 22 ? 9.730   -2.540  22.083  1.00 19.87  ? 36  U   A OP2   1 
ATOM   407  O  "O5'" . U   A 1 22 ? 7.381   -1.654  21.936  1.00 17.78  ? 36  U   A "O5'" 1 
ATOM   408  C  "C5'" . U   A 1 22 ? 7.085   -2.621  20.923  1.00 18.61  ? 36  U   A "C5'" 1 
ATOM   409  C  "C4'" . U   A 1 22 ? 5.727   -3.254  21.177  1.00 18.80  ? 36  U   A "C4'" 1 
ATOM   410  O  "O4'" . U   A 1 22 ? 5.664   -3.724  22.554  1.00 20.47  ? 36  U   A "O4'" 1 
ATOM   411  C  "C3'" . U   A 1 22 ? 4.520   -2.328  21.008  1.00 19.72  ? 36  U   A "C3'" 1 
ATOM   412  O  "O3'" . U   A 1 22 ? 3.387   -3.070  20.580  1.00 18.77  ? 36  U   A "O3'" 1 
ATOM   413  C  "C2'" . U   A 1 22 ? 4.254   -1.888  22.440  1.00 20.12  ? 36  U   A "C2'" 1 
ATOM   414  O  "O2'" . U   A 1 22 ? 2.920   -1.472  22.650  1.00 17.94  ? 36  U   A "O2'" 1 
ATOM   415  C  "C1'" . U   A 1 22 ? 4.499   -3.202  23.174  1.00 17.18  ? 36  U   A "C1'" 1 
ATOM   416  N  N1    . U   A 1 22 ? 4.745   -3.051  24.617  1.00 15.51  ? 36  U   A N1    1 
ATOM   417  C  C2    . U   A 1 22 ? 3.806   -3.584  25.496  1.00 9.14   ? 36  U   A C2    1 
ATOM   418  O  O2    . U   A 1 22 ? 2.811   -4.185  25.121  1.00 10.78  ? 36  U   A O2    1 
ATOM   419  N  N3    . U   A 1 22 ? 4.084   -3.400  26.831  1.00 13.39  ? 36  U   A N3    1 
ATOM   420  C  C4    . U   A 1 22 ? 5.191   -2.769  27.369  1.00 15.39  ? 36  U   A C4    1 
ATOM   421  O  O4    . U   A 1 22 ? 5.331   -2.729  28.597  1.00 16.75  ? 36  U   A O4    1 
ATOM   422  C  C5    . U   A 1 22 ? 6.118   -2.251  26.397  1.00 14.15  ? 36  U   A C5    1 
ATOM   423  C  C6    . U   A 1 22 ? 5.865   -2.404  25.086  1.00 13.51  ? 36  U   A C6    1 
ATOM   424  P  P     . G   A 1 23 ? 3.084   -3.254  19.020  1.00 19.03  ? 37  G   A P     1 
ATOM   425  O  OP1   . G   A 1 23 ? 1.911   -4.135  18.898  1.00 16.01  ? 37  G   A OP1   1 
ATOM   426  O  OP2   . G   A 1 23 ? 4.348   -3.609  18.329  1.00 15.45  ? 37  G   A OP2   1 
ATOM   427  O  "O5'" . G   A 1 23 ? 2.666   -1.795  18.529  1.00 18.48  ? 37  G   A "O5'" 1 
ATOM   428  C  "C5'" . G   A 1 23 ? 1.457   -1.183  18.961  1.00 18.03  ? 37  G   A "C5'" 1 
ATOM   429  C  "C4'" . G   A 1 23 ? 1.263   0.130   18.235  1.00 16.68  ? 37  G   A "C4'" 1 
ATOM   430  O  "O4'" . G   A 1 23 ? 2.302   1.054   18.654  1.00 16.91  ? 37  G   A "O4'" 1 
ATOM   431  C  "C3'" . G   A 1 23 ? 1.431   0.032   16.727  1.00 14.07  ? 37  G   A "C3'" 1 
ATOM   432  O  "O3'" . G   A 1 23 ? 0.207   -0.334  16.110  1.00 14.60  ? 37  G   A "O3'" 1 
ATOM   433  C  "C2'" . G   A 1 23 ? 1.876   1.444   16.357  1.00 15.20  ? 37  G   A "C2'" 1 
ATOM   434  O  "O2'" . G   A 1 23 ? 0.791   2.354   16.319  1.00 18.19  ? 37  G   A "O2'" 1 
ATOM   435  C  "C1'" . G   A 1 23 ? 2.798   1.775   17.532  1.00 17.35  ? 37  G   A "C1'" 1 
ATOM   436  N  N9    . G   A 1 23 ? 4.192   1.385   17.325  1.00 16.44  ? 37  G   A N9    1 
ATOM   437  C  C8    . G   A 1 23 ? 4.741   0.148   17.567  1.00 16.78  ? 37  G   A C8    1 
ATOM   438  N  N7    . G   A 1 23 ? 6.019   0.092   17.298  1.00 14.90  ? 37  G   A N7    1 
ATOM   439  C  C5    . G   A 1 23 ? 6.336   1.368   16.853  1.00 15.13  ? 37  G   A C5    1 
ATOM   440  C  C6    . G   A 1 23 ? 7.580   1.907   16.413  1.00 13.42  ? 37  G   A C6    1 
ATOM   441  O  O6    . G   A 1 23 ? 8.670   1.344   16.321  1.00 19.04  ? 37  G   A O6    1 
ATOM   442  N  N1    . G   A 1 23 ? 7.460   3.245   16.053  1.00 11.57  ? 37  G   A N1    1 
ATOM   443  C  C2    . G   A 1 23 ? 6.302   3.970   16.093  1.00 14.13  ? 37  G   A C2    1 
ATOM   444  N  N2    . G   A 1 23 ? 6.411   5.252   15.698  1.00 8.49   ? 37  G   A N2    1 
ATOM   445  N  N3    . G   A 1 23 ? 5.129   3.479   16.488  1.00 14.07  ? 37  G   A N3    1 
ATOM   446  C  C4    . G   A 1 23 ? 5.222   2.181   16.856  1.00 14.82  ? 37  G   A C4    1 
ATOM   447  P  P     . G   A 1 24 ? 0.233   -1.137  14.722  1.00 14.33  ? 38  G   A P     1 
ATOM   448  O  OP1   . G   A 1 24 ? -1.160  -1.511  14.384  1.00 14.19  ? 38  G   A OP1   1 
ATOM   449  O  OP2   . G   A 1 24 ? 1.272   -2.195  14.811  1.00 16.50  ? 38  G   A OP2   1 
ATOM   450  O  "O5'" . G   A 1 24 ? 0.799   -0.067  13.685  1.00 15.05  ? 38  G   A "O5'" 1 
ATOM   451  C  "C5'" . G   A 1 24 ? -0.002  1.029   13.237  1.00 13.37  ? 38  G   A "C5'" 1 
ATOM   452  C  "C4'" . G   A 1 24 ? 0.833   1.973   12.393  1.00 14.15  ? 38  G   A "C4'" 1 
ATOM   453  O  "O4'" . G   A 1 24 ? 1.924   2.489   13.197  1.00 14.00  ? 38  G   A "O4'" 1 
ATOM   454  C  "C3'" . G   A 1 24 ? 1.512   1.350   11.182  1.00 13.84  ? 38  G   A "C3'" 1 
ATOM   455  O  "O3'" . G   A 1 24 ? 0.628   1.373   10.071  1.00 20.19  ? 38  G   A "O3'" 1 
ATOM   456  C  "C2'" . G   A 1 24 ? 2.696   2.288   10.962  1.00 12.75  ? 38  G   A "C2'" 1 
ATOM   457  O  "O2'" . G   A 1 24 ? 2.368   3.462   10.228  1.00 7.94   ? 38  G   A "O2'" 1 
ATOM   458  C  "C1'" . G   A 1 24 ? 3.081   2.646   12.401  1.00 12.91  ? 38  G   A "C1'" 1 
ATOM   459  N  N9    . G   A 1 24 ? 4.130   1.769   12.916  1.00 11.84  ? 38  G   A N9    1 
ATOM   460  C  C8    . G   A 1 24 ? 3.993   0.478   13.372  1.00 11.34  ? 38  G   A C8    1 
ATOM   461  N  N7    . G   A 1 24 ? 5.137   -0.099  13.626  1.00 15.55  ? 38  G   A N7    1 
ATOM   462  C  C5    . G   A 1 24 ? 6.081   0.885   13.353  1.00 11.55  ? 38  G   A C5    1 
ATOM   463  C  C6    . G   A 1 24 ? 7.500   0.836   13.386  1.00 16.40  ? 38  G   A C6    1 
ATOM   464  O  O6    . G   A 1 24 ? 8.232   -0.120  13.672  1.00 14.02  ? 38  G   A O6    1 
ATOM   465  N  N1    . G   A 1 24 ? 8.063   2.058   13.020  1.00 15.63  ? 38  G   A N1    1 
ATOM   466  C  C2    . G   A 1 24 ? 7.353   3.182   12.670  1.00 15.15  ? 38  G   A C2    1 
ATOM   467  N  N2    . G   A 1 24 ? 8.068   4.277   12.363  1.00 15.45  ? 38  G   A N2    1 
ATOM   468  N  N3    . G   A 1 24 ? 6.036   3.234   12.624  1.00 12.04  ? 38  G   A N3    1 
ATOM   469  C  C4    . G   A 1 24 ? 5.469   2.056   12.962  1.00 14.29  ? 38  G   A C4    1 
ATOM   470  P  P     . C   A 1 25 ? 0.472   0.075   9.126   1.00 24.06  ? 39  C   A P     1 
ATOM   471  O  OP1   . C   A 1 25 ? 0.968   -1.131  9.822   1.00 26.78  ? 39  C   A OP1   1 
ATOM   472  O  OP2   . C   A 1 25 ? 1.045   0.439   7.814   1.00 27.75  ? 39  C   A OP2   1 
ATOM   473  O  "O5'" . C   A 1 25 ? -1.106  0.020   8.855   1.00 27.87  ? 39  C   A "O5'" 1 
ATOM   474  C  "C5'" . C   A 1 25 ? -1.972  -0.857  9.546   1.00 22.85  ? 39  C   A "C5'" 1 
ATOM   475  C  "C4'" . C   A 1 25 ? -3.119  -0.086  10.191  1.00 16.70  ? 39  C   A "C4'" 1 
ATOM   476  O  "O4'" . C   A 1 25 ? -2.641  1.158   10.760  1.00 14.93  ? 39  C   A "O4'" 1 
ATOM   477  C  "C3'" . C   A 1 25 ? -4.316  0.379   9.374   1.00 18.74  ? 39  C   A "C3'" 1 
ATOM   478  O  "O3'" . C   A 1 25 ? -5.212  -0.691  9.073   1.00 16.63  ? 39  C   A "O3'" 1 
ATOM   479  C  "C2'" . C   A 1 25 ? -4.970  1.319   10.384  1.00 15.64  ? 39  C   A "C2'" 1 
ATOM   480  O  "O2'" . C   A 1 25 ? -5.614  0.608   11.424  1.00 17.41  ? 39  C   A "O2'" 1 
ATOM   481  C  "C1'" . C   A 1 25 ? -3.747  2.024   10.975  1.00 16.46  ? 39  C   A "C1'" 1 
ATOM   482  N  N1    . C   A 1 25 ? -3.459  3.319   10.338  1.00 15.03  ? 39  C   A N1    1 
ATOM   483  C  C2    . C   A 1 25 ? -4.368  4.368   10.499  1.00 16.39  ? 39  C   A C2    1 
ATOM   484  O  O2    . C   A 1 25 ? -5.396  4.171   11.179  1.00 14.56  ? 39  C   A O2    1 
ATOM   485  N  N3    . C   A 1 25 ? -4.110  5.566   9.912   1.00 14.63  ? 39  C   A N3    1 
ATOM   486  C  C4    . C   A 1 25 ? -2.995  5.731   9.190   1.00 16.45  ? 39  C   A C4    1 
ATOM   487  N  N4    . C   A 1 25 ? -2.771  6.932   8.629   1.00 17.22  ? 39  C   A N4    1 
ATOM   488  C  C5    . C   A 1 25 ? -2.055  4.675   9.009   1.00 18.34  ? 39  C   A C5    1 
ATOM   489  C  C6    . C   A 1 25 ? -2.322  3.498   9.595   1.00 14.69  ? 39  C   A C6    1 
ATOM   490  P  P     . A   A 1 26 ? -6.383  -0.489  7.978   1.00 17.48  ? 40  A   A P     1 
ATOM   491  O  OP1   . A   A 1 26 ? -7.045  -1.811  7.795   1.00 20.10  ? 40  A   A OP1   1 
ATOM   492  O  OP2   . A   A 1 26 ? -5.837  0.219   6.794   1.00 20.53  ? 40  A   A OP2   1 
ATOM   493  O  "O5'" . A   A 1 26 ? -7.431  0.495   8.672   1.00 16.75  ? 40  A   A "O5'" 1 
ATOM   494  C  "C5'" . A   A 1 26 ? -8.385  0.012   9.612   1.00 18.55  ? 40  A   A "C5'" 1 
ATOM   495  C  "C4'" . A   A 1 26 ? -9.459  1.050   9.844   1.00 17.61  ? 40  A   A "C4'" 1 
ATOM   496  O  "O4'" . A   A 1 26 ? -8.865  2.265   10.389  1.00 17.12  ? 40  A   A "O4'" 1 
ATOM   497  C  "C3'" . A   A 1 26 ? -10.168 1.533   8.590   1.00 16.41  ? 40  A   A "C3'" 1 
ATOM   498  O  "O3'" . A   A 1 26 ? -11.199 0.641   8.197   1.00 17.07  ? 40  A   A "O3'" 1 
ATOM   499  C  "C2'" . A   A 1 26 ? -10.722 2.874   9.048   1.00 15.97  ? 40  A   A "C2'" 1 
ATOM   500  O  "O2'" . A   A 1 26 ? -11.863 2.739   9.882   1.00 12.57  ? 40  A   A "O2'" 1 
ATOM   501  C  "C1'" . A   A 1 26 ? -9.541  3.404   9.856   1.00 17.12  ? 40  A   A "C1'" 1 
ATOM   502  N  N9    . A   A 1 26 ? -8.595  4.172   9.041   1.00 16.17  ? 40  A   A N9    1 
ATOM   503  C  C8    . A   A 1 26 ? -7.406  3.755   8.492   1.00 16.66  ? 40  A   A C8    1 
ATOM   504  N  N7    . A   A 1 26 ? -6.767  4.695   7.831   1.00 15.87  ? 40  A   A N7    1 
ATOM   505  C  C5    . A   A 1 26 ? -7.590  5.802   7.950   1.00 16.35  ? 40  A   A C5    1 
ATOM   506  C  C6    . A   A 1 26 ? -7.468  7.126   7.492   1.00 15.82  ? 40  A   A C6    1 
ATOM   507  N  N6    . A   A 1 26 ? -6.417  7.578   6.794   1.00 15.89  ? 40  A   A N6    1 
ATOM   508  N  N1    . A   A 1 26 ? -8.468  7.985   7.785   1.00 16.31  ? 40  A   A N1    1 
ATOM   509  C  C2    . A   A 1 26 ? -9.515  7.537   8.493   1.00 14.36  ? 40  A   A C2    1 
ATOM   510  N  N3    . A   A 1 26 ? -9.742  6.319   8.983   1.00 16.35  ? 40  A   A N3    1 
ATOM   511  C  C4    . A   A 1 26 ? -8.729  5.490   8.679   1.00 16.18  ? 40  A   A C4    1 
ATOM   512  P  P     . C   A 1 27 ? -11.549 0.464   6.641   1.00 18.01  ? 41  C   A P     1 
ATOM   513  O  OP1   . C   A 1 27 ? -12.461 -0.690  6.534   1.00 20.97  ? 41  C   A OP1   1 
ATOM   514  O  OP2   . C   A 1 27 ? -10.293 0.487   5.835   1.00 20.81  ? 41  C   A OP2   1 
ATOM   515  O  "O5'" . C   A 1 27 ? -12.355 1.781   6.256   1.00 19.60  ? 41  C   A "O5'" 1 
ATOM   516  C  "C5'" . C   A 1 27 ? -13.577 2.092   6.906   1.00 17.63  ? 41  C   A "C5'" 1 
ATOM   517  C  "C4'" . C   A 1 27 ? -13.983 3.510   6.606   1.00 18.19  ? 41  C   A "C4'" 1 
ATOM   518  O  "O4'" . C   A 1 27 ? -13.061 4.436   7.242   1.00 19.26  ? 41  C   A "O4'" 1 
ATOM   519  C  "C3'" . C   A 1 27 ? -13.937 3.958   5.160   1.00 17.62  ? 41  C   A "C3'" 1 
ATOM   520  O  "O3'" . C   A 1 27 ? -15.034 3.453   4.414   1.00 19.38  ? 41  C   A "O3'" 1 
ATOM   521  C  "C2'" . C   A 1 27 ? -14.028 5.457   5.360   1.00 16.17  ? 41  C   A "C2'" 1 
ATOM   522  O  "O2'" . C   A 1 27 ? -15.290 5.850   5.847   1.00 15.76  ? 41  C   A "O2'" 1 
ATOM   523  C  "C1'" . C   A 1 27 ? -13.004 5.633   6.481   1.00 15.08  ? 41  C   A "C1'" 1 
ATOM   524  N  N1    . C   A 1 27 ? -11.654 5.773   5.918   1.00 15.00  ? 41  C   A N1    1 
ATOM   525  C  C2    . C   A 1 27 ? -11.261 7.029   5.499   1.00 11.19  ? 41  C   A C2    1 
ATOM   526  O  O2    . C   A 1 27 ? -12.049 7.976   5.664   1.00 14.30  ? 41  C   A O2    1 
ATOM   527  N  N3    . C   A 1 27 ? -10.041 7.195   4.932   1.00 14.31  ? 41  C   A N3    1 
ATOM   528  C  C4    . C   A 1 27 ? -9.222  6.147   4.802   1.00 13.55  ? 41  C   A C4    1 
ATOM   529  N  N4    . C   A 1 27 ? -8.020  6.355   4.262   1.00 13.54  ? 41  C   A N4    1 
ATOM   530  C  C5    . C   A 1 27 ? -9.598  4.840   5.234   1.00 12.20  ? 41  C   A C5    1 
ATOM   531  C  C6    . C   A 1 27 ? -10.812 4.701   5.786   1.00 15.16  ? 41  C   A C6    1 
ATOM   532  P  P     . G   A 1 28 ? -14.873 3.183   2.840   1.00 17.10  ? 42  G   A P     1 
ATOM   533  O  OP1   . G   A 1 28 ? -16.171 2.621   2.385   1.00 18.87  ? 42  G   A OP1   1 
ATOM   534  O  OP2   . G   A 1 28 ? -13.616 2.429   2.603   1.00 21.65  ? 42  G   A OP2   1 
ATOM   535  O  "O5'" . G   A 1 28 ? -14.718 4.636   2.195   1.00 17.72  ? 42  G   A "O5'" 1 
ATOM   536  C  "C5'" . G   A 1 28 ? -15.824 5.535   2.179   1.00 19.15  ? 42  G   A "C5'" 1 
ATOM   537  C  "C4'" . G   A 1 28 ? -15.381 6.934   1.791   1.00 17.86  ? 42  G   A "C4'" 1 
ATOM   538  O  "O4'" . G   A 1 28 ? -14.304 7.388   2.653   1.00 18.64  ? 42  G   A "O4'" 1 
ATOM   539  C  "C3'" . G   A 1 28 ? -14.798 7.105   0.399   1.00 21.34  ? 42  G   A "C3'" 1 
ATOM   540  O  "O3'" . G   A 1 28 ? -15.814 7.159   -0.593  1.00 22.35  ? 42  G   A "O3'" 1 
ATOM   541  C  "C2'" . G   A 1 28 ? -14.103 8.449   0.546   1.00 20.11  ? 42  G   A "C2'" 1 
ATOM   542  O  "O2'" . G   A 1 28 ? -15.009 9.532   0.546   1.00 22.34  ? 42  G   A "O2'" 1 
ATOM   543  C  "C1'" . G   A 1 28 ? -13.483 8.299   1.936   1.00 18.35  ? 42  G   A "C1'" 1 
ATOM   544  N  N9    . G   A 1 28 ? -12.130 7.756   1.836   1.00 17.70  ? 42  G   A N9    1 
ATOM   545  C  C8    . G   A 1 28 ? -11.690 6.485   2.126   1.00 17.40  ? 42  G   A C8    1 
ATOM   546  N  N7    . G   A 1 28 ? -10.411 6.321   1.894   1.00 17.64  ? 42  G   A N7    1 
ATOM   547  C  C5    . G   A 1 28 ? -9.986  7.562   1.430   1.00 13.14  ? 42  G   A C5    1 
ATOM   548  C  C6    . G   A 1 28 ? -8.698  8.011   1.004   1.00 13.38  ? 42  G   A C6    1 
ATOM   549  O  O6    . G   A 1 28 ? -7.635  7.380   0.954   1.00 16.60  ? 42  G   A O6    1 
ATOM   550  N  N1    . G   A 1 28 ? -8.729  9.349   0.605   1.00 12.02  ? 42  G   A N1    1 
ATOM   551  C  C2    . G   A 1 28 ? -9.847  10.150  0.613   1.00 9.88   ? 42  G   A C2    1 
ATOM   552  N  N2    . G   A 1 28 ? -9.692  11.422  0.192   1.00 12.65  ? 42  G   A N2    1 
ATOM   553  N  N3    . G   A 1 28 ? -11.037 9.744   1.001   1.00 10.45  ? 42  G   A N3    1 
ATOM   554  C  C4    . G   A 1 28 ? -11.035 8.454   1.394   1.00 15.62  ? 42  G   A C4    1 
ATOM   555  P  P     . C   A 1 29 ? -15.453 6.809   -2.121  1.00 25.84  ? 43  C   A P     1 
ATOM   556  O  OP1   . C   A 1 29 ? -16.724 6.714   -2.877  1.00 26.42  ? 43  C   A OP1   1 
ATOM   557  O  OP2   . C   A 1 29 ? -14.516 5.662   -2.118  1.00 28.10  ? 43  C   A OP2   1 
ATOM   558  O  "O5'" . C   A 1 29 ? -14.669 8.091   -2.641  1.00 27.23  ? 43  C   A "O5'" 1 
ATOM   559  C  "C5'" . C   A 1 29 ? -15.291 9.370   -2.631  1.00 27.46  ? 43  C   A "C5'" 1 
ATOM   560  C  "C4'" . C   A 1 29 ? -14.350 10.417  -3.178  1.00 26.84  ? 43  C   A "C4'" 1 
ATOM   561  O  "O4'" . C   A 1 29 ? -13.217 10.583  -2.284  1.00 25.78  ? 43  C   A "O4'" 1 
ATOM   562  C  "C3'" . C   A 1 29 ? -13.689 10.101  -4.507  1.00 27.28  ? 43  C   A "C3'" 1 
ATOM   563  O  "O3'" . C   A 1 29 ? -14.561 10.353  -5.601  1.00 28.40  ? 43  C   A "O3'" 1 
ATOM   564  C  "C2'" . C   A 1 29 ? -12.539 11.089  -4.495  1.00 25.72  ? 43  C   A "C2'" 1 
ATOM   565  O  "O2'" . C   A 1 29 ? -12.985 12.408  -4.722  1.00 25.88  ? 43  C   A "O2'" 1 
ATOM   566  C  "C1'" . C   A 1 29 ? -12.080 10.973  -3.043  1.00 25.14  ? 43  C   A "C1'" 1 
ATOM   567  N  N1    . C   A 1 29 ? -11.011 9.976   -2.859  1.00 22.25  ? 43  C   A N1    1 
ATOM   568  C  C2    . C   A 1 29 ? -9.707  10.344  -3.186  1.00 18.20  ? 43  C   A C2    1 
ATOM   569  O  O2    . C   A 1 29 ? -9.512  11.475  -3.646  1.00 16.12  ? 43  C   A O2    1 
ATOM   570  N  N3    . C   A 1 29 ? -8.695  9.464   -2.998  1.00 18.19  ? 43  C   A N3    1 
ATOM   571  C  C4    . C   A 1 29 ? -8.954  8.250   -2.511  1.00 19.71  ? 43  C   A C4    1 
ATOM   572  N  N4    . C   A 1 29 ? -7.919  7.418   -2.326  1.00 16.14  ? 43  C   A N4    1 
ATOM   573  C  C5    . C   A 1 29 ? -10.283 7.834   -2.187  1.00 18.85  ? 43  C   A C5    1 
ATOM   574  C  C6    . C   A 1 29 ? -11.273 8.722   -2.375  1.00 22.95  ? 43  C   A C6    1 
ATOM   575  P  P     . A   A 1 30 ? -14.355 9.550   -6.978  1.00 32.00  ? 44  A   A P     1 
ATOM   576  O  OP1   . A   A 1 30 ? -15.451 9.932   -7.910  1.00 31.61  ? 44  A   A OP1   1 
ATOM   577  O  OP2   . A   A 1 30 ? -14.141 8.122   -6.649  1.00 31.69  ? 44  A   A OP2   1 
ATOM   578  O  "O5'" . A   A 1 30 ? -12.973 10.100  -7.554  1.00 32.62  ? 44  A   A "O5'" 1 
ATOM   579  C  "C5'" . A   A 1 30 ? -12.842 11.448  -8.001  1.00 34.61  ? 44  A   A "C5'" 1 
ATOM   580  C  "C4'" . A   A 1 30 ? -11.402 11.748  -8.371  1.00 36.37  ? 44  A   A "C4'" 1 
ATOM   581  O  "O4'" . A   A 1 30 ? -10.558 11.699  -7.182  1.00 34.78  ? 44  A   A "O4'" 1 
ATOM   582  C  "C3'" . A   A 1 30 ? -10.718 10.783  -9.326  1.00 37.14  ? 44  A   A "C3'" 1 
ATOM   583  O  "O3'" . A   A 1 30 ? -11.037 11.073  -10.679 1.00 39.40  ? 44  A   A "O3'" 1 
ATOM   584  C  "C2'" . A   A 1 30 ? -9.257  11.098  -9.052  1.00 36.33  ? 44  A   A "C2'" 1 
ATOM   585  O  "O2'" . A   A 1 30 ? -8.880  12.350  -9.588  1.00 38.43  ? 44  A   A "O2'" 1 
ATOM   586  C  "C1'" . A   A 1 30 ? -9.275  11.195  -7.530  1.00 35.37  ? 44  A   A "C1'" 1 
ATOM   587  N  N9    . A   A 1 30 ? -9.102  9.888   -6.899  1.00 32.92  ? 44  A   A N9    1 
ATOM   588  C  C8    . A   A 1 30 ? -10.072 9.057   -6.395  1.00 33.07  ? 44  A   A C8    1 
ATOM   589  N  N7    . A   A 1 30 ? -9.603  7.942   -5.893  1.00 32.63  ? 44  A   A N7    1 
ATOM   590  C  C5    . A   A 1 30 ? -8.230  8.045   -6.077  1.00 30.47  ? 44  A   A C5    1 
ATOM   591  C  C6    . A   A 1 30 ? -7.163  7.186   -5.754  1.00 31.33  ? 44  A   A C6    1 
ATOM   592  N  N6    . A   A 1 30 ? -7.319  6.004   -5.153  1.00 30.20  ? 44  A   A N6    1 
ATOM   593  N  N1    . A   A 1 30 ? -5.913  7.590   -6.072  1.00 29.58  ? 44  A   A N1    1 
ATOM   594  C  C2    . A   A 1 30 ? -5.756  8.772   -6.675  1.00 30.78  ? 44  A   A C2    1 
ATOM   595  N  N3    . A   A 1 30 ? -6.679  9.666   -7.032  1.00 30.49  ? 44  A   A N3    1 
ATOM   596  C  C4    . A   A 1 30 ? -7.909  9.237   -6.698  1.00 32.14  ? 44  A   A C4    1 
ATOM   597  P  P     . A   A 1 31 ? -10.986 9.900   -11.774 1.00 40.58  ? 45  A   A P     1 
ATOM   598  O  OP1   . A   A 1 31 ? -11.510 10.475  -13.043 1.00 42.30  ? 45  A   A OP1   1 
ATOM   599  O  OP2   . A   A 1 31 ? -11.622 8.693   -11.192 1.00 41.84  ? 45  A   A OP2   1 
ATOM   600  O  "O5'" . A   A 1 31 ? -9.433  9.589   -11.961 1.00 39.43  ? 45  A   A "O5'" 1 
ATOM   601  C  "C5'" . A   A 1 31 ? -8.575  10.545  -12.571 1.00 37.62  ? 45  A   A "C5'" 1 
ATOM   602  C  "C4'" . A   A 1 31 ? -7.126  10.164  -12.370 1.00 36.34  ? 45  A   A "C4'" 1 
ATOM   603  O  "O4'" . A   A 1 31 ? -6.881  9.820   -10.984 1.00 34.76  ? 45  A   A "O4'" 1 
ATOM   604  C  "C3'" . A   A 1 31 ? -6.632  8.936   -13.113 1.00 35.51  ? 45  A   A "C3'" 1 
ATOM   605  O  "O3'" . A   A 1 31 ? -6.339  9.256   -14.466 1.00 35.06  ? 45  A   A "O3'" 1 
ATOM   606  C  "C2'" . A   A 1 31 ? -5.350  8.619   -12.355 1.00 34.99  ? 45  A   A "C2'" 1 
ATOM   607  O  "O2'" . A   A 1 31 ? -4.265  9.426   -12.760 1.00 35.24  ? 45  A   A "O2'" 1 
ATOM   608  C  "C1'" . A   A 1 31 ? -5.743  8.974   -10.917 1.00 33.52  ? 45  A   A "C1'" 1 
ATOM   609  N  N9    . A   A 1 31 ? -6.079  7.801   -10.110 1.00 30.61  ? 45  A   A N9    1 
ATOM   610  C  C8    . A   A 1 31 ? -7.301  7.419   -9.616  1.00 29.03  ? 45  A   A C8    1 
ATOM   611  N  N7    . A   A 1 31 ? -7.258  6.327   -8.889  1.00 29.54  ? 45  A   A N7    1 
ATOM   612  C  C5    . A   A 1 31 ? -5.917  5.963   -8.914  1.00 27.65  ? 45  A   A C5    1 
ATOM   613  C  C6    . A   A 1 31 ? -5.211  4.897   -8.323  1.00 27.53  ? 45  A   A C6    1 
ATOM   614  N  N6    . A   A 1 31 ? -5.778  3.967   -7.550  1.00 25.93  ? 45  A   A N6    1 
ATOM   615  N  N1    . A   A 1 31 ? -3.882  4.821   -8.554  1.00 25.31  ? 45  A   A N1    1 
ATOM   616  C  C2    . A   A 1 31 ? -3.312  5.756   -9.324  1.00 26.90  ? 45  A   A C2    1 
ATOM   617  N  N3    . A   A 1 31 ? -3.867  6.805   -9.928  1.00 27.90  ? 45  A   A N3    1 
ATOM   618  C  C4    . A   A 1 31 ? -5.185  6.853   -9.676  1.00 28.46  ? 45  A   A C4    1 
ATOM   619  P  P     . G   A 1 32 ? -6.311  8.091   -15.571 1.00 32.95  ? 46  G   A P     1 
ATOM   620  O  OP1   . G   A 1 32 ? -5.881  8.703   -16.853 1.00 34.14  ? 46  G   A OP1   1 
ATOM   621  O  OP2   . G   A 1 32 ? -7.595  7.350   -15.502 1.00 33.86  ? 46  G   A OP2   1 
ATOM   622  O  "O5'" . G   A 1 32 ? -5.156  7.112   -15.082 1.00 31.57  ? 46  G   A "O5'" 1 
ATOM   623  C  "C5'" . G   A 1 32 ? -3.788  7.408   -15.337 1.00 29.74  ? 46  G   A "C5'" 1 
ATOM   624  C  "C4'" . G   A 1 32 ? -2.909  6.305   -14.801 1.00 27.25  ? 46  G   A "C4'" 1 
ATOM   625  O  "O4'" . G   A 1 32 ? -3.153  6.152   -13.378 1.00 26.12  ? 46  G   A "O4'" 1 
ATOM   626  C  "C3'" . G   A 1 32 ? -3.169  4.918   -15.371 1.00 27.18  ? 46  G   A "C3'" 1 
ATOM   627  O  "O3'" . G   A 1 32 ? -2.459  4.732   -16.591 1.00 27.37  ? 46  G   A "O3'" 1 
ATOM   628  C  "C2'" . G   A 1 32 ? -2.609  4.021   -14.271 1.00 24.99  ? 46  G   A "C2'" 1 
ATOM   629  O  "O2'" . G   A 1 32 ? -1.197  3.929   -14.281 1.00 22.73  ? 46  G   A "O2'" 1 
ATOM   630  C  "C1'" . G   A 1 32 ? -3.046  4.781   -13.019 1.00 24.09  ? 46  G   A "C1'" 1 
ATOM   631  N  N9    . G   A 1 32 ? -4.335  4.348   -12.492 1.00 24.02  ? 46  G   A N9    1 
ATOM   632  C  C8    . G   A 1 32 ? -5.569  4.854   -12.820 1.00 22.03  ? 46  G   A C8    1 
ATOM   633  N  N7    . G   A 1 32 ? -6.544  4.302   -12.151 1.00 19.43  ? 46  G   A N7    1 
ATOM   634  C  C5    . G   A 1 32 ? -5.920  3.363   -11.341 1.00 20.66  ? 46  G   A C5    1 
ATOM   635  C  C6    . G   A 1 32 ? -6.472  2.459   -10.385 1.00 22.01  ? 46  G   A C6    1 
ATOM   636  O  O6    . G   A 1 32 ? -7.664  2.301   -10.066 1.00 18.73  ? 46  G   A O6    1 
ATOM   637  N  N1    . G   A 1 32 ? -5.482  1.690   -9.777  1.00 21.44  ? 46  G   A N1    1 
ATOM   638  C  C2    . G   A 1 32 ? -4.136  1.774   -10.050 1.00 20.70  ? 46  G   A C2    1 
ATOM   639  N  N2    . G   A 1 32 ? -3.340  0.952   -9.341  1.00 20.11  ? 46  G   A N2    1 
ATOM   640  N  N3    . G   A 1 32 ? -3.610  2.605   -10.947 1.00 22.09  ? 46  G   A N3    1 
ATOM   641  C  C4    . G   A 1 32 ? -4.557  3.367   -11.546 1.00 22.05  ? 46  G   A C4    1 
ATOM   642  P  P     . U   A 1 33 ? -3.268  4.473   -17.961 1.00 30.65  ? 47  U   A P     1 
ATOM   643  O  OP1   . U   A 1 33 ? -2.299  4.786   -19.040 1.00 31.61  ? 47  U   A OP1   1 
ATOM   644  O  OP2   . U   A 1 33 ? -4.571  5.181   -17.919 1.00 28.42  ? 47  U   A OP2   1 
ATOM   645  O  "O5'" . U   A 1 33 ? -3.554  2.906   -17.960 1.00 29.69  ? 47  U   A "O5'" 1 
ATOM   646  C  "C5'" . U   A 1 33 ? -2.494  1.977   -17.776 1.00 31.19  ? 47  U   A "C5'" 1 
ATOM   647  C  "C4'" . U   A 1 33 ? -2.925  0.575   -18.165 1.00 31.22  ? 47  U   A "C4'" 1 
ATOM   648  O  "O4'" . U   A 1 33 ? -3.654  -0.023  -17.052 1.00 31.96  ? 47  U   A "O4'" 1 
ATOM   649  C  "C3'" . U   A 1 33 ? -3.884  0.497   -19.357 1.00 32.14  ? 47  U   A "C3'" 1 
ATOM   650  O  "O3'" . U   A 1 33 ? -3.767  -0.778  -19.989 1.00 31.91  ? 47  U   A "O3'" 1 
ATOM   651  C  "C2'" . U   A 1 33 ? -5.253  0.626   -18.686 1.00 31.62  ? 47  U   A "C2'" 1 
ATOM   652  O  "O2'" . U   A 1 33 ? -6.307  0.009   -19.404 1.00 32.36  ? 47  U   A "O2'" 1 
ATOM   653  C  "C1'" . U   A 1 33 ? -5.019  -0.156  -17.395 1.00 31.04  ? 47  U   A "C1'" 1 
ATOM   654  N  N1    . U   A 1 33 ? -5.868  0.206   -16.250 1.00 29.76  ? 47  U   A N1    1 
ATOM   655  C  C2    . U   A 1 33 ? -6.352  -0.828  -15.472 1.00 28.89  ? 47  U   A C2    1 
ATOM   656  O  O2    . U   A 1 33 ? -6.062  -1.989  -15.667 1.00 30.04  ? 47  U   A O2    1 
ATOM   657  N  N3    . U   A 1 33 ? -7.185  -0.450  -14.452 1.00 28.90  ? 47  U   A N3    1 
ATOM   658  C  C4    . U   A 1 33 ? -7.568  0.831   -14.128 1.00 28.62  ? 47  U   A C4    1 
ATOM   659  O  O4    . U   A 1 33 ? -8.372  1.004   -13.216 1.00 28.83  ? 47  U   A O4    1 
ATOM   660  C  C5    . U   A 1 33 ? -7.003  1.851   -14.959 1.00 30.17  ? 47  U   A C5    1 
ATOM   661  C  C6    . U   A 1 33 ? -6.190  1.510   -15.968 1.00 29.67  ? 47  U   A C6    1 
ATOM   662  P  P     . U   A 1 34 ? -3.065  -0.906  -21.435 1.00 30.65  ? 48  U   A P     1 
ATOM   663  O  OP1   . U   A 1 34 ? -2.871  -2.355  -21.683 1.00 30.58  ? 48  U   A OP1   1 
ATOM   664  O  OP2   . U   A 1 34 ? -1.902  0.011   -21.505 1.00 30.91  ? 48  U   A OP2   1 
ATOM   665  O  "O5'" . U   A 1 34 ? -4.176  -0.373  -22.443 1.00 32.66  ? 48  U   A "O5'" 1 
ATOM   666  C  "C5'" . U   A 1 34 ? -5.521  -0.822  -22.334 1.00 34.16  ? 48  U   A "C5'" 1 
ATOM   667  C  "C4'" . U   A 1 34 ? -6.427  0.021   -23.195 1.00 35.85  ? 48  U   A "C4'" 1 
ATOM   668  O  "O4'" . U   A 1 34 ? -5.967  -0.036  -24.573 1.00 35.95  ? 48  U   A "O4'" 1 
ATOM   669  C  "C3'" . U   A 1 34 ? -7.883  -0.434  -23.199 1.00 37.16  ? 48  U   A "C3'" 1 
ATOM   670  O  "O3'" . U   A 1 34 ? -8.765  0.662   -22.963 1.00 38.36  ? 48  U   A "O3'" 1 
ATOM   671  C  "C2'" . U   A 1 34 ? -8.080  -1.025  -24.597 1.00 37.80  ? 48  U   A "C2'" 1 
ATOM   672  O  "O2'" . U   A 1 34 ? -9.382  -0.836  -25.112 1.00 39.37  ? 48  U   A "O2'" 1 
ATOM   673  C  "C1'" . U   A 1 34 ? -7.073  -0.229  -25.423 1.00 37.75  ? 48  U   A "C1'" 1 
ATOM   674  N  N1    . U   A 1 34 ? -6.620  -0.946  -26.624 1.00 38.74  ? 48  U   A N1    1 
ATOM   675  C  C2    . U   A 1 34 ? -6.979  -0.425  -27.856 1.00 39.76  ? 48  U   A C2    1 
ATOM   676  O  O2    . U   A 1 34 ? -7.621  0.603   -27.978 1.00 39.62  ? 48  U   A O2    1 
ATOM   677  N  N3    . U   A 1 34 ? -6.553  -1.154  -28.941 1.00 40.01  ? 48  U   A N3    1 
ATOM   678  C  C4    . U   A 1 34 ? -5.816  -2.322  -28.920 1.00 40.44  ? 48  U   A C4    1 
ATOM   679  O  O4    . U   A 1 34 ? -5.533  -2.879  -29.982 1.00 39.45  ? 48  U   A O4    1 
ATOM   680  C  C5    . U   A 1 34 ? -5.470  -2.785  -27.609 1.00 39.49  ? 48  U   A C5    1 
ATOM   681  C  C6    . U   A 1 34 ? -5.874  -2.099  -26.533 1.00 39.38  ? 48  U   A C6    1 
ATOM   682  P  P     . U   A 1 35 ? -9.037  1.172   -21.457 1.00 39.11  ? 49  U   A P     1 
ATOM   683  O  OP1   . U   A 1 35 ? -10.339 1.891   -21.477 1.00 37.43  ? 49  U   A OP1   1 
ATOM   684  O  OP2   . U   A 1 35 ? -7.819  1.870   -20.975 1.00 39.68  ? 49  U   A OP2   1 
ATOM   685  O  "O5'" . U   A 1 35 ? -9.212  -0.149  -20.580 1.00 38.51  ? 49  U   A "O5'" 1 
ATOM   686  C  "C5'" . U   A 1 35 ? -10.017 -1.235  -21.026 1.00 36.72  ? 49  U   A "C5'" 1 
ATOM   687  C  "C4'" . U   A 1 35 ? -10.639 -1.966  -19.854 1.00 35.23  ? 49  U   A "C4'" 1 
ATOM   688  O  "O4'" . U   A 1 35 ? -10.031 -3.283  -19.751 1.00 34.64  ? 49  U   A "O4'" 1 
ATOM   689  C  "C3'" . U   A 1 35 ? -10.415 -1.323  -18.486 1.00 35.32  ? 49  U   A "C3'" 1 
ATOM   690  O  "O3'" . U   A 1 35 ? -11.461 -1.697  -17.596 1.00 36.10  ? 49  U   A "O3'" 1 
ATOM   691  C  "C2'" . U   A 1 35 ? -9.092  -1.932  -18.036 1.00 34.10  ? 49  U   A "C2'" 1 
ATOM   692  O  "O2'" . U   A 1 35 ? -8.960  -2.001  -16.627 1.00 33.91  ? 49  U   A "O2'" 1 
ATOM   693  C  "C1'" . U   A 1 35 ? -9.215  -3.347  -18.596 1.00 33.21  ? 49  U   A "C1'" 1 
ATOM   694  N  N1    . U   A 1 35 ? -7.947  -4.018  -18.920 1.00 30.71  ? 49  U   A N1    1 
ATOM   695  C  C2    . U   A 1 35 ? -7.873  -5.378  -18.678 1.00 29.19  ? 49  U   A C2    1 
ATOM   696  O  O2    . U   A 1 35 ? -8.816  -6.021  -18.254 1.00 27.72  ? 49  U   A O2    1 
ATOM   697  N  N3    . U   A 1 35 ? -6.659  -5.954  -18.954 1.00 29.37  ? 49  U   A N3    1 
ATOM   698  C  C4    . U   A 1 35 ? -5.535  -5.324  -19.443 1.00 28.63  ? 49  U   A C4    1 
ATOM   699  O  O4    . U   A 1 35 ? -4.503  -5.978  -19.624 1.00 30.63  ? 49  U   A O4    1 
ATOM   700  C  C5    . U   A 1 35 ? -5.694  -3.921  -19.684 1.00 29.44  ? 49  U   A C5    1 
ATOM   701  C  C6    . U   A 1 35 ? -6.867  -3.332  -19.423 1.00 29.97  ? 49  U   A C6    1 
ATOM   702  P  P     . C   A 1 36 ? -11.789 -0.783  -16.315 1.00 37.06  ? 50  C   A P     1 
ATOM   703  O  OP1   . C   A 1 36 ? -12.487 0.443   -16.779 1.00 37.55  ? 50  C   A OP1   1 
ATOM   704  O  OP2   . C   A 1 36 ? -10.557 -0.655  -15.500 1.00 37.69  ? 50  C   A OP2   1 
ATOM   705  O  "O5'" . C   A 1 36 ? -12.824 -1.659  -15.485 1.00 36.73  ? 50  C   A "O5'" 1 
ATOM   706  C  "C5'" . C   A 1 36 ? -14.137 -1.900  -15.983 1.00 35.96  ? 50  C   A "C5'" 1 
ATOM   707  C  "C4'" . C   A 1 36 ? -14.689 -3.178  -15.399 1.00 35.18  ? 50  C   A "C4'" 1 
ATOM   708  O  "O4'" . C   A 1 36 ? -13.993 -4.304  -15.992 1.00 34.42  ? 50  C   A "O4'" 1 
ATOM   709  C  "C3'" . C   A 1 36 ? -14.483 -3.352  -13.902 1.00 34.22  ? 50  C   A "C3'" 1 
ATOM   710  O  "O3'" . C   A 1 36 ? -15.539 -2.730  -13.180 1.00 34.82  ? 50  C   A "O3'" 1 
ATOM   711  C  "C2'" . C   A 1 36 ? -14.530 -4.867  -13.750 1.00 33.96  ? 50  C   A "C2'" 1 
ATOM   712  O  "O2'" . C   A 1 36 ? -15.849 -5.373  -13.741 1.00 32.96  ? 50  C   A "O2'" 1 
ATOM   713  C  "C1'" . C   A 1 36 ? -13.823 -5.325  -15.026 1.00 32.73  ? 50  C   A "C1'" 1 
ATOM   714  N  N1    . C   A 1 36 ? -12.382 -5.570  -14.862 1.00 30.89  ? 50  C   A N1    1 
ATOM   715  C  C2    . C   A 1 36 ? -11.966 -6.560  -13.969 1.00 29.83  ? 50  C   A C2    1 
ATOM   716  O  O2    . C   A 1 36 ? -12.822 -7.185  -13.332 1.00 30.72  ? 50  C   A O2    1 
ATOM   717  N  N3    . C   A 1 36 ? -10.643 -6.814  -13.827 1.00 28.47  ? 50  C   A N3    1 
ATOM   718  C  C4    . C   A 1 36 ? -9.752  -6.122  -14.540 1.00 28.09  ? 50  C   A C4    1 
ATOM   719  N  N4    . C   A 1 36 ? -8.464  -6.424  -14.389 1.00 24.29  ? 50  C   A N4    1 
ATOM   720  C  C5    . C   A 1 36 ? -10.147 -5.094  -15.447 1.00 28.84  ? 50  C   A C5    1 
ATOM   721  C  C6    . C   A 1 36 ? -11.461 -4.852  -15.575 1.00 30.34  ? 50  C   A C6    1 
ATOM   722  P  P     . U   A 1 37 ? -15.192 -1.702  -11.995 1.00 35.99  ? 51  U   A P     1 
ATOM   723  O  OP1   . U   A 1 37 ? -16.461 -1.247  -11.371 1.00 35.15  ? 51  U   A OP1   1 
ATOM   724  O  OP2   . U   A 1 37 ? -14.246 -0.699  -12.547 1.00 34.43  ? 51  U   A OP2   1 
ATOM   725  O  "O5'" . U   A 1 37 ? -14.405 -2.592  -10.934 1.00 34.50  ? 51  U   A "O5'" 1 
ATOM   726  C  "C5'" . U   A 1 37 ? -15.090 -3.546  -10.129 1.00 33.54  ? 51  U   A "C5'" 1 
ATOM   727  C  "C4'" . U   A 1 37 ? -14.109 -4.515  -9.510  1.00 32.54  ? 51  U   A "C4'" 1 
ATOM   728  O  "O4'" . U   A 1 37 ? -13.323 -5.146  -10.559 1.00 31.95  ? 51  U   A "O4'" 1 
ATOM   729  C  "C3'" . U   A 1 37 ? -13.052 -3.913  -8.597  1.00 32.66  ? 51  U   A "C3'" 1 
ATOM   730  O  "O3'" . U   A 1 37 ? -13.562 -3.672  -7.285  1.00 32.57  ? 51  U   A "O3'" 1 
ATOM   731  C  "C2'" . U   A 1 37 ? -12.000 -5.016  -8.597  1.00 32.30  ? 51  U   A "C2'" 1 
ATOM   732  O  "O2'" . U   A 1 37 ? -12.361 -6.110  -7.779  1.00 33.56  ? 51  U   A "O2'" 1 
ATOM   733  C  "C1'" . U   A 1 37 ? -12.028 -5.454  -10.063 1.00 30.93  ? 51  U   A "C1'" 1 
ATOM   734  N  N1    . U   A 1 37 ? -11.033 -4.766  -10.900 1.00 29.23  ? 51  U   A N1    1 
ATOM   735  C  C2    . U   A 1 37 ? -9.716  -5.190  -10.816 1.00 27.81  ? 51  U   A C2    1 
ATOM   736  O  O2    . U   A 1 37 ? -9.356  -6.093  -10.075 1.00 28.43  ? 51  U   A O2    1 
ATOM   737  N  N3    . U   A 1 37 ? -8.835  -4.514  -11.627 1.00 27.72  ? 51  U   A N3    1 
ATOM   738  C  C4    . U   A 1 37 ? -9.129  -3.476  -12.487 1.00 26.84  ? 51  U   A C4    1 
ATOM   739  O  O4    . U   A 1 37 ? -8.223  -2.962  -13.148 1.00 24.85  ? 51  U   A O4    1 
ATOM   740  C  C5    . U   A 1 37 ? -10.509 -3.093  -12.512 1.00 27.64  ? 51  U   A C5    1 
ATOM   741  C  C6    . U   A 1 37 ? -11.391 -3.736  -11.737 1.00 27.89  ? 51  U   A C6    1 
ATOM   742  P  P     . A   A 1 38 ? -12.842 -2.587  -6.338  1.00 32.53  ? 52  A   A P     1 
ATOM   743  O  OP1   . A   A 1 38 ? -13.622 -2.480  -5.077  1.00 32.68  ? 52  A   A OP1   1 
ATOM   744  O  OP2   . A   A 1 38 ? -12.578 -1.365  -7.140  1.00 32.54  ? 52  A   A OP2   1 
ATOM   745  O  "O5'" . A   A 1 38 ? -11.429 -3.244  -6.003  1.00 30.57  ? 52  A   A "O5'" 1 
ATOM   746  C  "C5'" . A   A 1 38 ? -11.340 -4.487  -5.316  1.00 28.75  ? 52  A   A "C5'" 1 
ATOM   747  C  "C4'" . A   A 1 38 ? -9.899  -4.930  -5.246  1.00 28.33  ? 52  A   A "C4'" 1 
ATOM   748  O  "O4'" . A   A 1 38 ? -9.399  -5.091  -6.600  1.00 26.79  ? 52  A   A "O4'" 1 
ATOM   749  C  "C3'" . A   A 1 38 ? -8.957  -3.938  -4.575  1.00 27.64  ? 52  A   A "C3'" 1 
ATOM   750  O  "O3'" . A   A 1 38 ? -8.870  -4.236  -3.183  1.00 28.63  ? 52  A   A "O3'" 1 
ATOM   751  C  "C2'" . A   A 1 38 ? -7.626  -4.198  -5.279  1.00 26.52  ? 52  A   A "C2'" 1 
ATOM   752  O  "O2'" . A   A 1 38 ? -6.894  -5.255  -4.688  1.00 25.97  ? 52  A   A "O2'" 1 
ATOM   753  C  "C1'" . A   A 1 38 ? -8.076  -4.605  -6.685  1.00 26.76  ? 52  A   A "C1'" 1 
ATOM   754  N  N9    . A   A 1 38 ? -8.046  -3.546  -7.695  1.00 26.14  ? 52  A   A N9    1 
ATOM   755  C  C8    . A   A 1 38 ? -9.090  -2.768  -8.132  1.00 25.78  ? 52  A   A C8    1 
ATOM   756  N  N7    . A   A 1 38 ? -8.765  -1.935  -9.092  1.00 27.00  ? 52  A   A N7    1 
ATOM   757  C  C5    . A   A 1 38 ? -7.414  -2.172  -9.295  1.00 25.77  ? 52  A   A C5    1 
ATOM   758  C  C6    . A   A 1 38 ? -6.478  -1.615  -10.186 1.00 26.27  ? 52  A   A C6    1 
ATOM   759  N  N6    . A   A 1 38 ? -6.780  -0.682  -11.095 1.00 25.69  ? 52  A   A N6    1 
ATOM   760  N  N1    . A   A 1 38 ? -5.206  -2.062  -10.118 1.00 26.38  ? 52  A   A N1    1 
ATOM   761  C  C2    . A   A 1 38 ? -4.905  -3.008  -9.219  1.00 25.56  ? 52  A   A C2    1 
ATOM   762  N  N3    . A   A 1 38 ? -5.697  -3.616  -8.338  1.00 24.46  ? 52  A   A N3    1 
ATOM   763  C  C4    . A   A 1 38 ? -6.952  -3.149  -8.430  1.00 25.90  ? 52  A   A C4    1 
ATOM   764  P  P     . C   A 1 39 ? -8.986  -3.053  -2.095  1.00 29.96  ? 53  C   A P     1 
ATOM   765  O  OP1   . C   A 1 39 ? -9.167  -3.711  -0.776  1.00 29.86  ? 53  C   A OP1   1 
ATOM   766  O  OP2   . C   A 1 39 ? -9.982  -2.056  -2.561  1.00 30.42  ? 53  C   A OP2   1 
ATOM   767  O  "O5'" . C   A 1 39 ? -7.551  -2.355  -2.121  1.00 28.06  ? 53  C   A "O5'" 1 
ATOM   768  C  "C5'" . C   A 1 39 ? -6.378  -3.083  -1.769  1.00 23.96  ? 53  C   A "C5'" 1 
ATOM   769  C  "C4'" . C   A 1 39 ? -5.154  -2.448  -2.396  1.00 23.51  ? 53  C   A "C4'" 1 
ATOM   770  O  "O4'" . C   A 1 39 ? -5.240  -2.583  -3.840  1.00 21.75  ? 53  C   A "O4'" 1 
ATOM   771  C  "C3'" . C   A 1 39 ? -4.970  -0.953  -2.161  1.00 24.80  ? 53  C   A "C3'" 1 
ATOM   772  O  "O3'" . C   A 1 39 ? -4.246  -0.699  -0.960  1.00 28.54  ? 53  C   A "O3'" 1 
ATOM   773  C  "C2'" . C   A 1 39 ? -4.112  -0.549  -3.355  1.00 23.13  ? 53  C   A "C2'" 1 
ATOM   774  O  "O2'" . C   A 1 39 ? -2.737  -0.825  -3.162  1.00 21.33  ? 53  C   A "O2'" 1 
ATOM   775  C  "C1'" . C   A 1 39 ? -4.679  -1.438  -4.462  1.00 19.93  ? 53  C   A "C1'" 1 
ATOM   776  N  N1    . C   A 1 39 ? -5.729  -0.779  -5.260  1.00 19.59  ? 53  C   A N1    1 
ATOM   777  C  C2    . C   A 1 39 ? -5.426  -0.356  -6.558  1.00 19.62  ? 53  C   A C2    1 
ATOM   778  O  O2    . C   A 1 39 ? -4.283  -0.557  -7.000  1.00 15.49  ? 53  C   A O2    1 
ATOM   779  N  N3    . C   A 1 39 ? -6.384  0.257   -7.298  1.00 16.02  ? 53  C   A N3    1 
ATOM   780  C  C4    . C   A 1 39 ? -7.602  0.453   -6.779  1.00 19.53  ? 53  C   A C4    1 
ATOM   781  N  N4    . C   A 1 39 ? -8.519  1.070   -7.531  1.00 15.02  ? 53  C   A N4    1 
ATOM   782  C  C5    . C   A 1 39 ? -7.937  0.024   -5.459  1.00 19.58  ? 53  C   A C5    1 
ATOM   783  C  C6    . C   A 1 39 ? -6.980  -0.580  -4.744  1.00 20.06  ? 53  C   A C6    1 
ATOM   784  P  P     . C   A 1 40 ? -5.022  -0.217  0.367   1.00 31.55  ? 54  C   A P     1 
ATOM   785  O  OP1   . C   A 1 40 ? -6.477  -0.456  0.188   1.00 33.98  ? 54  C   A OP1   1 
ATOM   786  O  OP2   . C   A 1 40 ? -4.543  1.149   0.691   1.00 29.45  ? 54  C   A OP2   1 
ATOM   787  O  "O5'" . C   A 1 40 ? -4.455  -1.205  1.485   1.00 32.15  ? 54  C   A "O5'" 1 
ATOM   788  C  "C5'" . C   A 1 40 ? -5.271  -2.211  2.060   1.00 30.24  ? 54  C   A "C5'" 1 
ATOM   789  C  "C4'" . C   A 1 40 ? -4.584  -3.565  2.017   1.00 28.52  ? 54  C   A "C4'" 1 
ATOM   790  O  "O4'" . C   A 1 40 ? -3.968  -3.830  0.730   1.00 24.55  ? 54  C   A "O4'" 1 
ATOM   791  C  "C3'" . C   A 1 40 ? -3.418  -3.868  2.948   1.00 28.53  ? 54  C   A "C3'" 1 
ATOM   792  O  "O3'" . C   A 1 40 ? -3.797  -4.003  4.315   1.00 30.22  ? 54  C   A "O3'" 1 
ATOM   793  C  "C2'" . C   A 1 40 ? -2.984  -5.215  2.385   1.00 26.00  ? 54  C   A "C2'" 1 
ATOM   794  O  "O2'" . C   A 1 40 ? -3.872  -6.256  2.735   1.00 26.37  ? 54  C   A "O2'" 1 
ATOM   795  C  "C1'" . C   A 1 40 ? -3.100  -4.951  0.879   1.00 24.11  ? 54  C   A "C1'" 1 
ATOM   796  N  N1    . C   A 1 40 ? -1.780  -4.645  0.299   1.00 19.53  ? 54  C   A N1    1 
ATOM   797  C  C2    . C   A 1 40 ? -0.879  -5.702  0.124   1.00 17.56  ? 54  C   A C2    1 
ATOM   798  O  O2    . C   A 1 40 ? -1.231  -6.851  0.448   1.00 17.64  ? 54  C   A O2    1 
ATOM   799  N  N3    . C   A 1 40 ? 0.347   -5.450  -0.390  1.00 17.09  ? 54  C   A N3    1 
ATOM   800  C  C4    . C   A 1 40 ? 0.686   -4.206  -0.727  1.00 17.99  ? 54  C   A C4    1 
ATOM   801  N  N4    . C   A 1 40 ? 1.903   -4.011  -1.235  1.00 14.66  ? 54  C   A N4    1 
ATOM   802  C  C5    . C   A 1 40 ? -0.212  -3.109  -0.562  1.00 16.90  ? 54  C   A C5    1 
ATOM   803  C  C6    . C   A 1 40 ? -1.427  -3.372  -0.051  1.00 19.69  ? 54  C   A C6    1 
ATOM   804  P  P     . G   A 1 41 ? -2.664  -3.992  5.468   1.00 30.66  ? 55  G   A P     1 
ATOM   805  O  OP1   . G   A 1 41 ? -3.362  -3.812  6.764   1.00 31.35  ? 55  G   A OP1   1 
ATOM   806  O  OP2   . G   A 1 41 ? -1.597  -3.048  5.082   1.00 28.69  ? 55  G   A OP2   1 
ATOM   807  O  "O5'" . G   A 1 41 ? -2.044  -5.456  5.428   1.00 30.22  ? 55  G   A "O5'" 1 
ATOM   808  C  "C5'" . G   A 1 41 ? -2.789  -6.579  5.879   1.00 27.32  ? 55  G   A "C5'" 1 
ATOM   809  C  "C4'" . G   A 1 41 ? -1.916  -7.812  5.911   1.00 24.94  ? 55  G   A "C4'" 1 
ATOM   810  O  "O4'" . G   A 1 41 ? -1.459  -8.108  4.563   1.00 24.93  ? 55  G   A "O4'" 1 
ATOM   811  C  "C3'" . G   A 1 41 ? -0.628  -7.702  6.712   1.00 25.40  ? 55  G   A "C3'" 1 
ATOM   812  O  "O3'" . G   A 1 41 ? -0.838  -7.965  8.094   1.00 25.53  ? 55  G   A "O3'" 1 
ATOM   813  C  "C2'" . G   A 1 41 ? 0.222   -8.792  6.081   1.00 24.21  ? 55  G   A "C2'" 1 
ATOM   814  O  "O2'" . G   A 1 41 ? -0.148  -10.090 6.497   1.00 24.98  ? 55  G   A "O2'" 1 
ATOM   815  C  "C1'" . G   A 1 41 ? -0.138  -8.622  4.607   1.00 22.60  ? 55  G   A "C1'" 1 
ATOM   816  N  N9    . G   A 1 41 ? 0.737   -7.683  3.914   1.00 20.04  ? 55  G   A N9    1 
ATOM   817  C  C8    . G   A 1 41 ? 0.485   -6.365  3.633   1.00 17.01  ? 55  G   A C8    1 
ATOM   818  N  N7    . G   A 1 41 ? 1.436   -5.795  2.947   1.00 17.99  ? 55  G   A N7    1 
ATOM   819  C  C5    . G   A 1 41 ? 2.380   -6.797  2.774   1.00 15.53  ? 55  G   A C5    1 
ATOM   820  C  C6    . G   A 1 41 ? 3.619   -6.779  2.092   1.00 15.63  ? 55  G   A C6    1 
ATOM   821  O  O6    . G   A 1 41 ? 4.146   -5.840  1.464   1.00 14.19  ? 55  G   A O6    1 
ATOM   822  N  N1    . G   A 1 41 ? 4.263   -8.013  2.174   1.00 14.77  ? 55  G   A N1    1 
ATOM   823  C  C2    . G   A 1 41 ? 3.778   -9.116  2.826   1.00 16.42  ? 55  G   A C2    1 
ATOM   824  N  N2    . G   A 1 41 ? 4.561   -10.200 2.806   1.00 17.32  ? 55  G   A N2    1 
ATOM   825  N  N3    . G   A 1 41 ? 2.612   -9.152  3.455   1.00 17.23  ? 55  G   A N3    1 
ATOM   826  C  C4    . G   A 1 41 ? 1.973   -7.964  3.385   1.00 18.17  ? 55  G   A C4    1 
ATOM   827  P  P     . G   A 1 42 ? 0.103   -7.253  9.179   1.00 23.99  ? 56  G   A P     1 
ATOM   828  O  OP1   . G   A 1 42 ? -0.517  -7.453  10.515  1.00 23.10  ? 56  G   A OP1   1 
ATOM   829  O  OP2   . G   A 1 42 ? 0.404   -5.880  8.704   1.00 25.27  ? 56  G   A OP2   1 
ATOM   830  O  "O5'" . G   A 1 42 ? 1.452   -8.095  9.129   1.00 24.67  ? 56  G   A "O5'" 1 
ATOM   831  C  "C5'" . G   A 1 42 ? 1.515   -9.394  9.700   1.00 21.34  ? 56  G   A "C5'" 1 
ATOM   832  C  "C4'" . G   A 1 42 ? 2.797   -10.079 9.295   1.00 19.78  ? 56  G   A "C4'" 1 
ATOM   833  O  "O4'" . G   A 1 42 ? 2.876   -10.196 7.844   1.00 19.34  ? 56  G   A "O4'" 1 
ATOM   834  C  "C3'" . G   A 1 42 ? 4.077   -9.354  9.662   1.00 18.16  ? 56  G   A "C3'" 1 
ATOM   835  O  "O3'" . G   A 1 42 ? 4.422   -9.621  11.015  1.00 18.79  ? 56  G   A "O3'" 1 
ATOM   836  C  "C2'" . G   A 1 42 ? 5.048   -10.027 8.715   1.00 17.06  ? 56  G   A "C2'" 1 
ATOM   837  O  "O2'" . G   A 1 42 ? 5.274   -11.364 9.120   1.00 16.71  ? 56  G   A "O2'" 1 
ATOM   838  C  "C1'" . G   A 1 42 ? 4.222   -10.014 7.426   1.00 18.80  ? 56  G   A "C1'" 1 
ATOM   839  N  N9    . G   A 1 42 ? 4.315   -8.733  6.731   1.00 18.49  ? 56  G   A N9    1 
ATOM   840  C  C8    . G   A 1 42 ? 3.437   -7.676  6.816   1.00 18.16  ? 56  G   A C8    1 
ATOM   841  N  N7    . G   A 1 42 ? 3.808   -6.641  6.113   1.00 16.97  ? 56  G   A N7    1 
ATOM   842  C  C5    . G   A 1 42 ? 4.994   -7.045  5.513   1.00 17.33  ? 56  G   A C5    1 
ATOM   843  C  C6    . G   A 1 42 ? 5.860   -6.349  4.635   1.00 20.42  ? 56  G   A C6    1 
ATOM   844  O  O6    . G   A 1 42 ? 5.747   -5.199  4.184   1.00 21.42  ? 56  G   A O6    1 
ATOM   845  N  N1    . G   A 1 42 ? 6.957   -7.128  4.281   1.00 17.08  ? 56  G   A N1    1 
ATOM   846  C  C2    . G   A 1 42 ? 7.195   -8.408  4.718   1.00 17.42  ? 56  G   A C2    1 
ATOM   847  N  N2    . G   A 1 42 ? 8.325   -8.979  4.284   1.00 12.40  ? 56  G   A N2    1 
ATOM   848  N  N3    . G   A 1 42 ? 6.391   -9.073  5.524   1.00 15.83  ? 56  G   A N3    1 
ATOM   849  C  C4    . G   A 1 42 ? 5.317   -8.336  5.883   1.00 17.31  ? 56  G   A C4    1 
ATOM   850  P  P     . G   A 1 43 ? 5.458   -8.665  11.779  1.00 20.06  ? 57  G   A P     1 
ATOM   851  O  OP1   . G   A 1 43 ? 5.487   -9.116  13.187  1.00 19.30  ? 57  G   A OP1   1 
ATOM   852  O  OP2   . G   A 1 43 ? 5.102   -7.261  11.461  1.00 19.51  ? 57  G   A OP2   1 
ATOM   853  O  "O5'" . G   A 1 43 ? 6.882   -8.956  11.115  1.00 19.43  ? 57  G   A "O5'" 1 
ATOM   854  C  "C5'" . G   A 1 43 ? 7.477   -10.250 11.187  1.00 17.67  ? 57  G   A "C5'" 1 
ATOM   855  C  "C4'" . G   A 1 43 ? 8.768   -10.282 10.400  1.00 15.11  ? 57  G   A "C4'" 1 
ATOM   856  O  "O4'" . G   A 1 43 ? 8.488   -10.105 8.984   1.00 16.45  ? 57  G   A "O4'" 1 
ATOM   857  C  "C3'" . G   A 1 43 ? 9.759   -9.177  10.712  1.00 17.57  ? 57  G   A "C3'" 1 
ATOM   858  O  "O3'" . G   A 1 43 ? 10.535  -9.510  11.856  1.00 19.73  ? 57  G   A "O3'" 1 
ATOM   859  C  "C2'" . G   A 1 43 ? 10.609  -9.167  9.450   1.00 14.41  ? 57  G   A "C2'" 1 
ATOM   860  O  "O2'" . G   A 1 43 ? 11.529  -10.240 9.418   1.00 19.07  ? 57  G   A "O2'" 1 
ATOM   861  C  "C1'" . G   A 1 43 ? 9.538   -9.358  8.376   1.00 15.10  ? 57  G   A "C1'" 1 
ATOM   862  N  N9    . G   A 1 43 ? 9.005   -8.082  7.891   1.00 12.10  ? 57  G   A N9    1 
ATOM   863  C  C8    . G   A 1 43 ? 7.801   -7.499  8.206   1.00 14.99  ? 57  G   A C8    1 
ATOM   864  N  N7    . G   A 1 43 ? 7.623   -6.338  7.620   1.00 9.20   ? 57  G   A N7    1 
ATOM   865  C  C5    . G   A 1 43 ? 8.776   -6.148  6.871   1.00 11.89  ? 57  G   A C5    1 
ATOM   866  C  C6    . G   A 1 43 ? 9.157   -5.071  6.020   1.00 15.35  ? 57  G   A C6    1 
ATOM   867  O  O6    . G   A 1 43 ? 8.530   -4.034  5.747   1.00 14.24  ? 57  G   A O6    1 
ATOM   868  N  N1    . G   A 1 43 ? 10.412  -5.286  5.461   1.00 11.66  ? 57  G   A N1    1 
ATOM   869  C  C2    . G   A 1 43 ? 11.201  -6.388  5.689   1.00 11.13  ? 57  G   A C2    1 
ATOM   870  N  N2    . G   A 1 43 ? 12.396  -6.393  5.081   1.00 13.25  ? 57  G   A N2    1 
ATOM   871  N  N3    . G   A 1 43 ? 10.850  -7.402  6.461   1.00 12.31  ? 57  G   A N3    1 
ATOM   872  C  C4    . G   A 1 43 ? 9.638   -7.215  7.023   1.00 12.42  ? 57  G   A C4    1 
ATOM   873  P  P     . C   A 1 44 ? 11.048  -8.348  12.835  1.00 22.43  ? 58  C   A P     1 
ATOM   874  O  OP1   . C   A 1 44 ? 11.878  -8.958  13.900  1.00 23.84  ? 58  C   A OP1   1 
ATOM   875  O  OP2   . C   A 1 44 ? 9.891   -7.496  13.215  1.00 19.24  ? 58  C   A OP2   1 
ATOM   876  O  "O5'" . C   A 1 44 ? 12.021  -7.480  11.916  1.00 21.49  ? 58  C   A "O5'" 1 
ATOM   877  C  "C5'" . C   A 1 44 ? 13.328  -7.952  11.593  1.00 16.09  ? 58  C   A "C5'" 1 
ATOM   878  C  "C4'" . C   A 1 44 ? 13.970  -7.069  10.547  1.00 17.37  ? 58  C   A "C4'" 1 
ATOM   879  O  "O4'" . C   A 1 44 ? 13.130  -7.002  9.359   1.00 17.04  ? 58  C   A "O4'" 1 
ATOM   880  C  "C3'" . C   A 1 44 ? 14.158  -5.608  10.920  1.00 16.04  ? 58  C   A "C3'" 1 
ATOM   881  O  "O3'" . C   A 1 44 ? 15.313  -5.422  11.723  1.00 17.49  ? 58  C   A "O3'" 1 
ATOM   882  C  "C2'" . C   A 1 44 ? 14.363  -5.000  9.546   1.00 15.92  ? 58  C   A "C2'" 1 
ATOM   883  O  "O2'" . C   A 1 44 ? 15.635  -5.326  9.017   1.00 17.22  ? 58  C   A "O2'" 1 
ATOM   884  C  "C1'" . C   A 1 44 ? 13.259  -5.712  8.765   1.00 15.36  ? 58  C   A "C1'" 1 
ATOM   885  N  N1    . C   A 1 44 ? 11.964  -5.008  8.867   1.00 14.92  ? 58  C   A N1    1 
ATOM   886  C  C2    . C   A 1 44 ? 11.742  -3.903  8.043   1.00 14.03  ? 58  C   A C2    1 
ATOM   887  O  O2    . C   A 1 44 ? 12.647  -3.553  7.260   1.00 18.65  ? 58  C   A O2    1 
ATOM   888  N  N3    . C   A 1 44 ? 10.560  -3.243  8.124   1.00 13.92  ? 58  C   A N3    1 
ATOM   889  C  C4    . C   A 1 44 ? 9.623   -3.651  8.988   1.00 12.12  ? 58  C   A C4    1 
ATOM   890  N  N4    . C   A 1 44 ? 8.466   -2.974  9.033   1.00 11.19  ? 58  C   A N4    1 
ATOM   891  C  C5    . C   A 1 44 ? 9.827   -4.772  9.842   1.00 10.00  ? 58  C   A C5    1 
ATOM   892  C  C6    . C   A 1 44 ? 11.001  -5.418  9.748   1.00 12.62  ? 58  C   A C6    1 
ATOM   893  P  P     . A   A 1 45 ? 15.375  -4.206  12.760  1.00 19.62  ? 59  A   A P     1 
ATOM   894  O  OP1   . A   A 1 45 ? 16.597  -4.418  13.573  1.00 21.52  ? 59  A   A OP1   1 
ATOM   895  O  OP2   . A   A 1 45 ? 14.058  -4.091  13.441  1.00 18.63  ? 59  A   A OP2   1 
ATOM   896  O  "O5'" . A   A 1 45 ? 15.560  -2.912  11.842  1.00 18.75  ? 59  A   A "O5'" 1 
ATOM   897  C  "C5'" . A   A 1 45 ? 16.709  -2.759  11.008  1.00 17.31  ? 59  A   A "C5'" 1 
ATOM   898  C  "C4'" . A   A 1 45 ? 16.528  -1.587  10.060  1.00 17.76  ? 59  A   A "C4'" 1 
ATOM   899  O  "O4'" . A   A 1 45 ? 15.348  -1.804  9.245   1.00 16.01  ? 59  A   A "O4'" 1 
ATOM   900  C  "C3'" . A   A 1 45 ? 16.329  -0.214  10.692  1.00 17.96  ? 59  A   A "C3'" 1 
ATOM   901  O  "O3'" . A   A 1 45 ? 17.576  0.450   10.862  1.00 21.11  ? 59  A   A "O3'" 1 
ATOM   902  C  "C2'" . A   A 1 45 ? 15.557  0.537   9.620   1.00 14.83  ? 59  A   A "C2'" 1 
ATOM   903  O  "O2'" . A   A 1 45 ? 16.406  1.068   8.616   1.00 11.50  ? 59  A   A "O2'" 1 
ATOM   904  C  "C1'" . A   A 1 45 ? 14.684  -0.570  9.042   1.00 15.90  ? 59  A   A "C1'" 1 
ATOM   905  N  N9    . A   A 1 45 ? 13.366  -0.644  9.666   1.00 11.54  ? 59  A   A N9    1 
ATOM   906  C  C8    . A   A 1 45 ? 12.855  -1.596  10.513  1.00 12.36  ? 59  A   A C8    1 
ATOM   907  N  N7    . A   A 1 45 ? 11.593  -1.412  10.810  1.00 13.19  ? 59  A   A N7    1 
ATOM   908  C  C5    . A   A 1 45 ? 11.257  -0.245  10.125  1.00 10.69  ? 59  A   A C5    1 
ATOM   909  C  C6    . A   A 1 45 ? 10.058  0.469   9.998   1.00 10.27  ? 59  A   A C6    1 
ATOM   910  N  N6    . A   A 1 45 ? 8.904   0.099   10.563  1.00 8.63   ? 59  A   A N6    1 
ATOM   911  N  N1    . A   A 1 45 ? 10.074  1.594   9.247   1.00 5.46   ? 59  A   A N1    1 
ATOM   912  C  C2    . A   A 1 45 ? 11.219  1.961   8.661   1.00 10.38  ? 59  A   A C2    1 
ATOM   913  N  N3    . A   A 1 45 ? 12.403  1.364   8.691   1.00 7.41   ? 59  A   A N3    1 
ATOM   914  C  C4    . A   A 1 45 ? 12.351  0.252   9.446   1.00 11.49  ? 59  A   A C4    1 
ATOM   915  P  P     . C   A 1 46 ? 17.769  1.480   12.079  1.00 24.14  ? 60  C   A P     1 
ATOM   916  O  OP1   . C   A 1 46 ? 19.160  1.977   12.004  1.00 21.79  ? 60  C   A OP1   1 
ATOM   917  O  OP2   . C   A 1 46 ? 17.285  0.834   13.315  1.00 22.44  ? 60  C   A OP2   1 
ATOM   918  O  "O5'" . C   A 1 46 ? 16.761  2.677   11.774  1.00 21.51  ? 60  C   A "O5'" 1 
ATOM   919  C  "C5'" . C   A 1 46 ? 16.949  3.540   10.659  1.00 18.32  ? 60  C   A "C5'" 1 
ATOM   920  C  "C4'" . C   A 1 46 ? 15.746  4.439   10.494  1.00 18.71  ? 60  C   A "C4'" 1 
ATOM   921  O  "O4'" . C   A 1 46 ? 14.596  3.633   10.098  1.00 15.76  ? 60  C   A "O4'" 1 
ATOM   922  C  "C3'" . C   A 1 46 ? 15.278  5.119   11.772  1.00 18.16  ? 60  C   A "C3'" 1 
ATOM   923  O  "O3'" . C   A 1 46 ? 16.015  6.309   12.024  1.00 20.29  ? 60  C   A "O3'" 1 
ATOM   924  C  "C2'" . C   A 1 46 ? 13.826  5.426   11.439  1.00 16.76  ? 60  C   A "C2'" 1 
ATOM   925  O  "O2'" . C   A 1 46 ? 13.691  6.513   10.548  1.00 19.11  ? 60  C   A "O2'" 1 
ATOM   926  C  "C1'" . C   A 1 46 ? 13.419  4.143   10.721  1.00 17.54  ? 60  C   A "C1'" 1 
ATOM   927  N  N1    . C   A 1 46 ? 12.868  3.113   11.622  1.00 12.40  ? 60  C   A N1    1 
ATOM   928  C  C2    . C   A 1 46 ? 11.509  3.179   11.983  1.00 12.95  ? 60  C   A C2    1 
ATOM   929  O  O2    . C   A 1 46 ? 10.828  4.153   11.616  1.00 12.24  ? 60  C   A O2    1 
ATOM   930  N  N3    . C   A 1 46 ? 10.979  2.194   12.739  1.00 12.02  ? 60  C   A N3    1 
ATOM   931  C  C4    . C   A 1 46 ? 11.751  1.191   13.170  1.00 14.24  ? 60  C   A C4    1 
ATOM   932  N  N4    . C   A 1 46 ? 11.173  0.227   13.905  1.00 16.32  ? 60  C   A N4    1 
ATOM   933  C  C5    . C   A 1 46 ? 13.143  1.127   12.865  1.00 13.47  ? 60  C   A C5    1 
ATOM   934  C  C6    . C   A 1 46 ? 13.654  2.097   12.089  1.00 14.13  ? 60  C   A C6    1 
ATOM   935  P  P     . C   A 1 47 ? 16.166  6.857   13.531  1.00 17.63  ? 61  C   A P     1 
ATOM   936  O  OP1   . C   A 1 47 ? 17.277  7.841   13.504  1.00 23.64  ? 61  C   A OP1   1 
ATOM   937  O  OP2   . C   A 1 47 ? 16.217  5.707   14.477  1.00 18.86  ? 61  C   A OP2   1 
ATOM   938  O  "O5'" . C   A 1 47 ? 14.809  7.627   13.828  1.00 21.18  ? 61  C   A "O5'" 1 
ATOM   939  C  "C5'" . C   A 1 47 ? 14.408  8.739   13.036  1.00 19.10  ? 61  C   A "C5'" 1 
ATOM   940  C  "C4'" . C   A 1 47 ? 12.936  8.992   13.234  1.00 19.13  ? 61  C   A "C4'" 1 
ATOM   941  O  "O4'" . C   A 1 47 ? 12.200  7.781   12.918  1.00 19.32  ? 61  C   A "O4'" 1 
ATOM   942  C  "C3'" . C   A 1 47 ? 12.544  9.292   14.669  1.00 19.92  ? 61  C   A "C3'" 1 
ATOM   943  O  "O3'" . C   A 1 47 ? 12.720  10.675  14.931  1.00 21.72  ? 61  C   A "O3'" 1 
ATOM   944  C  "C2'" . C   A 1 47 ? 11.070  8.905   14.678  1.00 16.54  ? 61  C   A "C2'" 1 
ATOM   945  O  "O2'" . C   A 1 47 ? 10.271  9.906   14.079  1.00 13.52  ? 61  C   A "O2'" 1 
ATOM   946  C  "C1'" . C   A 1 47 ? 11.079  7.667   13.780  1.00 17.96  ? 61  C   A "C1'" 1 
ATOM   947  N  N1    . C   A 1 47 ? 11.160  6.380   14.498  1.00 15.49  ? 61  C   A N1    1 
ATOM   948  C  C2    . C   A 1 47 ? 9.987   5.837   15.030  1.00 15.82  ? 61  C   A C2    1 
ATOM   949  O  O2    . C   A 1 47 ? 8.931   6.480   14.925  1.00 16.39  ? 61  C   A O2    1 
ATOM   950  N  N3    . C   A 1 47 ? 10.034  4.628   15.645  1.00 13.18  ? 61  C   A N3    1 
ATOM   951  C  C4    . C   A 1 47 ? 11.198  3.975   15.753  1.00 14.13  ? 61  C   A C4    1 
ATOM   952  N  N4    . C   A 1 47 ? 11.195  2.771   16.357  1.00 8.53   ? 61  C   A N4    1 
ATOM   953  C  C5    . C   A 1 47 ? 12.415  4.519   15.245  1.00 13.16  ? 61  C   A C5    1 
ATOM   954  C  C6    . C   A 1 47 ? 12.350  5.714   14.628  1.00 15.33  ? 61  C   A C6    1 
ATOM   955  P  P     . G   A 1 48 ? 13.793  11.147  16.027  1.00 26.91  ? 62  G   A P     1 
ATOM   956  O  OP1   . G   A 1 48 ? 14.132  12.564  15.749  1.00 26.70  ? 62  G   A OP1   1 
ATOM   957  O  OP2   . G   A 1 48 ? 14.873  10.136  16.103  1.00 25.03  ? 62  G   A OP2   1 
ATOM   958  O  "O5'" . G   A 1 48 ? 12.993  11.096  17.399  1.00 26.01  ? 62  G   A "O5'" 1 
ATOM   959  C  "C5'" . G   A 1 48 ? 13.633  11.449  18.622  1.00 32.19  ? 62  G   A "C5'" 1 
ATOM   960  C  "C4'" . G   A 1 48 ? 12.725  11.146  19.788  1.00 34.99  ? 62  G   A "C4'" 1 
ATOM   961  O  "O4'" . G   A 1 48 ? 12.884  9.749   20.154  1.00 35.81  ? 62  G   A "O4'" 1 
ATOM   962  C  "C3'" . G   A 1 48 ? 13.064  11.926  21.053  1.00 37.17  ? 62  G   A "C3'" 1 
ATOM   963  O  "O3'" . G   A 1 48 ? 11.909  12.013  21.877  1.00 39.49  ? 62  G   A "O3'" 1 
ATOM   964  C  "C2'" . G   A 1 48 ? 14.105  11.042  21.724  1.00 38.05  ? 62  G   A "C2'" 1 
ATOM   965  O  "O2'" . G   A 1 48 ? 14.138  11.215  23.125  1.00 39.67  ? 62  G   A "O2'" 1 
ATOM   966  C  "C1'" . G   A 1 48 ? 13.568  9.652   21.387  1.00 37.55  ? 62  G   A "C1'" 1 
ATOM   967  N  N9    . G   A 1 48 ? 14.563  8.591   21.292  1.00 38.22  ? 62  G   A N9    1 
ATOM   968  C  C8    . G   A 1 48 ? 15.884  8.702   20.922  1.00 38.44  ? 62  G   A C8    1 
ATOM   969  N  N7    . G   A 1 48 ? 16.518  7.560   20.942  1.00 38.83  ? 62  G   A N7    1 
ATOM   970  C  C5    . G   A 1 48 ? 15.559  6.642   21.348  1.00 38.66  ? 62  G   A C5    1 
ATOM   971  C  C6    . G   A 1 48 ? 15.652  5.240   21.551  1.00 39.27  ? 62  G   A C6    1 
ATOM   972  O  O6    . G   A 1 48 ? 16.637  4.504   21.410  1.00 39.88  ? 62  G   A O6    1 
ATOM   973  N  N1    . G   A 1 48 ? 14.435  4.701   21.961  1.00 39.36  ? 62  G   A N1    1 
ATOM   974  C  C2    . G   A 1 48 ? 13.278  5.415   22.153  1.00 38.23  ? 62  G   A C2    1 
ATOM   975  N  N2    . G   A 1 48 ? 12.205  4.714   22.554  1.00 38.37  ? 62  G   A N2    1 
ATOM   976  N  N3    . G   A 1 48 ? 13.180  6.721   21.968  1.00 38.47  ? 62  G   A N3    1 
ATOM   977  C  C4    . G   A 1 48 ? 14.349  7.264   21.568  1.00 38.62  ? 62  G   A C4    1 
ATOM   978  P  P     . U   A 1 49 ? 11.404  13.444  22.384  1.00 40.37  ? 63  U   A P     1 
ATOM   979  O  OP1   . U   A 1 49 ? 11.959  14.469  21.464  1.00 41.30  ? 63  U   A OP1   1 
ATOM   980  O  OP2   . U   A 1 49 ? 11.659  13.546  23.841  1.00 41.41  ? 63  U   A OP2   1 
ATOM   981  O  "O5'" . U   A 1 49 ? 9.832   13.394  22.171  1.00 40.52  ? 63  U   A "O5'" 1 
ATOM   982  C  "C5'" . U   A 1 49 ? 9.278   13.118  20.892  1.00 38.84  ? 63  U   A "C5'" 1 
ATOM   983  C  "C4'" . U   A 1 49 ? 7.781   13.035  21.001  1.00 38.18  ? 63  U   A "C4'" 1 
ATOM   984  O  "O4'" . U   A 1 49 ? 7.393   11.686  20.593  1.00 37.20  ? 63  U   A "O4'" 1 
ATOM   985  C  "C3'" . U   A 1 49 ? 7.318   13.164  22.446  1.00 37.52  ? 63  U   A "C3'" 1 
ATOM   986  O  "O3'" . U   A 1 49 ? 6.273   14.085  22.778  1.00 39.13  ? 63  U   A "O3'" 1 
ATOM   987  C  "C2'" . U   A 1 49 ? 7.295   11.735  22.977  1.00 37.23  ? 63  U   A "C2'" 1 
ATOM   988  O  "O2'" . U   A 1 49 ? 6.278   11.502  23.930  1.00 37.35  ? 63  U   A "O2'" 1 
ATOM   989  C  "C1'" . U   A 1 49 ? 6.973   10.929  21.719  1.00 36.37  ? 63  U   A "C1'" 1 
ATOM   990  N  N1    . U   A 1 49 ? 7.672   9.632   21.725  1.00 34.31  ? 63  U   A N1    1 
ATOM   991  C  C2    . U   A 1 49 ? 6.921   8.507   22.019  1.00 34.03  ? 63  U   A C2    1 
ATOM   992  O  O2    . U   A 1 49 ? 5.719   8.547   22.190  1.00 31.97  ? 63  U   A O2    1 
ATOM   993  N  N3    . U   A 1 49 ? 7.631   7.333   22.102  1.00 32.15  ? 63  U   A N3    1 
ATOM   994  C  C4    . U   A 1 49 ? 8.988   7.170   21.915  1.00 33.39  ? 63  U   A C4    1 
ATOM   995  O  O4    . U   A 1 49 ? 9.499   6.065   22.119  1.00 31.37  ? 63  U   A O4    1 
ATOM   996  C  C5    . U   A 1 49 ? 9.691   8.373   21.570  1.00 32.59  ? 63  U   A C5    1 
ATOM   997  C  C6    . U   A 1 49 ? 9.023   9.534   21.488  1.00 33.62  ? 63  U   A C6    1 
ATOM   998  P  P     . A   A 1 50 ? 4.948   14.175  21.882  1.00 38.13  ? 64  A   A P     1 
ATOM   999  O  OP1   . A   A 1 50 ? 3.906   14.865  22.681  1.00 40.11  ? 64  A   A OP1   1 
ATOM   1000 O  OP2   . A   A 1 50 ? 4.668   12.826  21.322  1.00 39.53  ? 64  A   A OP2   1 
ATOM   1001 O  "O5'" . A   A 1 50 ? 5.339   15.148  20.686  1.00 36.42  ? 64  A   A "O5'" 1 
ATOM   1002 C  "C5'" . A   A 1 50 ? 4.390   15.449  19.672  1.00 32.93  ? 64  A   A "C5'" 1 
ATOM   1003 C  "C4'" . A   A 1 50 ? 5.059   15.493  18.321  1.00 30.66  ? 64  A   A "C4'" 1 
ATOM   1004 O  "O4'" . A   A 1 50 ? 6.209   14.609  18.305  1.00 28.72  ? 64  A   A "O4'" 1 
ATOM   1005 C  "C3'" . A   A 1 50 ? 4.179   15.043  17.167  1.00 29.66  ? 64  A   A "C3'" 1 
ATOM   1006 O  "O3'" . A   A 1 50 ? 3.464   16.172  16.677  1.00 30.52  ? 64  A   A "O3'" 1 
ATOM   1007 C  "C2'" . A   A 1 50 ? 5.195   14.519  16.157  1.00 27.35  ? 64  A   A "C2'" 1 
ATOM   1008 O  "O2'" . A   A 1 50 ? 5.773   15.546  15.369  1.00 26.80  ? 64  A   A "O2'" 1 
ATOM   1009 C  "C1'" . A   A 1 50 ? 6.267   13.919  17.071  1.00 26.11  ? 64  A   A "C1'" 1 
ATOM   1010 N  N9    . A   A 1 50 ? 6.146   12.491  17.367  1.00 22.69  ? 64  A   A N9    1 
ATOM   1011 C  C8    . A   A 1 50 ? 5.034   11.781  17.746  1.00 22.49  ? 64  A   A C8    1 
ATOM   1012 N  N7    . A   A 1 50 ? 5.285   10.528  18.043  1.00 21.83  ? 64  A   A N7    1 
ATOM   1013 C  C5    . A   A 1 50 ? 6.651   10.398  17.822  1.00 20.09  ? 64  A   A C5    1 
ATOM   1014 C  C6    . A   A 1 50 ? 7.540   9.317   17.976  1.00 20.46  ? 64  A   A C6    1 
ATOM   1015 N  N6    . A   A 1 50 ? 7.173   8.103   18.409  1.00 18.93  ? 64  A   A N6    1 
ATOM   1016 N  N1    . A   A 1 50 ? 8.841   9.526   17.671  1.00 20.15  ? 64  A   A N1    1 
ATOM   1017 C  C2    . A   A 1 50 ? 9.211   10.738  17.241  1.00 18.35  ? 64  A   A C2    1 
ATOM   1018 N  N3    . A   A 1 50 ? 8.469   11.832  17.058  1.00 19.32  ? 64  A   A N3    1 
ATOM   1019 C  C4    . A   A 1 50 ? 7.187   11.593  17.377  1.00 21.55  ? 64  A   A C4    1 
ATOM   1020 P  P     . A   A 1 51 ? 2.059   15.967  15.930  1.00 30.36  ? 65  A   A P     1 
ATOM   1021 O  OP1   . A   A 1 51 ? 1.434   17.309  15.762  1.00 31.92  ? 65  A   A OP1   1 
ATOM   1022 O  OP2   . A   A 1 51 ? 1.305   14.889  16.625  1.00 31.90  ? 65  A   A OP2   1 
ATOM   1023 O  "O5'" . A   A 1 51 ? 2.476   15.444  14.483  1.00 28.64  ? 65  A   A "O5'" 1 
ATOM   1024 C  "C5'" . A   A 1 51 ? 3.171   16.300  13.589  1.00 22.98  ? 65  A   A "C5'" 1 
ATOM   1025 C  "C4'" . A   A 1 51 ? 3.609   15.558  12.341  1.00 20.12  ? 65  A   A "C4'" 1 
ATOM   1026 O  "O4'" . A   A 1 51 ? 4.476   14.432  12.702  1.00 20.87  ? 65  A   A "O4'" 1 
ATOM   1027 C  "C3'" . A   A 1 51 ? 2.447   14.927  11.567  1.00 19.53  ? 65  A   A "C3'" 1 
ATOM   1028 O  "O3'" . A   A 1 51 ? 2.882   14.765  10.219  1.00 19.36  ? 65  A   A "O3'" 1 
ATOM   1029 C  "C2'" . A   A 1 51 ? 2.338   13.549  12.224  1.00 20.58  ? 65  A   A "C2'" 1 
ATOM   1030 O  "O2'" . A   A 1 51 ? 1.727   12.572  11.407  1.00 21.93  ? 65  A   A "O2'" 1 
ATOM   1031 C  "C1'" . A   A 1 51 ? 3.816   13.226  12.391  1.00 19.86  ? 65  A   A "C1'" 1 
ATOM   1032 N  N9    . A   A 1 51 ? 4.246   12.146  13.281  1.00 18.24  ? 65  A   A N9    1 
ATOM   1033 C  C8    . A   A 1 51 ? 3.537   11.466  14.242  1.00 19.56  ? 65  A   A C8    1 
ATOM   1034 N  N7    . A   A 1 51 ? 4.212   10.486  14.802  1.00 17.13  ? 65  A   A N7    1 
ATOM   1035 C  C5    . A   A 1 51 ? 5.453   10.536  14.177  1.00 16.73  ? 65  A   A C5    1 
ATOM   1036 C  C6    . A   A 1 51 ? 6.610   9.743   14.296  1.00 16.58  ? 65  A   A C6    1 
ATOM   1037 N  N6    . A   A 1 51 ? 6.711   8.694   15.119  1.00 18.93  ? 65  A   A N6    1 
ATOM   1038 N  N1    . A   A 1 51 ? 7.675   10.062  13.526  1.00 18.87  ? 65  A   A N1    1 
ATOM   1039 C  C2    . A   A 1 51 ? 7.569   11.107  12.687  1.00 19.93  ? 65  A   A C2    1 
ATOM   1040 N  N3    . A   A 1 51 ? 6.534   11.916  12.478  1.00 19.15  ? 65  A   A N3    1 
ATOM   1041 C  C4    . A   A 1 51 ? 5.494   11.572  13.259  1.00 18.97  ? 65  A   A C4    1 
ATOM   1042 P  P     . A   A 1 52 ? 1.898   15.092  8.992   1.00 20.39  ? 66  A   A P     1 
ATOM   1043 O  OP1   . A   A 1 52 ? 2.218   16.455  8.479   1.00 25.52  ? 66  A   A OP1   1 
ATOM   1044 O  OP2   . A   A 1 52 ? 0.501   14.771  9.387   1.00 19.34  ? 66  A   A OP2   1 
ATOM   1045 O  "O5'" . A   A 1 52 ? 2.350   14.058  7.871   1.00 20.60  ? 66  A   A "O5'" 1 
ATOM   1046 C  "C5'" . A   A 1 52 ? 2.423   12.657  8.152   1.00 18.47  ? 66  A   A "C5'" 1 
ATOM   1047 C  "C4'" . A   A 1 52 ? 3.817   12.144  7.880   1.00 17.80  ? 66  A   A "C4'" 1 
ATOM   1048 O  "O4'" . A   A 1 52 ? 4.596   12.166  9.111   1.00 17.25  ? 66  A   A "O4'" 1 
ATOM   1049 C  "C3'" . A   A 1 52 ? 3.909   10.687  7.474   1.00 15.20  ? 66  A   A "C3'" 1 
ATOM   1050 O  "O3'" . A   A 1 52 ? 3.536   10.459  6.127   1.00 12.84  ? 66  A   A "O3'" 1 
ATOM   1051 C  "C2'" . A   A 1 52 ? 5.372   10.404  7.752   1.00 16.57  ? 66  A   A "C2'" 1 
ATOM   1052 O  "O2'" . A   A 1 52 ? 6.256   10.993  6.819   1.00 13.64  ? 66  A   A "O2'" 1 
ATOM   1053 C  "C1'" . A   A 1 52 ? 5.502   11.064  9.119   1.00 18.45  ? 66  A   A "C1'" 1 
ATOM   1054 N  N9    . A   A 1 52 ? 5.071   10.100  10.131  1.00 15.64  ? 66  A   A N9    1 
ATOM   1055 C  C8    . A   A 1 52 ? 3.902   10.024  10.847  1.00 16.52  ? 66  A   A C8    1 
ATOM   1056 N  N7    . A   A 1 52 ? 3.831   8.972   11.633  1.00 14.97  ? 66  A   A N7    1 
ATOM   1057 C  C5    . A   A 1 52 ? 5.036   8.317   11.420  1.00 14.24  ? 66  A   A C5    1 
ATOM   1058 C  C6    . A   A 1 52 ? 5.572   7.121   11.931  1.00 13.18  ? 66  A   A C6    1 
ATOM   1059 N  N6    . A   A 1 52 ? 4.922   6.323   12.795  1.00 16.46  ? 66  A   A N6    1 
ATOM   1060 N  N1    . A   A 1 52 ? 6.807   6.758   11.514  1.00 11.70  ? 66  A   A N1    1 
ATOM   1061 C  C2    . A   A 1 52 ? 7.447   7.540   10.638  1.00 14.88  ? 66  A   A C2    1 
ATOM   1062 N  N3    . A   A 1 52 ? 7.041   8.682   10.074  1.00 14.29  ? 66  A   A N3    1 
ATOM   1063 C  C4    . A   A 1 52 ? 5.816   9.014   10.513  1.00 14.09  ? 66  A   A C4    1 
ATOM   1064 P  P     . U   A 1 53 ? 2.512   9.277   5.797   1.00 10.68  ? 67  U   A P     1 
ATOM   1065 O  OP1   . U   A 1 53 ? 2.391   9.135   4.324   1.00 18.12  ? 67  U   A OP1   1 
ATOM   1066 O  OP2   . U   A 1 53 ? 1.291   9.532   6.613   1.00 15.29  ? 67  U   A OP2   1 
ATOM   1067 O  "O5'" . U   A 1 53 ? 3.234   7.998   6.422   1.00 12.50  ? 67  U   A "O5'" 1 
ATOM   1068 C  "C5'" . U   A 1 53 ? 3.926   7.072   5.600   1.00 12.43  ? 67  U   A "C5'" 1 
ATOM   1069 C  "C4'" . U   A 1 53 ? 5.418   7.301   5.692   1.00 14.15  ? 67  U   A "C4'" 1 
ATOM   1070 O  "O4'" . U   A 1 53 ? 5.874   7.180   7.070   1.00 15.55  ? 67  U   A "O4'" 1 
ATOM   1071 C  "C3'" . U   A 1 53 ? 6.252   6.288   4.932   1.00 16.23  ? 67  U   A "C3'" 1 
ATOM   1072 O  "O3'" . U   A 1 53 ? 6.360   6.676   3.568   1.00 20.13  ? 67  U   A "O3'" 1 
ATOM   1073 C  "C2'" . U   A 1 53 ? 7.586   6.395   5.645   1.00 16.47  ? 67  U   A "C2'" 1 
ATOM   1074 O  "O2'" . U   A 1 53 ? 8.264   7.560   5.237   1.00 16.60  ? 67  U   A "O2'" 1 
ATOM   1075 C  "C1'" . U   A 1 53 ? 7.131   6.521   7.102   1.00 14.18  ? 67  U   A "C1'" 1 
ATOM   1076 N  N1    . U   A 1 53 ? 6.954   5.235   7.798   1.00 12.75  ? 67  U   A N1    1 
ATOM   1077 C  C2    . U   A 1 53 ? 8.077   4.468   8.067   1.00 12.24  ? 67  U   A C2    1 
ATOM   1078 O  O2    . U   A 1 53 ? 9.211   4.801   7.747   1.00 11.84  ? 67  U   A O2    1 
ATOM   1079 N  N3    . U   A 1 53 ? 7.829   3.294   8.734   1.00 11.84  ? 67  U   A N3    1 
ATOM   1080 C  C4    . U   A 1 53 ? 6.605   2.823   9.156   1.00 13.56  ? 67  U   A C4    1 
ATOM   1081 O  O4    . U   A 1 53 ? 6.540   1.740   9.752   1.00 15.08  ? 67  U   A O4    1 
ATOM   1082 C  C5    . U   A 1 53 ? 5.498   3.676   8.840   1.00 15.17  ? 67  U   A C5    1 
ATOM   1083 C  C6    . U   A 1 53 ? 5.709   4.817   8.183   1.00 13.42  ? 67  U   A C6    1 
ATOM   1084 P  P     . G   A 1 54 ? 6.353   5.555   2.421   1.00 18.83  ? 68  G   A P     1 
ATOM   1085 O  OP1   . G   A 1 54 ? 6.197   6.242   1.112   1.00 22.66  ? 68  G   A OP1   1 
ATOM   1086 O  OP2   . G   A 1 54 ? 5.387   4.503   2.813   1.00 22.45  ? 68  G   A OP2   1 
ATOM   1087 O  "O5'" . G   A 1 54 ? 7.827   4.955   2.483   1.00 18.04  ? 68  G   A "O5'" 1 
ATOM   1088 C  "C5'" . G   A 1 54 ? 8.939   5.735   2.056   1.00 14.03  ? 68  G   A "C5'" 1 
ATOM   1089 C  "C4'" . G   A 1 54 ? 10.225  5.030   2.392   1.00 14.13  ? 68  G   A "C4'" 1 
ATOM   1090 O  "O4'" . G   A 1 54 ? 10.279  4.800   3.826   1.00 17.40  ? 68  G   A "O4'" 1 
ATOM   1091 C  "C3'" . G   A 1 54 ? 10.357  3.644   1.785   1.00 15.76  ? 68  G   A "C3'" 1 
ATOM   1092 O  "O3'" . G   A 1 54 ? 10.890  3.751   0.469   1.00 14.81  ? 68  G   A "O3'" 1 
ATOM   1093 C  "C2'" . G   A 1 54 ? 11.360  2.994   2.732   1.00 15.57  ? 68  G   A "C2'" 1 
ATOM   1094 O  "O2'" . G   A 1 54 ? 12.683  3.416   2.475   1.00 18.57  ? 68  G   A "O2'" 1 
ATOM   1095 C  "C1'" . G   A 1 54 ? 10.897  3.546   4.080   1.00 16.61  ? 68  G   A "C1'" 1 
ATOM   1096 N  N9    . G   A 1 54 ? 9.930   2.673   4.743   1.00 11.94  ? 68  G   A N9    1 
ATOM   1097 C  C8    . G   A 1 54 ? 8.577   2.866   4.890   1.00 9.60   ? 68  G   A C8    1 
ATOM   1098 N  N7    . G   A 1 54 ? 7.986   1.893   5.540   1.00 10.47  ? 68  G   A N7    1 
ATOM   1099 C  C5    . G   A 1 54 ? 9.017   1.009   5.843   1.00 10.30  ? 68  G   A C5    1 
ATOM   1100 C  C6    . G   A 1 54 ? 8.999   -0.233  6.546   1.00 8.16   ? 68  G   A C6    1 
ATOM   1101 O  O6    . G   A 1 54 ? 8.034   -0.807  7.091   1.00 14.37  ? 68  G   A O6    1 
ATOM   1102 N  N1    . G   A 1 54 ? 10.272  -0.809  6.594   1.00 9.48   ? 68  G   A N1    1 
ATOM   1103 C  C2    . G   A 1 54 ? 11.412  -0.254  6.059   1.00 11.30  ? 68  G   A C2    1 
ATOM   1104 N  N2    . G   A 1 54 ? 12.550  -0.948  6.207   1.00 9.94   ? 68  G   A N2    1 
ATOM   1105 N  N3    . G   A 1 54 ? 11.438  0.902   5.422   1.00 12.18  ? 68  G   A N3    1 
ATOM   1106 C  C4    . G   A 1 54 ? 10.218  1.472   5.349   1.00 12.24  ? 68  G   A C4    1 
ATOM   1107 P  P     . U   A 1 55 ? 10.490  2.671   -0.648  1.00 17.19  ? 69  U   A P     1 
ATOM   1108 O  OP1   . U   A 1 55 ? 11.065  3.146   -1.943  1.00 19.06  ? 69  U   A OP1   1 
ATOM   1109 O  OP2   . U   A 1 55 ? 9.037   2.390   -0.553  1.00 17.66  ? 69  U   A OP2   1 
ATOM   1110 O  "O5'" . U   A 1 55 ? 11.273  1.354   -0.202  1.00 17.18  ? 69  U   A "O5'" 1 
ATOM   1111 C  "C5'" . U   A 1 55 ? 12.698  1.318   -0.178  1.00 16.90  ? 69  U   A "C5'" 1 
ATOM   1112 C  "C4'" . U   A 1 55 ? 13.176  0.056   0.518   1.00 16.62  ? 69  U   A "C4'" 1 
ATOM   1113 O  "O4'" . U   A 1 55 ? 12.719  0.083   1.898   1.00 14.74  ? 69  U   A "O4'" 1 
ATOM   1114 C  "C3'" . U   A 1 55 ? 12.625  -1.255  -0.022  1.00 16.73  ? 69  U   A "C3'" 1 
ATOM   1115 O  "O3'" . U   A 1 55 ? 13.393  -1.715  -1.125  1.00 19.36  ? 69  U   A "O3'" 1 
ATOM   1116 C  "C2'" . U   A 1 55 ? 12.782  -2.172  1.185   1.00 16.23  ? 69  U   A "C2'" 1 
ATOM   1117 O  "O2'" . U   A 1 55 ? 14.123  -2.578  1.399   1.00 21.26  ? 69  U   A "O2'" 1 
ATOM   1118 C  "C1'" . U   A 1 55 ? 12.387  -1.229  2.315   1.00 16.91  ? 69  U   A "C1'" 1 
ATOM   1119 N  N1    . U   A 1 55 ? 10.958  -1.272  2.648   1.00 15.52  ? 69  U   A N1    1 
ATOM   1120 C  C2    . U   A 1 55 ? 10.540  -2.276  3.498   1.00 15.70  ? 69  U   A C2    1 
ATOM   1121 O  O2    . U   A 1 55 ? 11.286  -3.160  3.898   1.00 16.28  ? 69  U   A O2    1 
ATOM   1122 N  N3    . U   A 1 55 ? 9.214   -2.225  3.848   1.00 14.15  ? 69  U   A N3    1 
ATOM   1123 C  C4    . U   A 1 55 ? 8.271   -1.320  3.420   1.00 14.10  ? 69  U   A C4    1 
ATOM   1124 O  O4    . U   A 1 55 ? 7.113   -1.393  3.861   1.00 14.67  ? 69  U   A O4    1 
ATOM   1125 C  C5    . U   A 1 55 ? 8.763   -0.337  2.499   1.00 13.10  ? 69  U   A C5    1 
ATOM   1126 C  C6    . U   A 1 55 ? 10.063  -0.344  2.155   1.00 11.26  ? 69  U   A C6    1 
ATOM   1127 P  P     . C   A 1 56 ? 12.688  -2.555  -2.299  1.00 18.93  ? 70  C   A P     1 
ATOM   1128 O  OP1   . C   A 1 56 ? 13.600  -2.482  -3.475  1.00 18.08  ? 70  C   A OP1   1 
ATOM   1129 O  OP2   . C   A 1 56 ? 11.275  -2.130  -2.441  1.00 18.00  ? 70  C   A OP2   1 
ATOM   1130 O  "O5'" . C   A 1 56 ? 12.681  -4.057  -1.762  1.00 17.54  ? 70  C   A "O5'" 1 
ATOM   1131 C  "C5'" . C   A 1 56 ? 13.905  -4.737  -1.495  1.00 16.80  ? 70  C   A "C5'" 1 
ATOM   1132 C  "C4'" . C   A 1 56 ? 13.650  -5.963  -0.652  1.00 15.43  ? 70  C   A "C4'" 1 
ATOM   1133 O  "O4'" . C   A 1 56 ? 13.113  -5.565  0.637   1.00 11.17  ? 70  C   A "O4'" 1 
ATOM   1134 C  "C3'" . C   A 1 56 ? 12.606  -6.926  -1.187  1.00 15.01  ? 70  C   A "C3'" 1 
ATOM   1135 O  "O3'" . C   A 1 56 ? 13.201  -7.796  -2.142  1.00 13.71  ? 70  C   A "O3'" 1 
ATOM   1136 C  "C2'" . C   A 1 56 ? 12.230  -7.688  0.074   1.00 14.48  ? 70  C   A "C2'" 1 
ATOM   1137 O  "O2'" . C   A 1 56 ? 13.229  -8.626  0.441   1.00 19.88  ? 70  C   A "O2'" 1 
ATOM   1138 C  "C1'" . C   A 1 56 ? 12.204  -6.556  1.100   1.00 14.22  ? 70  C   A "C1'" 1 
ATOM   1139 N  N1    . C   A 1 56 ? 10.882  -5.930  1.245   1.00 14.16  ? 70  C   A N1    1 
ATOM   1140 C  C2    . C   A 1 56 ? 9.977   -6.480  2.148   1.00 13.50  ? 70  C   A C2    1 
ATOM   1141 O  O2    . C   A 1 56 ? 10.287  -7.527  2.744   1.00 13.68  ? 70  C   A O2    1 
ATOM   1142 N  N3    . C   A 1 56 ? 8.786   -5.875  2.344   1.00 16.22  ? 70  C   A N3    1 
ATOM   1143 C  C4    . C   A 1 56 ? 8.478   -4.768  1.656   1.00 14.02  ? 70  C   A C4    1 
ATOM   1144 N  N4    . C   A 1 56 ? 7.301   -4.183  1.902   1.00 16.10  ? 70  C   A N4    1 
ATOM   1145 C  C5    . C   A 1 56 ? 9.366   -4.212  0.693   1.00 13.22  ? 70  C   A C5    1 
ATOM   1146 C  C6    . C   A 1 56 ? 10.547  -4.817  0.520   1.00 13.61  ? 70  C   A C6    1 
ATOM   1147 P  P     . C   A 1 57 ? 12.381  -8.241  -3.438  1.00 17.64  ? 71  C   A P     1 
ATOM   1148 O  OP1   . C   A 1 57 ? 13.388  -8.839  -4.350  1.00 18.41  ? 71  C   A OP1   1 
ATOM   1149 O  OP2   . C   A 1 57 ? 11.540  -7.118  -3.911  1.00 16.55  ? 71  C   A OP2   1 
ATOM   1150 O  "O5'" . C   A 1 57 ? 11.415  -9.405  -2.932  1.00 10.00  ? 71  C   A "O5'" 1 
ATOM   1151 C  "C5'" . C   A 1 57 ? 11.944  -10.659 -2.501  1.00 7.03   ? 71  C   A "C5'" 1 
ATOM   1152 C  "C4'" . C   A 1 57 ? 10.980  -11.344 -1.548  1.00 15.00  ? 71  C   A "C4'" 1 
ATOM   1153 O  "O4'" . C   A 1 57 ? 10.726  -10.491 -0.399  1.00 14.10  ? 71  C   A "O4'" 1 
ATOM   1154 C  "C3'" . C   A 1 57 ? 9.583   -11.648 -2.061  1.00 14.34  ? 71  C   A "C3'" 1 
ATOM   1155 O  "O3'" . C   A 1 57 ? 9.544   -12.815 -2.875  1.00 15.50  ? 71  C   A "O3'" 1 
ATOM   1156 C  "C2'" . C   A 1 57 ? 8.844   -11.874 -0.750  1.00 13.40  ? 71  C   A "C2'" 1 
ATOM   1157 O  "O2'" . C   A 1 57 ? 9.176   -13.103 -0.133  1.00 16.87  ? 71  C   A "O2'" 1 
ATOM   1158 C  "C1'" . C   A 1 57 ? 9.408   -10.732 0.086   1.00 15.98  ? 71  C   A "C1'" 1 
ATOM   1159 N  N1    . C   A 1 57 ? 8.612   -9.504  -0.064  1.00 14.34  ? 71  C   A N1    1 
ATOM   1160 C  C2    . C   A 1 57 ? 7.430   -9.377  0.685   1.00 15.09  ? 71  C   A C2    1 
ATOM   1161 O  O2    . C   A 1 57 ? 7.077   -10.317 1.413   1.00 17.75  ? 71  C   A O2    1 
ATOM   1162 N  N3    . C   A 1 57 ? 6.704   -8.244  0.583   1.00 15.99  ? 71  C   A N3    1 
ATOM   1163 C  C4    . C   A 1 57 ? 7.103   -7.267  -0.238  1.00 15.47  ? 71  C   A C4    1 
ATOM   1164 N  N4    . C   A 1 57 ? 6.360   -6.164  -0.307  1.00 18.25  ? 71  C   A N4    1 
ATOM   1165 C  C5    . C   A 1 57 ? 8.289   -7.381  -1.030  1.00 12.62  ? 71  C   A C5    1 
ATOM   1166 C  C6    . C   A 1 57 ? 9.006   -8.505  -0.908  1.00 15.18  ? 71  C   A C6    1 
ATOM   1167 P  P     . G   A 1 58 ? 8.396   -12.968 -3.990  1.00 14.90  ? 72  G   A P     1 
ATOM   1168 O  OP1   . G   A 1 58 ? 8.602   -14.256 -4.695  1.00 16.30  ? 72  G   A OP1   1 
ATOM   1169 O  OP2   . G   A 1 58 ? 8.336   -11.703 -4.770  1.00 17.30  ? 72  G   A OP2   1 
ATOM   1170 O  "O5'" . G   A 1 58 ? 7.048   -13.068 -3.144  1.00 14.45  ? 72  G   A "O5'" 1 
ATOM   1171 C  "C5'" . G   A 1 58 ? 6.795   -14.207 -2.331  1.00 17.47  ? 72  G   A "C5'" 1 
ATOM   1172 C  "C4'" . G   A 1 58 ? 5.503   -14.031 -1.579  1.00 18.22  ? 72  G   A "C4'" 1 
ATOM   1173 O  "O4'" . G   A 1 58 ? 5.604   -12.873 -0.712  1.00 18.96  ? 72  G   A "O4'" 1 
ATOM   1174 C  "C3'" . G   A 1 58 ? 4.294   -13.728 -2.443  1.00 20.03  ? 72  G   A "C3'" 1 
ATOM   1175 O  "O3'" . G   A 1 58 ? 3.780   -14.943 -2.962  1.00 23.40  ? 72  G   A "O3'" 1 
ATOM   1176 C  "C2'" . G   A 1 58 ? 3.353   -13.095 -1.429  1.00 19.84  ? 72  G   A "C2'" 1 
ATOM   1177 O  "O2'" . G   A 1 58 ? 2.741   -14.062 -0.600  1.00 22.41  ? 72  G   A "O2'" 1 
ATOM   1178 C  "C1'" . G   A 1 58 ? 4.333   -12.259 -0.601  1.00 19.40  ? 72  G   A "C1'" 1 
ATOM   1179 N  N9    . G   A 1 58 ? 4.433   -10.882 -1.072  1.00 16.82  ? 72  G   A N9    1 
ATOM   1180 C  C8    . G   A 1 58 ? 5.408   -10.324 -1.872  1.00 18.79  ? 72  G   A C8    1 
ATOM   1181 N  N7    . G   A 1 58 ? 5.185   -9.061  -2.140  1.00 17.48  ? 72  G   A N7    1 
ATOM   1182 C  C5    . G   A 1 58 ? 3.999   -8.774  -1.469  1.00 17.04  ? 72  G   A C5    1 
ATOM   1183 C  C6    . G   A 1 58 ? 3.244   -7.567  -1.394  1.00 15.37  ? 72  G   A C6    1 
ATOM   1184 O  O6    . G   A 1 58 ? 3.486   -6.462  -1.925  1.00 14.75  ? 72  G   A O6    1 
ATOM   1185 N  N1    . G   A 1 58 ? 2.098   -7.732  -0.613  1.00 15.27  ? 72  G   A N1    1 
ATOM   1186 C  C2    . G   A 1 58 ? 1.727   -8.909  0.013   1.00 15.91  ? 72  G   A C2    1 
ATOM   1187 N  N2    . G   A 1 58 ? 0.583   -8.894  0.724   1.00 17.66  ? 72  G   A N2    1 
ATOM   1188 N  N3    . G   A 1 58 ? 2.421   -10.024 -0.051  1.00 15.65  ? 72  G   A N3    1 
ATOM   1189 C  C4    . G   A 1 58 ? 3.533   -9.889  -0.804  1.00 17.76  ? 72  G   A C4    1 
ATOM   1190 P  P     . A   A 1 59 ? 2.961   -14.940 -4.341  1.00 25.45  ? 73  A   A P     1 
ATOM   1191 O  OP1   . A   A 1 59 ? 3.029   -16.315 -4.905  1.00 27.70  ? 73  A   A OP1   1 
ATOM   1192 O  OP2   . A   A 1 59 ? 3.386   -13.793 -5.176  1.00 27.41  ? 73  A   A OP2   1 
ATOM   1193 O  "O5'" . A   A 1 59 ? 1.467   -14.658 -3.870  1.00 26.37  ? 73  A   A "O5'" 1 
ATOM   1194 C  "C5'" . A   A 1 59 ? 0.413   -14.550 -4.816  1.00 28.21  ? 73  A   A "C5'" 1 
ATOM   1195 C  "C4'" . A   A 1 59 ? -0.829  -14.014 -4.147  1.00 28.13  ? 73  A   A "C4'" 1 
ATOM   1196 O  "O4'" . A   A 1 59 ? -0.594  -12.641 -3.721  1.00 28.85  ? 73  A   A "O4'" 1 
ATOM   1197 C  "C3'" . A   A 1 59 ? -2.055  -13.939 -5.040  1.00 28.68  ? 73  A   A "C3'" 1 
ATOM   1198 O  "O3'" . A   A 1 59 ? -2.742  -15.185 -5.014  1.00 30.25  ? 73  A   A "O3'" 1 
ATOM   1199 C  "C2'" . A   A 1 59 ? -2.858  -12.832 -4.368  1.00 29.30  ? 73  A   A "C2'" 1 
ATOM   1200 O  "O2'" . A   A 1 59 ? -3.504  -13.266 -3.188  1.00 30.13  ? 73  A   A "O2'" 1 
ATOM   1201 C  "C1'" . A   A 1 59 ? -1.747  -11.860 -3.972  1.00 28.45  ? 73  A   A "C1'" 1 
ATOM   1202 N  N9    . A   A 1 59 ? -1.422  -10.862 -4.994  1.00 28.18  ? 73  A   A N9    1 
ATOM   1203 C  C8    . A   A 1 59 ? -0.331  -10.816 -5.827  1.00 28.02  ? 73  A   A C8    1 
ATOM   1204 N  N7    . A   A 1 59 ? -0.308  -9.762  -6.611  1.00 28.14  ? 73  A   A N7    1 
ATOM   1205 C  C5    . A   A 1 59 ? -1.468  -9.073  -6.277  1.00 27.54  ? 73  A   A C5    1 
ATOM   1206 C  C6    . A   A 1 59 ? -2.023  -7.866  -6.740  1.00 27.23  ? 73  A   A C6    1 
ATOM   1207 N  N6    . A   A 1 59 ? -1.463  -7.101  -7.679  1.00 25.22  ? 73  A   A N6    1 
ATOM   1208 N  N1    . A   A 1 59 ? -3.190  -7.462  -6.192  1.00 26.72  ? 73  A   A N1    1 
ATOM   1209 C  C2    . A   A 1 59 ? -3.752  -8.223  -5.250  1.00 27.37  ? 73  A   A C2    1 
ATOM   1210 N  N3    . A   A 1 59 ? -3.330  -9.374  -4.732  1.00 27.97  ? 73  A   A N3    1 
ATOM   1211 C  C4    . A   A 1 59 ? -2.168  -9.747  -5.292  1.00 27.90  ? 73  A   A C4    1 
ATOM   1212 P  P     . U   A 1 60 ? -3.514  -15.702 -6.331  1.00 30.69  ? 74  U   A P     1 
ATOM   1213 O  OP1   . U   A 1 60 ? -4.081  -17.039 -6.020  1.00 32.43  ? 74  U   A OP1   1 
ATOM   1214 O  OP2   . U   A 1 60 ? -2.621  -15.537 -7.503  1.00 30.54  ? 74  U   A OP2   1 
ATOM   1215 O  "O5'" . U   A 1 60 ? -4.718  -14.676 -6.500  1.00 32.45  ? 74  U   A "O5'" 1 
ATOM   1216 C  "C5'" . U   A 1 60 ? -5.718  -14.559 -5.499  1.00 32.31  ? 74  U   A "C5'" 1 
ATOM   1217 C  "C4'" . U   A 1 60 ? -6.506  -13.293 -5.706  1.00 32.24  ? 74  U   A "C4'" 1 
ATOM   1218 O  "O4'" . U   A 1 60 ? -5.620  -12.148 -5.575  1.00 31.72  ? 74  U   A "O4'" 1 
ATOM   1219 C  "C3'" . U   A 1 60 ? -7.106  -13.108 -7.088  1.00 32.08  ? 74  U   A "C3'" 1 
ATOM   1220 O  "O3'" . U   A 1 60 ? -8.321  -13.836 -7.216  1.00 32.45  ? 74  U   A "O3'" 1 
ATOM   1221 C  "C2'" . U   A 1 60 ? -7.344  -11.608 -7.099  1.00 31.92  ? 74  U   A "C2'" 1 
ATOM   1222 O  "O2'" . U   A 1 60 ? -8.452  -11.231 -6.302  1.00 32.02  ? 74  U   A "O2'" 1 
ATOM   1223 C  "C1'" . U   A 1 60 ? -6.055  -11.113 -6.440  1.00 31.13  ? 74  U   A "C1'" 1 
ATOM   1224 N  N1    . U   A 1 60 ? -4.983  -10.833 -7.407  1.00 29.06  ? 74  U   A N1    1 
ATOM   1225 C  C2    . U   A 1 60 ? -4.988  -9.592  -8.007  1.00 28.83  ? 74  U   A C2    1 
ATOM   1226 O  O2    . U   A 1 60 ? -5.837  -8.753  -7.770  1.00 29.45  ? 74  U   A O2    1 
ATOM   1227 N  N3    . U   A 1 60 ? -3.964  -9.370  -8.896  1.00 27.83  ? 74  U   A N3    1 
ATOM   1228 C  C4    . U   A 1 60 ? -2.957  -10.245 -9.240  1.00 27.76  ? 74  U   A C4    1 
ATOM   1229 O  O4    . U   A 1 60 ? -2.089  -9.886  -10.047 1.00 25.75  ? 74  U   A O4    1 
ATOM   1230 C  C5    . U   A 1 60 ? -3.022  -11.519 -8.579  1.00 26.55  ? 74  U   A C5    1 
ATOM   1231 C  C6    . U   A 1 60 ? -4.010  -11.763 -7.706  1.00 28.07  ? 74  U   A C6    1 
ATOM   1232 P  P     . U   A 1 61 ? -8.756  -14.422 -8.650  1.00 32.77  ? 75  U   A P     1 
ATOM   1233 O  OP1   . U   A 1 61 ? -10.027 -15.158 -8.440  1.00 34.24  ? 75  U   A OP1   1 
ATOM   1234 O  OP2   . U   A 1 61 ? -7.592  -15.123 -9.250  1.00 34.48  ? 75  U   A OP2   1 
ATOM   1235 O  "O5'" . U   A 1 61 ? -9.073  -13.125 -9.522  1.00 33.27  ? 75  U   A "O5'" 1 
ATOM   1236 C  "C5'" . U   A 1 61 ? -10.150 -12.270 -9.163  1.00 31.89  ? 75  U   A "C5'" 1 
ATOM   1237 C  "C4'" . U   A 1 61 ? -10.187 -11.047 -10.050 1.00 31.82  ? 75  U   A "C4'" 1 
ATOM   1238 O  "O4'" . U   A 1 61 ? -9.018  -10.220 -9.787  1.00 32.16  ? 75  U   A "O4'" 1 
ATOM   1239 C  "C3'" . U   A 1 61 ? -10.130 -11.302 -11.548 1.00 31.99  ? 75  U   A "C3'" 1 
ATOM   1240 O  "O3'" . U   A 1 61 ? -11.413 -11.620 -12.074 1.00 33.96  ? 75  U   A "O3'" 1 
ATOM   1241 C  "C2'" . U   A 1 61 ? -9.608  -9.971  -12.073 1.00 31.69  ? 75  U   A "C2'" 1 
ATOM   1242 O  "O2'" . U   A 1 61 ? -10.608 -8.972  -12.121 1.00 30.60  ? 75  U   A "O2'" 1 
ATOM   1243 C  "C1'" . U   A 1 61 ? -8.593  -9.599  -10.993 1.00 30.91  ? 75  U   A "C1'" 1 
ATOM   1244 N  N1    . U   A 1 61 ? -7.242  -10.071 -11.326 1.00 29.31  ? 75  U   A N1    1 
ATOM   1245 C  C2    . U   A 1 61 ? -6.496  -9.290  -12.188 1.00 28.41  ? 75  U   A C2    1 
ATOM   1246 O  O2    . U   A 1 61 ? -6.905  -8.237  -12.654 1.00 30.13  ? 75  U   A O2    1 
ATOM   1247 N  N3    . U   A 1 61 ? -5.251  -9.786  -12.489 1.00 28.09  ? 75  U   A N3    1 
ATOM   1248 C  C4    . U   A 1 61 ? -4.694  -10.960 -12.030 1.00 27.79  ? 75  U   A C4    1 
ATOM   1249 O  O4    . U   A 1 61 ? -3.571  -11.283 -12.410 1.00 27.22  ? 75  U   A O4    1 
ATOM   1250 C  C5    . U   A 1 61 ? -5.526  -11.706 -11.134 1.00 28.21  ? 75  U   A C5    1 
ATOM   1251 C  C6    . U   A 1 61 ? -6.740  -11.245 -10.819 1.00 28.00  ? 75  U   A C6    1 
ATOM   1252 P  P     . A   A 1 62 ? -11.535 -12.599 -13.344 1.00 34.32  ? 76  A   A P     1 
ATOM   1253 O  OP1   . A   A 1 62 ? -12.963 -12.979 -13.481 1.00 34.98  ? 76  A   A OP1   1 
ATOM   1254 O  OP2   . A   A 1 62 ? -10.505 -13.659 -13.222 1.00 35.15  ? 76  A   A OP2   1 
ATOM   1255 O  "O5'" . A   A 1 62 ? -11.132 -11.677 -14.577 1.00 34.10  ? 76  A   A "O5'" 1 
ATOM   1256 C  "C5'" . A   A 1 62 ? -11.855 -10.486 -14.860 1.00 33.16  ? 76  A   A "C5'" 1 
ATOM   1257 C  "C4'" . A   A 1 62 ? -11.266 -9.786  -16.061 1.00 33.72  ? 76  A   A "C4'" 1 
ATOM   1258 O  "O4'" . A   A 1 62 ? -10.059 -9.086  -15.659 1.00 33.63  ? 76  A   A "O4'" 1 
ATOM   1259 C  "C3'" . A   A 1 62 ? -10.803 -10.692 -17.188 1.00 34.61  ? 76  A   A "C3'" 1 
ATOM   1260 O  "O3'" . A   A 1 62 ? -11.874 -11.046 -18.050 1.00 38.20  ? 76  A   A "O3'" 1 
ATOM   1261 C  "C2'" . A   A 1 62 ? -9.779  -9.818  -17.897 1.00 34.34  ? 76  A   A "C2'" 1 
ATOM   1262 O  "O2'" . A   A 1 62 ? -10.389 -8.842  -18.718 1.00 32.40  ? 76  A   A "O2'" 1 
ATOM   1263 C  "C1'" . A   A 1 62 ? -9.109  -9.127  -16.710 1.00 33.43  ? 76  A   A "C1'" 1 
ATOM   1264 N  N9    . A   A 1 62 ? -7.926  -9.846  -16.243 1.00 33.68  ? 76  A   A N9    1 
ATOM   1265 C  C8    . A   A 1 62 ? -7.844  -10.821 -15.279 1.00 34.18  ? 76  A   A C8    1 
ATOM   1266 N  N7    . A   A 1 62 ? -6.629  -11.276 -15.090 1.00 33.71  ? 76  A   A N7    1 
ATOM   1267 C  C5    . A   A 1 62 ? -5.858  -10.552 -15.991 1.00 34.03  ? 76  A   A C5    1 
ATOM   1268 C  C6    . A   A 1 62 ? -4.481  -10.562 -16.286 1.00 34.34  ? 76  A   A C6    1 
ATOM   1269 N  N6    . A   A 1 62 ? -3.590  -11.355 -15.674 1.00 33.64  ? 76  A   A N6    1 
ATOM   1270 N  N1    . A   A 1 62 ? -4.040  -9.717  -17.241 1.00 34.94  ? 76  A   A N1    1 
ATOM   1271 C  C2    . A   A 1 62 ? -4.925  -8.919  -17.850 1.00 34.20  ? 76  A   A C2    1 
ATOM   1272 N  N3    . A   A 1 62 ? -6.235  -8.816  -17.660 1.00 34.40  ? 76  A   A N3    1 
ATOM   1273 C  C4    . A   A 1 62 ? -6.644  -9.670  -16.708 1.00 33.70  ? 76  A   A C4    1 
ATOM   1274 P  P     . U   A 1 63 ? -11.838 -12.456 -18.816 1.00 38.00  ? 77  U   A P     1 
ATOM   1275 O  OP1   . U   A 1 63 ? -13.167 -12.659 -19.447 1.00 39.92  ? 77  U   A OP1   1 
ATOM   1276 O  OP2   . U   A 1 63 ? -11.312 -13.476 -17.877 1.00 38.91  ? 77  U   A OP2   1 
ATOM   1277 O  "O5'" . U   A 1 63 ? -10.747 -12.244 -19.953 1.00 39.70  ? 77  U   A "O5'" 1 
ATOM   1278 C  "C5'" . U   A 1 63 ? -10.988 -11.356 -21.035 1.00 41.63  ? 77  U   A "C5'" 1 
ATOM   1279 C  "C4'" . U   A 1 63 ? -9.778  -11.285 -21.938 1.00 43.66  ? 77  U   A "C4'" 1 
ATOM   1280 O  "O4'" . U   A 1 63 ? -8.697  -10.629 -21.217 1.00 43.02  ? 77  U   A "O4'" 1 
ATOM   1281 C  "C3'" . U   A 1 63 ? -9.172  -12.623 -22.341 1.00 45.15  ? 77  U   A "C3'" 1 
ATOM   1282 O  "O3'" . U   A 1 63 ? -9.819  -13.226 -23.455 1.00 46.99  ? 77  U   A "O3'" 1 
ATOM   1283 C  "C2'" . U   A 1 63 ? -7.742  -12.235 -22.682 1.00 44.62  ? 77  U   A "C2'" 1 
ATOM   1284 O  "O2'" . U   A 1 63 ? -7.616  -11.652 -23.963 1.00 46.17  ? 77  U   A "O2'" 1 
ATOM   1285 C  "C1'" . U   A 1 63 ? -7.454  -11.188 -21.610 1.00 44.26  ? 77  U   A "C1'" 1 
ATOM   1286 N  N1    . U   A 1 63 ? -6.795  -11.783 -20.440 1.00 43.26  ? 77  U   A N1    1 
ATOM   1287 C  C2    . U   A 1 63 ? -5.417  -11.822 -20.453 1.00 43.58  ? 77  U   A C2    1 
ATOM   1288 O  O2    . U   A 1 63 ? -4.754  -11.359 -21.365 1.00 43.61  ? 77  U   A O2    1 
ATOM   1289 N  N3    . U   A 1 63 ? -4.842  -12.420 -19.362 1.00 43.64  ? 77  U   A N3    1 
ATOM   1290 C  C4    . U   A 1 63 ? -5.492  -12.970 -18.279 1.00 43.87  ? 77  U   A C4    1 
ATOM   1291 O  O4    . U   A 1 63 ? -4.831  -13.482 -17.370 1.00 43.91  ? 77  U   A O4    1 
ATOM   1292 C  C5    . U   A 1 63 ? -6.922  -12.878 -18.333 1.00 43.88  ? 77  U   A C5    1 
ATOM   1293 C  C6    . U   A 1 63 ? -7.509  -12.299 -19.387 1.00 43.45  ? 77  U   A C6    1 
ATOM   1294 P  P     . G   A 1 64 ? -9.549  -14.781 -23.782 1.00 48.59  ? 78  G   A P     1 
ATOM   1295 O  OP1   . G   A 1 64 ? -10.403 -15.173 -24.935 1.00 48.79  ? 78  G   A OP1   1 
ATOM   1296 O  OP2   . G   A 1 64 ? -9.655  -15.525 -22.502 1.00 48.09  ? 78  G   A OP2   1 
ATOM   1297 O  "O5'" . G   A 1 64 ? -8.026  -14.829 -24.250 1.00 48.95  ? 78  G   A "O5'" 1 
ATOM   1298 C  "C5'" . G   A 1 64 ? -7.652  -14.341 -25.532 1.00 50.72  ? 78  G   A "C5'" 1 
ATOM   1299 C  "C4'" . G   A 1 64 ? -6.156  -14.427 -25.723 1.00 51.71  ? 78  G   A "C4'" 1 
ATOM   1300 O  "O4'" . G   A 1 64 ? -5.493  -13.733 -24.630 1.00 52.11  ? 78  G   A "O4'" 1 
ATOM   1301 C  "C3'" . G   A 1 64 ? -5.568  -15.829 -25.661 1.00 52.94  ? 78  G   A "C3'" 1 
ATOM   1302 O  "O3'" . G   A 1 64 ? -5.661  -16.517 -26.901 1.00 54.78  ? 78  G   A "O3'" 1 
ATOM   1303 C  "C2'" . G   A 1 64 ? -4.117  -15.551 -25.297 1.00 52.38  ? 78  G   A "C2'" 1 
ATOM   1304 O  "O2'" . G   A 1 64 ? -3.349  -15.141 -26.411 1.00 52.91  ? 78  G   A "O2'" 1 
ATOM   1305 C  "C1'" . G   A 1 64 ? -4.272  -14.389 -24.319 1.00 51.46  ? 78  G   A "C1'" 1 
ATOM   1306 N  N9    . G   A 1 64 ? -4.308  -14.849 -22.935 1.00 50.33  ? 78  G   A N9    1 
ATOM   1307 C  C8    . G   A 1 64 ? -5.404  -14.991 -22.116 1.00 49.33  ? 78  G   A C8    1 
ATOM   1308 N  N7    . G   A 1 64 ? -5.098  -15.446 -20.930 1.00 48.73  ? 78  G   A N7    1 
ATOM   1309 C  C5    . G   A 1 64 ? -3.720  -15.610 -20.968 1.00 48.49  ? 78  G   A C5    1 
ATOM   1310 C  C6    . G   A 1 64 ? -2.817  -16.074 -19.975 1.00 48.03  ? 78  G   A C6    1 
ATOM   1311 O  O6    . G   A 1 64 ? -3.059  -16.444 -18.821 1.00 47.15  ? 78  G   A O6    1 
ATOM   1312 N  N1    . G   A 1 64 ? -1.505  -16.082 -20.440 1.00 47.81  ? 78  G   A N1    1 
ATOM   1313 C  C2    . G   A 1 64 ? -1.110  -15.693 -21.693 1.00 48.01  ? 78  G   A C2    1 
ATOM   1314 N  N2    . G   A 1 64 ? 0.203   -15.769 -21.954 1.00 47.68  ? 78  G   A N2    1 
ATOM   1315 N  N3    . G   A 1 64 ? -1.939  -15.260 -22.625 1.00 48.52  ? 78  G   A N3    1 
ATOM   1316 C  C4    . G   A 1 64 ? -3.219  -15.245 -22.197 1.00 49.10  ? 78  G   A C4    1 
ATOM   1317 P  P     . U   A 1 65 ? -5.592  -18.122 -26.919 1.00 55.98  ? 79  U   A P     1 
ATOM   1318 O  OP1   . U   A 1 65 ? -5.938  -18.593 -28.286 1.00 56.39  ? 79  U   A OP1   1 
ATOM   1319 O  OP2   . U   A 1 65 ? -6.374  -18.608 -25.756 1.00 55.81  ? 79  U   A OP2   1 
ATOM   1320 O  "O5'" . U   A 1 65 ? -4.057  -18.448 -26.641 1.00 56.03  ? 79  U   A "O5'" 1 
ATOM   1321 C  "C5'" . U   A 1 65 ? -3.045  -18.071 -27.571 1.00 57.14  ? 79  U   A "C5'" 1 
ATOM   1322 C  "C4'" . U   A 1 65 ? -1.711  -18.646 -27.152 1.00 57.98  ? 79  U   A "C4'" 1 
ATOM   1323 O  "O4'" . U   A 1 65 ? -1.275  -17.995 -25.927 1.00 57.92  ? 79  U   A "O4'" 1 
ATOM   1324 C  "C3'" . U   A 1 65 ? -1.733  -20.124 -26.793 1.00 58.46  ? 79  U   A "C3'" 1 
ATOM   1325 O  "O3'" . U   A 1 65 ? -1.744  -21.013 -27.922 1.00 58.55  ? 79  U   A "O3'" 1 
ATOM   1326 C  "C2'" . U   A 1 65 ? -0.525  -20.253 -25.876 1.00 58.69  ? 79  U   A "C2'" 1 
ATOM   1327 O  "O2'" . U   A 1 65 ? 0.694   -20.321 -26.587 1.00 59.42  ? 79  U   A "O2'" 1 
ATOM   1328 C  "C1'" . U   A 1 65 ? -0.589  -18.929 -25.109 1.00 58.66  ? 79  U   A "C1'" 1 
ATOM   1329 N  N1    . U   A 1 65 ? -1.292  -19.025 -23.823 1.00 58.76  ? 79  U   A N1    1 
ATOM   1330 C  C2    . U   A 1 65 ? -0.536  -19.314 -22.698 1.00 58.78  ? 79  U   A C2    1 
ATOM   1331 O  O2    . U   A 1 65 ? 0.669   -19.491 -22.739 1.00 59.08  ? 79  U   A O2    1 
ATOM   1332 N  N3    . U   A 1 65 ? -1.246  -19.388 -21.524 1.00 58.65  ? 79  U   A N3    1 
ATOM   1333 C  C4    . U   A 1 65 ? -2.606  -19.205 -21.364 1.00 58.80  ? 79  U   A C4    1 
ATOM   1334 O  O4    . U   A 1 65 ? -3.101  -19.297 -20.240 1.00 58.95  ? 79  U   A O4    1 
ATOM   1335 C  C5    . U   A 1 65 ? -3.316  -18.911 -22.574 1.00 58.80  ? 79  U   A C5    1 
ATOM   1336 C  C6    . U   A 1 65 ? -2.652  -18.834 -23.732 1.00 58.50  ? 79  U   A C6    1 
HETATM 1337 CL CL6   . 6GU B 2 .  ? -1.850  -6.785  -11.124 1.00 6.56   ? 91  6GU A CL6   1 
HETATM 1338 N  N1    . 6GU B 2 .  ? -4.422  -6.609  -10.432 1.00 16.72  ? 91  6GU A N1    1 
HETATM 1339 C  C2    . 6GU B 2 .  ? -5.677  -6.138  -10.508 1.00 17.54  ? 91  6GU A C2    1 
HETATM 1340 N  N2    . 6GU B 2 .  ? -6.608  -6.582  -9.667  1.00 20.54  ? 91  6GU A N2    1 
HETATM 1341 N  N3    . 6GU B 2 .  ? -6.001  -5.219  -11.430 1.00 18.15  ? 91  6GU A N3    1 
HETATM 1342 C  C4    . 6GU B 2 .  ? -5.083  -4.756  -12.291 1.00 14.53  ? 91  6GU A C4    1 
HETATM 1343 C  C5    . 6GU B 2 .  ? -3.777  -5.227  -12.230 1.00 14.11  ? 91  6GU A C5    1 
HETATM 1344 C  C6    . 6GU B 2 .  ? -3.464  -6.178  -11.265 1.00 12.51  ? 91  6GU A C6    1 
HETATM 1345 N  N7    . 6GU B 2 .  ? -3.086  -4.605  -13.180 1.00 13.57  ? 91  6GU A N7    1 
HETATM 1346 C  C8    . 6GU B 2 .  ? -3.913  -3.777  -13.814 1.00 14.06  ? 91  6GU A C8    1 
HETATM 1347 N  N9    . 6GU B 2 .  ? -5.128  -3.866  -13.278 1.00 14.65  ? 91  6GU A N9    1 
HETATM 1348 C  C     . ACT C 3 .  ? 0.984   6.375   10.465  1.00 16.48  ? 96  ACT A C     1 
HETATM 1349 O  O     . ACT C 3 .  ? 0.259   7.390   10.509  1.00 15.70  ? 96  ACT A O     1 
HETATM 1350 O  OXT   . ACT C 3 .  ? 0.849   5.245   11.128  1.00 14.25  ? 96  ACT A OXT   1 
HETATM 1351 C  CH3   . ACT C 3 .  ? 2.183   6.445   9.523   1.00 15.03  ? 96  ACT A CH3   1 
HETATM 1352 CO CO    . NCO D 4 .  ? 4.629   11.652  2.039   1.00 21.80  ? 101 NCO A CO    1 
HETATM 1353 N  N1    . NCO D 4 .  ? 4.793   12.223  3.902   1.00 21.17  ? 101 NCO A N1    1 
HETATM 1354 N  N2    . NCO D 4 .  ? 4.466   11.075  0.171   1.00 22.43  ? 101 NCO A N2    1 
HETATM 1355 N  N3    . NCO D 4 .  ? 6.582   11.746  1.837   1.00 21.09  ? 101 NCO A N3    1 
HETATM 1356 N  N4    . NCO D 4 .  ? 2.674   11.555  2.232   1.00 22.38  ? 101 NCO A N4    1 
HETATM 1357 N  N5    . NCO D 4 .  ? 4.778   9.767   2.598   1.00 18.37  ? 101 NCO A N5    1 
HETATM 1358 N  N6    . NCO D 4 .  ? 4.479   13.534  1.479   1.00 21.36  ? 101 NCO A N6    1 
HETATM 1359 CO CO    . NCO E 4 .  ? -2.450  -4.836  12.658  1.00 33.08  ? 102 NCO A CO    1 
HETATM 1360 N  N1    . NCO E 4 .  ? -0.486  -4.785  12.772  1.00 30.62  ? 102 NCO A N1    1 
HETATM 1361 N  N2    . NCO E 4 .  ? -4.411  -4.887  12.541  1.00 33.21  ? 102 NCO A N2    1 
HETATM 1362 N  N3    . NCO E 4 .  ? -2.326  -5.645  10.877  1.00 31.78  ? 102 NCO A N3    1 
HETATM 1363 N  N4    . NCO E 4 .  ? -2.577  -4.026  14.439  1.00 32.90  ? 102 NCO A N4    1 
HETATM 1364 N  N5    . NCO E 4 .  ? -2.454  -6.628  13.476  1.00 30.63  ? 102 NCO A N5    1 
HETATM 1365 N  N6    . NCO E 4 .  ? -2.444  -3.044  11.843  1.00 32.49  ? 102 NCO A N6    1 
HETATM 1366 CO CO    . NCO F 4 .  ? 3.741   -2.145  5.811   1.00 27.68  ? 103 NCO A CO    1 
HETATM 1367 N  N1    . NCO F 4 .  ? 5.533   -2.848  6.185   1.00 28.36  ? 103 NCO A N1    1 
HETATM 1368 N  N2    . NCO F 4 .  ? 1.945   -1.443  5.437   1.00 29.47  ? 103 NCO A N2    1 
HETATM 1369 N  N3    . NCO F 4 .  ? 3.238   -3.860  4.993   1.00 28.33  ? 103 NCO A N3    1 
HETATM 1370 N  N4    . NCO F 4 .  ? 4.244   -0.430  6.629   1.00 28.73  ? 103 NCO A N4    1 
HETATM 1371 N  N5    . NCO F 4 .  ? 3.119   -2.796  7.561   1.00 28.30  ? 103 NCO A N5    1 
HETATM 1372 N  N6    . NCO F 4 .  ? 4.364   -1.489  4.063   1.00 30.14  ? 103 NCO A N6    1 
HETATM 1373 CO CO    . NCO G 4 .  ? -2.721  12.761  9.127   1.00 18.25  ? 104 NCO A CO    1 
HETATM 1374 N  N1    . NCO G 4 .  ? -0.982  12.511  10.017  1.00 17.51  ? 104 NCO A N1    1 
HETATM 1375 N  N2    . NCO G 4 .  ? -4.456  13.008  8.237   1.00 15.84  ? 104 NCO A N2    1 
HETATM 1376 N  N3    . NCO G 4 .  ? -1.805  13.479  7.538   1.00 19.51  ? 104 NCO A N3    1 
HETATM 1377 N  N4    . NCO G 4 .  ? -3.636  12.042  10.719  1.00 19.55  ? 104 NCO A N4    1 
HETATM 1378 N  N5    . NCO G 4 .  ? -2.596  10.956  8.374   1.00 19.07  ? 104 NCO A N5    1 
HETATM 1379 N  N6    . NCO G 4 .  ? -2.848  14.570  9.881   1.00 20.34  ? 104 NCO A N6    1 
HETATM 1380 CO CO    . NCO H 4 .  ? 7.058   -3.728  15.226  1.00 52.85  ? 105 NCO A CO    1 
HETATM 1381 N  N1    . NCO H 4 .  ? 8.806   -4.609  15.383  1.00 51.36  ? 105 NCO A N1    1 
HETATM 1382 N  N2    . NCO H 4 .  ? 5.308   -2.849  15.069  1.00 51.70  ? 105 NCO A N2    1 
HETATM 1383 N  N3    . NCO H 4 .  ? 7.428   -3.321  13.337  1.00 51.58  ? 105 NCO A N3    1 
HETATM 1384 N  N4    . NCO H 4 .  ? 6.687   -4.131  17.112  1.00 52.10  ? 105 NCO A N4    1 
HETATM 1385 N  N5    . NCO H 4 .  ? 6.244   -5.436  14.698  1.00 51.47  ? 105 NCO A N5    1 
HETATM 1386 N  N6    . NCO H 4 .  ? 7.870   -2.017  15.750  1.00 51.30  ? 105 NCO A N6    1 
HETATM 1387 CO CO    . NCO I 4 .  ? 8.975   8.217   -4.376  1.00 70.83  ? 106 NCO A CO    1 
HETATM 1388 N  N1    . NCO I 4 .  ? 8.264   6.401   -4.127  1.00 69.10  ? 106 NCO A N1    1 
HETATM 1389 N  N2    . NCO I 4 .  ? 9.686   10.035  -4.625  1.00 69.25  ? 106 NCO A N2    1 
HETATM 1390 N  N3    . NCO I 4 .  ? 9.063   7.918   -6.318  1.00 69.01  ? 106 NCO A N3    1 
HETATM 1391 N  N4    . NCO I 4 .  ? 8.889   8.515   -2.434  1.00 68.81  ? 106 NCO A N4    1 
HETATM 1392 N  N5    . NCO I 4 .  ? 7.146   8.908   -4.565  1.00 69.01  ? 106 NCO A N5    1 
HETATM 1393 N  N6    . NCO I 4 .  ? 10.806  7.526   -4.188  1.00 68.69  ? 106 NCO A N6    1 
HETATM 1394 CO CO    . NCO J 4 .  ? -9.838  -0.211  2.093   1.00 77.87  ? 107 NCO A CO    1 
HETATM 1395 N  N1    . NCO J 4 .  ? -9.037  -1.634  1.003   1.00 77.57  ? 107 NCO A N1    1 
HETATM 1396 N  N2    . NCO J 4 .  ? -10.639 1.214   3.183   1.00 77.65  ? 107 NCO A N2    1 
HETATM 1397 N  N3    . NCO J 4 .  ? -10.042 0.904   0.488   1.00 77.69  ? 107 NCO A N3    1 
HETATM 1398 N  N4    . NCO J 4 .  ? -9.632  -1.325  3.697   1.00 77.63  ? 107 NCO A N4    1 
HETATM 1399 N  N5    . NCO J 4 .  ? -11.619 -0.977  1.787   1.00 77.74  ? 107 NCO A N5    1 
HETATM 1400 N  N6    . NCO J 4 .  ? -8.055  0.557   2.399   1.00 77.68  ? 107 NCO A N6    1 
HETATM 1401 CO CO    . NCO K 4 .  ? -11.770 2.408   -12.577 1.00 51.89  ? 108 NCO A CO    1 
HETATM 1402 N  N1    . NCO K 4 .  ? -10.370 2.396   -11.203 1.00 51.49  ? 108 NCO A N1    1 
HETATM 1403 N  N2    . NCO K 4 .  ? -13.173 2.420   -13.953 1.00 51.49  ? 108 NCO A N2    1 
HETATM 1404 N  N3    . NCO K 4 .  ? -13.130 2.100   -11.193 1.00 51.28  ? 108 NCO A N3    1 
HETATM 1405 N  N4    . NCO K 4 .  ? -10.412 2.715   -13.962 1.00 51.78  ? 108 NCO A N4    1 
HETATM 1406 N  N5    . NCO K 4 .  ? -11.975 4.347   -12.347 1.00 51.47  ? 108 NCO A N5    1 
HETATM 1407 N  N6    . NCO K 4 .  ? -11.565 0.467   -12.805 1.00 51.25  ? 108 NCO A N6    1 
HETATM 1408 CO CO    . NCO L 4 .  ? 8.844   -5.816  -6.801  1.00 48.73  ? 109 NCO A CO    1 
HETATM 1409 N  N1    . NCO L 4 .  ? 10.606  -5.196  -6.184  1.00 47.74  ? 109 NCO A N1    1 
HETATM 1410 N  N2    . NCO L 4 .  ? 7.086   -6.438  -7.419  1.00 47.92  ? 109 NCO A N2    1 
HETATM 1411 N  N3    . NCO L 4 .  ? 9.245   -7.618  -6.131  1.00 47.96  ? 109 NCO A N3    1 
HETATM 1412 N  N4    . NCO L 4 .  ? 8.444   -4.012  -7.471  1.00 47.72  ? 109 NCO A N4    1 
HETATM 1413 N  N5    . NCO L 4 .  ? 8.068   -5.344  -5.060  1.00 47.80  ? 109 NCO A N5    1 
HETATM 1414 N  N6    . NCO L 4 .  ? 9.624   -6.288  -8.542  1.00 48.08  ? 109 NCO A N6    1 
HETATM 1415 CO CO    . NCO M 4 .  ? 5.275   -0.125  -20.606 1.00 100.79 ? 110 NCO A CO    1 
HETATM 1416 N  N1    . NCO M 4 .  ? 5.489   -2.074  -20.714 1.00 100.27 ? 110 NCO A N1    1 
HETATM 1417 N  N2    . NCO M 4 .  ? 5.062   1.824   -20.498 1.00 100.24 ? 110 NCO A N2    1 
HETATM 1418 N  N3    . NCO M 4 .  ? 5.174   -0.029  -22.564 1.00 100.24 ? 110 NCO A N3    1 
HETATM 1419 N  N4    . NCO M 4 .  ? 5.377   -0.221  -18.647 1.00 100.36 ? 110 NCO A N4    1 
HETATM 1420 N  N5    . NCO M 4 .  ? 3.326   -0.343  -20.516 1.00 100.28 ? 110 NCO A N5    1 
HETATM 1421 N  N6    . NCO M 4 .  ? 7.225   0.094   -20.695 1.00 100.35 ? 110 NCO A N6    1 
HETATM 1422 CO CO    . NCO N 4 .  ? -3.497  13.125  17.947  1.00 67.35  ? 111 NCO A CO    1 
HETATM 1423 N  N1    . NCO N 4 .  ? -1.874  12.118  18.410  1.00 66.30  ? 111 NCO A N1    1 
HETATM 1424 N  N2    . NCO N 4 .  ? -5.119  14.134  17.481  1.00 66.18  ? 111 NCO A N2    1 
HETATM 1425 N  N3    . NCO N 4 .  ? -4.115  11.619  16.840  1.00 65.96  ? 111 NCO A N3    1 
HETATM 1426 N  N4    . NCO N 4 .  ? -2.879  14.629  19.051  1.00 66.24  ? 111 NCO A N4    1 
HETATM 1427 N  N5    . NCO N 4 .  ? -4.418  12.359  19.503  1.00 66.27  ? 111 NCO A N5    1 
HETATM 1428 N  N6    . NCO N 4 .  ? -2.577  13.893  16.389  1.00 66.11  ? 111 NCO A N6    1 
HETATM 1429 CO CO    . NCO O 4 .  ? 7.076   -15.469 -8.314  0.64 32.76  ? 112 NCO A CO    1 
HETATM 1430 N  N1    . NCO O 4 .  ? 7.294   -17.418 -8.181  0.64 32.07  ? 112 NCO A N1    1 
HETATM 1431 N  N2    . NCO O 4 .  ? 6.858   -13.524 -8.449  0.64 32.08  ? 112 NCO A N2    1 
HETATM 1432 N  N3    . NCO O 4 .  ? 5.316   -15.725 -9.145  0.64 32.52  ? 112 NCO A N3    1 
HETATM 1433 N  N4    . NCO O 4 .  ? 8.834   -15.214 -7.480  0.64 31.41  ? 112 NCO A N4    1 
HETATM 1434 N  N5    . NCO O 4 .  ? 6.232   -15.446 -6.541  0.64 31.53  ? 112 NCO A N5    1 
HETATM 1435 N  N6    . NCO O 4 .  ? 7.919   -15.498 -10.084 0.64 32.55  ? 112 NCO A N6    1 
HETATM 1436 O  O     . HOH P 5 .  ? -0.659  7.362   6.831   1.00 20.14  ? 301 HOH A O     1 
HETATM 1437 O  O     . HOH P 5 .  ? 14.154  -4.516  3.764   1.00 7.64   ? 302 HOH A O     1 
HETATM 1438 O  O     . HOH P 5 .  ? 10.767  6.454   10.099  1.00 20.28  ? 303 HOH A O     1 
HETATM 1439 O  O     . HOH P 5 .  ? -7.720  1.653   5.388   1.00 8.24   ? 304 HOH A O     1 
HETATM 1440 O  O     . HOH P 5 .  ? -0.156  10.946  12.814  1.00 13.64  ? 305 HOH A O     1 
HETATM 1441 O  O     . HOH P 5 .  ? 0.399   -1.253  23.369  1.00 52.12  ? 306 HOH A O     1 
HETATM 1442 O  O     . HOH P 5 .  ? -5.076  14.607  11.990  1.00 18.48  ? 307 HOH A O     1 
HETATM 1443 O  O     . HOH P 5 .  ? -3.890  11.134  5.706   1.00 19.66  ? 308 HOH A O     1 
HETATM 1444 O  O     . HOH P 5 .  ? 0.918   -5.355  -9.492  1.00 23.34  ? 309 HOH A O     1 
HETATM 1445 O  O     . HOH P 5 .  ? 12.978  -1.752  14.887  1.00 21.62  ? 310 HOH A O     1 
HETATM 1446 O  O     . HOH P 5 .  ? -2.913  2.772   14.183  1.00 12.59  ? 311 HOH A O     1 
HETATM 1447 O  O     . HOH P 5 .  ? -6.998  2.393   13.056  1.00 25.17  ? 312 HOH A O     1 
HETATM 1448 O  O     . HOH P 5 .  ? 1.375   2.825   7.517   1.00 13.57  ? 313 HOH A O     1 
HETATM 1449 O  O     . HOH P 5 .  ? 14.065  2.753   6.842   1.00 17.20  ? 314 HOH A O     1 
HETATM 1450 O  O     . HOH P 5 .  ? 9.716   -10.667 -6.740  1.00 21.74  ? 315 HOH A O     1 
HETATM 1451 O  O     . HOH P 5 .  ? 3.543   -3.218  1.799   1.00 11.01  ? 316 HOH A O     1 
HETATM 1452 O  O     . HOH P 5 .  ? 6.949   -4.046  -2.065  1.00 24.05  ? 317 HOH A O     1 
HETATM 1453 O  O     . HOH P 5 .  ? 7.944   3.443   -4.804  1.00 12.00  ? 318 HOH A O     1 
HETATM 1454 O  O     . HOH P 5 .  ? -1.402  13.994  12.743  1.00 20.14  ? 319 HOH A O     1 
HETATM 1455 O  O     . HOH P 5 .  ? -1.510  -4.515  -8.757  1.00 20.64  ? 320 HOH A O     1 
HETATM 1456 O  O     . HOH P 5 .  ? -16.114 -0.247  2.272   1.00 28.57  ? 321 HOH A O     1 
HETATM 1457 O  O     . HOH P 5 .  ? 3.837   -7.398  -8.327  1.00 28.00  ? 322 HOH A O     1 
HETATM 1458 O  O     . HOH P 5 .  ? 6.690   -1.987  0.157   1.00 33.09  ? 323 HOH A O     1 
HETATM 1459 O  O     . HOH P 5 .  ? -8.890  3.638   1.779   1.00 24.72  ? 324 HOH A O     1 
HETATM 1460 O  O     . HOH P 5 .  ? -1.534  0.753   -1.388  1.00 34.83  ? 325 HOH A O     1 
HETATM 1461 O  O     . HOH P 5 .  ? -1.446  7.325   -2.324  1.00 28.36  ? 326 HOH A O     1 
HETATM 1462 O  O     . HOH P 5 .  ? -6.624  -4.734  -16.055 1.00 21.28  ? 327 HOH A O     1 
HETATM 1463 O  O     . HOH P 5 .  ? -5.127  12.599  13.713  1.00 24.60  ? 328 HOH A O     1 
HETATM 1464 O  O     . HOH P 5 .  ? -1.772  10.551  15.101  1.00 25.63  ? 329 HOH A O     1 
HETATM 1465 O  O     . HOH P 5 .  ? -2.175  4.230   -3.461  1.00 33.68  ? 330 HOH A O     1 
HETATM 1466 O  O     . HOH P 5 .  ? 3.043   -5.859  -16.925 1.00 19.75  ? 331 HOH A O     1 
HETATM 1467 O  O     . HOH P 5 .  ? 5.199   1.800   -1.787  1.00 45.20  ? 332 HOH A O     1 
HETATM 1468 O  O     . HOH P 5 .  ? 17.378  -0.595  6.746   1.00 31.62  ? 333 HOH A O     1 
HETATM 1469 O  O     . HOH P 5 .  ? -13.353 11.735  10.907  1.00 30.44  ? 334 HOH A O     1 
HETATM 1470 O  O     . HOH P 5 .  ? 0.451   -9.203  -11.182 1.00 27.85  ? 335 HOH A O     1 
HETATM 1471 O  O     . HOH P 5 .  ? 12.090  4.917   6.912   1.00 23.15  ? 336 HOH A O     1 
HETATM 1472 O  O     . HOH P 5 .  ? 3.343   9.826   19.823  1.00 29.06  ? 337 HOH A O     1 
HETATM 1473 O  O     . HOH P 5 .  ? 8.084   -7.775  14.916  1.00 24.17  ? 338 HOH A O     1 
HETATM 1474 O  O     . HOH P 5 .  ? 7.481   9.954   3.823   1.00 27.57  ? 339 HOH A O     1 
HETATM 1475 O  O     . HOH P 5 .  ? 9.853   -12.577 7.219   1.00 34.63  ? 340 HOH A O     1 
HETATM 1476 O  O     . HOH P 5 .  ? -0.456  11.362  5.704   1.00 20.63  ? 341 HOH A O     1 
HETATM 1477 O  O     . HOH P 5 .  ? 1.659   14.067  1.086   1.00 11.84  ? 342 HOH A O     1 
HETATM 1478 O  O     . HOH P 5 .  ? 0.354   9.905   9.261   1.00 13.54  ? 343 HOH A O     1 
HETATM 1479 O  O     . HOH P 5 .  ? -4.669  8.595   3.686   1.00 15.21  ? 344 HOH A O     1 
HETATM 1480 O  O     . HOH P 5 .  ? -11.558 6.338   10.781  1.00 21.28  ? 345 HOH A O     1 
HETATM 1481 O  O     . HOH P 5 .  ? -13.107 9.753   7.281   1.00 19.03  ? 346 HOH A O     1 
HETATM 1482 O  O     . HOH P 5 .  ? -5.321  3.852   -3.815  1.00 28.06  ? 347 HOH A O     1 
HETATM 1483 O  O     . HOH P 5 .  ? -11.178 18.774  4.646   1.00 26.06  ? 348 HOH A O     1 
HETATM 1484 O  O     . HOH P 5 .  ? 9.804   -0.722  17.635  1.00 23.64  ? 349 HOH A O     1 
HETATM 1485 O  O     . HOH P 5 .  ? 1.194   -4.313  16.380  1.00 27.27  ? 350 HOH A O     1 
HETATM 1486 O  O     . HOH P 5 .  ? -1.898  9.443   19.674  1.00 35.08  ? 351 HOH A O     1 
HETATM 1487 O  O     . HOH P 5 .  ? -4.676  14.749  5.812   1.00 16.01  ? 352 HOH A O     1 
HETATM 1488 O  O     . HOH P 5 .  ? -2.561  7.346   0.506   1.00 17.71  ? 353 HOH A O     1 
HETATM 1489 O  O     . HOH P 5 .  ? -4.575  5.702   -2.000  1.00 21.38  ? 354 HOH A O     1 
HETATM 1490 O  O     . HOH P 5 .  ? -1.151  0.571   5.573   1.00 18.89  ? 355 HOH A O     1 
HETATM 1491 O  O     . HOH P 5 .  ? -2.908  0.216   14.925  1.00 29.98  ? 356 HOH A O     1 
HETATM 1492 O  O     . HOH P 5 .  ? 9.617   -5.053  23.008  1.00 19.43  ? 357 HOH A O     1 
HETATM 1493 O  O     . HOH P 5 .  ? -10.697 -9.537  -7.141  1.00 28.38  ? 358 HOH A O     1 
HETATM 1494 O  O     . HOH P 5 .  ? -1.100  -6.480  16.274  1.00 42.61  ? 359 HOH A O     1 
HETATM 1495 O  O     . HOH P 5 .  ? 3.702   -0.265  25.703  1.00 27.68  ? 360 HOH A O     1 
HETATM 1496 O  O     . HOH P 5 .  ? -3.718  -5.287  -2.924  1.00 20.96  ? 361 HOH A O     1 
HETATM 1497 O  O     . HOH P 5 .  ? 13.924  1.530   16.412  1.00 30.08  ? 362 HOH A O     1 
HETATM 1498 O  O     . HOH P 5 .  ? -2.281  8.606   -11.084 1.00 30.34  ? 363 HOH A O     1 
HETATM 1499 O  O     . HOH P 5 .  ? -4.809  18.565  -1.613  1.00 32.13  ? 364 HOH A O     1 
HETATM 1500 O  O     . HOH P 5 .  ? 5.896   10.221  -2.537  1.00 71.71  ? 365 HOH A O     1 
HETATM 1501 O  O     . HOH P 5 .  ? 14.601  0.554   -3.700  1.00 29.99  ? 366 HOH A O     1 
HETATM 1502 O  O     . HOH P 5 .  ? 17.412  10.193  15.087  1.00 35.96  ? 367 HOH A O     1 
HETATM 1503 O  O     . HOH P 5 .  ? 15.027  -3.656  5.938   1.00 28.04  ? 368 HOH A O     1 
HETATM 1504 O  O     . HOH P 5 .  ? -0.590  13.645  3.334   1.00 22.91  ? 369 HOH A O     1 
HETATM 1505 O  O     . HOH P 5 .  ? -2.800  -5.118  -21.577 1.00 37.56  ? 370 HOH A O     1 
HETATM 1506 O  O     . HOH P 5 .  ? 3.259   16.295  5.597   1.00 29.22  ? 371 HOH A O     1 
HETATM 1507 O  O     . HOH P 5 .  ? 11.301  5.771   -2.068  1.00 39.47  ? 372 HOH A O     1 
HETATM 1508 O  O     . HOH P 5 .  ? 0.612   3.173   -16.362 1.00 35.87  ? 373 HOH A O     1 
HETATM 1509 O  O     . HOH P 5 .  ? -4.549  -4.991  -5.946  1.00 22.88  ? 374 HOH A O     1 
HETATM 1510 O  O     . HOH P 5 .  ? 13.574  1.556   19.181  1.00 19.36  ? 375 HOH A O     1 
HETATM 1511 O  O     . HOH P 5 .  ? 1.203   -5.902  21.935  1.00 34.14  ? 376 HOH A O     1 
HETATM 1512 O  O     . HOH P 5 .  ? 3.211   17.073  -3.926  1.00 22.79  ? 377 HOH A O     1 
HETATM 1513 O  O     . HOH P 5 .  ? -0.082  5.271   -10.620 1.00 38.19  ? 378 HOH A O     1 
HETATM 1514 O  O     . HOH P 5 .  ? -8.478  4.607   -1.291  1.00 29.26  ? 379 HOH A O     1 
HETATM 1515 O  O     . HOH P 5 .  ? -9.104  4.876   13.202  1.00 25.46  ? 380 HOH A O     1 
HETATM 1516 O  O     . HOH P 5 .  ? 8.668   9.909   8.407   1.00 24.01  ? 381 HOH A O     1 
HETATM 1517 O  O     . HOH P 5 .  ? -3.739  12.074  2.903   1.00 27.72  ? 382 HOH A O     1 
HETATM 1518 O  O     . HOH P 5 .  ? 10.568  -2.931  15.789  1.00 30.54  ? 383 HOH A O     1 
HETATM 1519 O  O     . HOH P 5 .  ? 3.746   10.794  23.317  1.00 29.00  ? 384 HOH A O     1 
HETATM 1520 O  O     . HOH P 5 .  ? -10.821 7.396   13.565  1.00 31.16  ? 385 HOH A O     1 
HETATM 1521 O  O     . HOH P 5 .  ? 2.761   5.275   -10.312 1.00 37.20  ? 386 HOH A O     1 
HETATM 1522 O  O     . HOH P 5 .  ? -12.650 2.759   0.044   1.00 25.41  ? 387 HOH A O     1 
HETATM 1523 O  O     . HOH P 5 .  ? -8.620  14.832  -1.901  1.00 18.05  ? 388 HOH A O     1 
HETATM 1524 O  O     . HOH P 5 .  ? -6.738  3.763   3.902   1.00 27.97  ? 389 HOH A O     1 
HETATM 1525 O  O     . HOH P 5 .  ? -5.329  3.248   15.670  1.00 25.83  ? 390 HOH A O     1 
HETATM 1526 O  O     . HOH P 5 .  ? -6.613  -3.350  5.592   1.00 43.73  ? 391 HOH A O     1 
HETATM 1527 O  O     . HOH P 5 .  ? 7.598   0.939   25.172  1.00 26.63  ? 392 HOH A O     1 
HETATM 1528 O  O     . HOH P 5 .  ? 1.119   -6.793  -11.974 1.00 40.26  ? 393 HOH A O     1 
HETATM 1529 O  O     . HOH P 5 .  ? -13.766 4.635   10.230  1.00 36.32  ? 394 HOH A O     1 
HETATM 1530 O  O     . HOH P 5 .  ? 14.166  1.819   23.009  1.00 36.07  ? 395 HOH A O     1 
HETATM 1531 O  O     . HOH P 5 .  ? 4.597   0.382   28.314  1.00 34.47  ? 396 HOH A O     1 
HETATM 1532 O  O     . HOH P 5 .  ? -4.267  -5.625  -30.076 1.00 31.05  ? 397 HOH A O     1 
HETATM 1533 O  O     . HOH P 5 .  ? 5.799   -0.911  -13.864 1.00 24.91  ? 398 HOH A O     1 
HETATM 1534 O  O     . HOH P 5 .  ? 3.507   -12.439 4.645   1.00 28.83  ? 399 HOH A O     1 
HETATM 1535 O  O     . HOH P 5 .  ? 5.337   -4.832  8.813   1.00 27.26  ? 400 HOH A O     1 
HETATM 1536 O  O     . HOH P 5 .  ? 1.308   -11.673 5.162   1.00 26.01  ? 401 HOH A O     1 
HETATM 1537 O  O     . HOH P 5 .  ? 3.440   -11.202 -5.039  1.00 35.01  ? 402 HOH A O     1 
HETATM 1538 O  O     . HOH P 5 .  ? 3.156   -5.352  10.137  1.00 20.38  ? 403 HOH A O     1 
HETATM 1539 O  O     . HOH P 5 .  ? 6.117   -10.533 -6.032  1.00 21.92  ? 404 HOH A O     1 
HETATM 1540 O  O     . HOH P 5 .  ? 6.457   8.812   0.343   1.00 21.08  ? 405 HOH A O     1 
HETATM 1541 O  O     . HOH P 5 .  ? 16.079  2.883   15.045  1.00 41.37  ? 406 HOH A O     1 
HETATM 1542 O  O     . HOH P 5 .  ? -1.569  0.252   1.249   1.00 24.72  ? 407 HOH A O     1 
HETATM 1543 O  O     . HOH P 5 .  ? 3.938   -7.918  14.989  1.00 63.55  ? 408 HOH A O     1 
HETATM 1544 O  O     . HOH P 5 .  ? -2.145  -2.347  -7.157  1.00 27.77  ? 409 HOH A O     1 
HETATM 1545 O  O     . HOH P 5 .  ? -7.204  2.385   -1.972  1.00 19.03  ? 410 HOH A O     1 
HETATM 1546 O  O     . HOH P 5 .  ? 12.346  5.235   25.470  1.00 40.93  ? 411 HOH A O     1 
HETATM 1547 O  O     . HOH P 5 .  ? -15.764 0.417   -0.179  1.00 31.64  ? 412 HOH A O     1 
HETATM 1548 O  O     . HOH P 5 .  ? 8.544   -9.567  -9.053  1.00 28.68  ? 413 HOH A O     1 
HETATM 1549 O  O     . HOH P 5 .  ? -15.255 14.143  -4.772  1.00 43.20  ? 414 HOH A O     1 
HETATM 1550 O  O     . HOH P 5 .  ? 1.524   -9.027  -8.651  1.00 36.51  ? 415 HOH A O     1 
HETATM 1551 O  O     . HOH P 5 .  ? -2.534  11.354  -9.286  1.00 61.85  ? 416 HOH A O     1 
HETATM 1552 O  O     . HOH P 5 .  ? -12.610 10.651  15.886  1.00 21.98  ? 417 HOH A O     1 
HETATM 1553 O  O     . HOH P 5 .  ? 8.828   -3.024  24.836  1.00 78.42  ? 418 HOH A O     1 
HETATM 1554 O  O     . HOH P 5 .  ? 10.289  -2.918  12.783  1.00 28.52  ? 419 HOH A O     1 
HETATM 1555 O  O     . HOH P 5 .  ? -3.876  7.411   22.336  1.00 38.83  ? 420 HOH A O     1 
HETATM 1556 O  O     . HOH P 5 .  ? 7.069   -12.860 7.751   1.00 30.03  ? 421 HOH A O     1 
HETATM 1557 O  O     . HOH P 5 .  ? -0.823  -17.217 -14.214 1.00 59.71  ? 422 HOH A O     1 
HETATM 1558 O  O     . HOH P 5 .  ? -4.793  11.175  -8.061  1.00 77.49  ? 423 HOH A O     1 
HETATM 1559 O  O     . HOH P 5 .  ? -9.488  -14.021 -15.836 1.00 40.77  ? 424 HOH A O     1 
HETATM 1560 O  O     . HOH P 5 .  ? 4.767   -5.042  -3.565  1.00 41.22  ? 425 HOH A O     1 
HETATM 1561 O  O     . HOH P 5 .  ? 10.239  14.297  16.824  1.00 34.65  ? 426 HOH A O     1 
HETATM 1562 O  O     . HOH P 5 .  ? -4.517  3.682   6.700   1.00 31.89  ? 427 HOH A O     1 
HETATM 1563 O  O     . HOH P 5 .  ? 18.411  -7.315  13.992  1.00 35.70  ? 428 HOH A O     1 
HETATM 1564 O  O     . HOH P 5 .  ? -8.836  -4.197  -22.639 1.00 43.29  ? 429 HOH A O     1 
HETATM 1565 O  O     . HOH P 5 .  ? 18.021  -5.933  10.375  1.00 31.69  ? 430 HOH A O     1 
HETATM 1566 O  O     . HOH P 5 .  ? -3.387  -9.097  10.140  1.00 29.12  ? 431 HOH A O     1 
HETATM 1567 O  O     . HOH P 5 .  ? 2.520   3.575   -14.405 1.00 33.53  ? 432 HOH A O     1 
HETATM 1568 O  O     . HOH P 5 .  ? -6.884  -16.537 -18.926 1.00 44.79  ? 433 HOH A O     1 
HETATM 1569 O  O     . HOH P 5 .  ? 12.220  7.819   24.518  1.00 48.20  ? 434 HOH A O     1 
HETATM 1570 O  O     . HOH P 5 .  ? -9.512  5.441   -11.836 1.00 37.98  ? 435 HOH A O     1 
HETATM 1571 O  O     . HOH P 5 .  ? 9.049   16.920  18.333  1.00 46.26  ? 436 HOH A O     1 
HETATM 1572 O  O     . HOH P 5 .  ? 14.028  -8.254  15.417  1.00 35.07  ? 437 HOH A O     1 
HETATM 1573 O  O     . HOH P 5 .  ? 5.649   -12.909 -6.318  1.00 53.03  ? 438 HOH A O     1 
HETATM 1574 O  O     . HOH P 5 .  ? 3.857   13.138  -1.837  1.00 24.38  ? 439 HOH A O     1 
HETATM 1575 O  O     . HOH P 5 .  ? 7.726   13.451  4.459   1.00 39.60  ? 440 HOH A O     1 
HETATM 1576 O  O     . HOH P 5 .  ? 6.031   -7.109  -4.146  1.00 30.02  ? 441 HOH A O     1 
HETATM 1577 O  O     . HOH P 5 .  ? 5.463   0.929   24.120  1.00 49.41  ? 442 HOH A O     1 
HETATM 1578 O  O     . HOH P 5 .  ? 2.294   2.395   -1.558  1.00 63.65  ? 443 HOH A O     1 
HETATM 1579 O  O     . HOH P 5 .  ? -4.288  5.914   2.800   1.00 26.34  ? 444 HOH A O     1 
HETATM 1580 O  O     . HOH P 5 .  ? -2.382  -6.691  18.520  1.00 29.50  ? 445 HOH A O     1 
HETATM 1581 O  O     . HOH P 5 .  ? 1.854   12.274  18.843  1.00 36.11  ? 446 HOH A O     1 
HETATM 1582 O  O     . HOH P 5 .  ? 0.111   13.006  15.039  1.00 31.80  ? 447 HOH A O     1 
HETATM 1583 O  O     . HOH P 5 .  ? -12.801 8.906   10.879  1.00 20.90  ? 448 HOH A O     1 
HETATM 1584 O  O     . HOH P 5 .  ? -0.452  11.536  -1.088  1.00 20.64  ? 449 HOH A O     1 
HETATM 1585 O  O     . HOH P 5 .  ? -3.327  -3.321  9.227   1.00 25.27  ? 450 HOH A O     1 
HETATM 1586 O  O     . HOH P 5 .  ? -5.373  -6.647  -1.447  1.00 32.74  ? 451 HOH A O     1 
HETATM 1587 O  O     . HOH P 5 .  ? 0.424   4.966   6.021   1.00 24.62  ? 452 HOH A O     1 
HETATM 1588 O  O     . HOH P 5 .  ? 2.930   -5.529  14.889  1.00 72.11  ? 453 HOH A O     1 
HETATM 1589 O  O     . HOH P 5 .  ? -11.341 0.957   -6.446  1.00 27.47  ? 454 HOH A O     1 
HETATM 1590 O  O     . HOH P 5 .  ? 4.037   3.566   5.501   1.00 26.34  ? 455 HOH A O     1 
HETATM 1591 O  O     . HOH P 5 .  ? -4.110  -1.151  13.199  1.00 43.54  ? 456 HOH A O     1 
HETATM 1592 O  O     . HOH P 5 .  ? 1.656   9.099   22.056  1.00 34.67  ? 457 HOH A O     1 
HETATM 1593 O  O     . HOH P 5 .  ? 4.721   -1.000  10.023  1.00 37.31  ? 458 HOH A O     1 
HETATM 1594 O  O     . HOH P 5 .  ? 10.868  12.575  13.360  1.00 32.48  ? 459 HOH A O     1 
HETATM 1595 O  O     . HOH P 5 .  ? -0.055  -12.265 -0.804  1.00 41.28  ? 460 HOH A O     1 
HETATM 1596 O  O     . HOH P 5 .  ? 2.472   2.788   24.883  1.00 35.98  ? 461 HOH A O     1 
HETATM 1597 O  O     . HOH P 5 .  ? -4.884  -7.387  11.512  1.00 29.97  ? 462 HOH A O     1 
HETATM 1598 O  O     . HOH P 5 .  ? 8.038   -2.675  -12.293 1.00 35.17  ? 463 HOH A O     1 
HETATM 1599 O  O     . HOH P 5 .  ? -5.842  5.196   0.810   1.00 26.35  ? 464 HOH A O     1 
HETATM 1600 O  O     . HOH P 5 .  ? -10.046 -21.217 -10.980 1.00 39.44  ? 465 HOH A O     1 
HETATM 1601 O  O     . HOH P 5 .  ? 1.144   -2.769  2.997   1.00 18.75  ? 466 HOH A O     1 
HETATM 1602 O  O     . HOH P 5 .  ? 7.938   -5.760  12.271  1.00 44.31  ? 467 HOH A O     1 
HETATM 1603 O  O     . HOH P 5 .  ? -2.716  4.856   0.810   1.00 38.00  ? 468 HOH A O     1 
HETATM 1604 O  O     . HOH P 5 .  ? -0.439  15.596  1.996   1.00 22.48  ? 469 HOH A O     1 
HETATM 1605 O  O     . HOH P 5 .  ? -11.467 2.988   -8.642  1.00 34.45  ? 470 HOH A O     1 
HETATM 1606 O  O     . HOH P 5 .  ? -1.078  -7.133  21.595  1.00 40.86  ? 471 HOH A O     1 
HETATM 1607 O  O     . HOH P 5 .  ? 8.175   4.243   24.540  1.00 31.14  ? 472 HOH A O     1 
HETATM 1608 O  O     . HOH P 5 .  ? -1.406  11.519  1.711   1.00 19.98  ? 473 HOH A O     1 
HETATM 1609 O  O     . HOH P 5 .  ? 1.533   -11.332 -14.499 1.00 39.09  ? 474 HOH A O     1 
HETATM 1610 O  O     . HOH P 5 .  ? 0.813   -3.386  21.751  1.00 59.35  ? 475 HOH A O     1 
HETATM 1611 O  O     . HOH P 5 .  ? 2.724   7.272   24.043  1.00 36.67  ? 476 HOH A O     1 
HETATM 1612 O  O     . HOH P 5 .  ? 0.712   -11.465 -23.671 1.00 49.89  ? 477 HOH A O     1 
HETATM 1613 O  O     . HOH P 5 .  ? 15.174  -6.807  -4.749  1.00 28.11  ? 478 HOH A O     1 
HETATM 1614 O  O     . HOH P 5 .  ? -0.729  -11.494 2.560   1.00 50.06  ? 479 HOH A O     1 
HETATM 1615 O  O     . HOH P 5 .  ? 5.226   -13.950 6.036   1.00 35.37  ? 480 HOH A O     1 
HETATM 1616 O  O     . HOH P 5 .  ? 10.671  -7.132  16.532  1.00 44.76  ? 481 HOH A O     1 
HETATM 1617 O  O     . HOH P 5 .  ? -6.512  -4.343  -24.032 1.00 46.99  ? 482 HOH A O     1 
HETATM 1618 O  O     . HOH P 5 .  ? 15.143  7.787   17.703  1.00 43.23  ? 483 HOH A O     1 
HETATM 1619 O  O     . HOH P 5 .  ? 4.270   -8.699  -5.933  1.00 35.86  ? 484 HOH A O     1 
HETATM 1620 O  O     . HOH P 5 .  ? -14.607 15.398  -7.586  1.00 33.24  ? 485 HOH A O     1 
HETATM 1621 O  O     . HOH P 5 .  ? -10.762 -0.282  -9.683  1.00 38.32  ? 486 HOH A O     1 
HETATM 1622 O  O     . HOH P 5 .  ? -1.290  -27.368 -27.072 1.00 37.55  ? 487 HOH A O     1 
HETATM 1623 O  O     . HOH P 5 .  ? -2.326  9.192   24.146  1.00 41.97  ? 488 HOH A O     1 
HETATM 1624 O  O     . HOH P 5 .  ? -14.794 3.110   -1.848  1.00 20.52  ? 489 HOH A O     1 
HETATM 1625 O  O     . HOH P 5 .  ? 9.178   -0.865  -1.488  1.00 18.73  ? 490 HOH A O     1 
HETATM 1626 O  O     . HOH P 5 .  ? 7.060   2.343   -10.840 1.00 36.40  ? 491 HOH A O     1 
HETATM 1627 O  O     . HOH P 5 .  ? 4.956   -2.589  -3.671  1.00 36.48  ? 492 HOH A O     1 
HETATM 1628 O  O     . HOH P 5 .  ? 0.636   -4.072  6.817   1.00 41.15  ? 493 HOH A O     1 
HETATM 1629 O  O     . HOH P 5 .  ? -3.792  -7.820  -28.346 1.00 55.97  ? 494 HOH A O     1 
HETATM 1630 O  O     . HOH P 5 .  ? 15.177  -0.702  15.486  1.00 39.69  ? 495 HOH A O     1 
HETATM 1631 O  O     . HOH P 5 .  ? -0.439  -31.701 -19.506 1.00 57.08  ? 496 HOH A O     1 
HETATM 1632 O  O     . HOH P 5 .  ? -6.499  12.916  -8.724  1.00 41.17  ? 497 HOH A O     1 
HETATM 1633 O  O     . HOH P 5 .  ? 1.513   -8.563  -14.318 1.00 34.26  ? 498 HOH A O     1 
HETATM 1634 O  O     . HOH P 5 .  ? -5.991  -6.495  -28.037 1.00 37.44  ? 499 HOH A O     1 
HETATM 1635 O  O     . HOH P 5 .  ? -3.086  -10.204 -27.730 1.00 49.31  ? 500 HOH A O     1 
HETATM 1636 O  O     . HOH P 5 .  ? -11.546 -3.200  6.988   1.00 26.53  ? 501 HOH A O     1 
HETATM 1637 O  O     . HOH P 5 .  ? 0.045   1.489   -20.598 1.00 32.57  ? 502 HOH A O     1 
HETATM 1638 O  O     . HOH P 5 .  ? 4.912   15.630  -2.335  1.00 32.57  ? 503 HOH A O     1 
# 
loop_
_pdbx_poly_seq_scheme.asym_id 
_pdbx_poly_seq_scheme.entity_id 
_pdbx_poly_seq_scheme.seq_id 
_pdbx_poly_seq_scheme.mon_id 
_pdbx_poly_seq_scheme.ndb_seq_num 
_pdbx_poly_seq_scheme.pdb_seq_num 
_pdbx_poly_seq_scheme.auth_seq_num 
_pdbx_poly_seq_scheme.pdb_mon_id 
_pdbx_poly_seq_scheme.auth_mon_id 
_pdbx_poly_seq_scheme.pdb_strand_id 
_pdbx_poly_seq_scheme.pdb_ins_code 
_pdbx_poly_seq_scheme.hetero 
A 1 1  G 1  15 ?  ? ? A . n 
A 1 2  G 2  16 ?  ? ? A . n 
A 1 3  A 3  17 17 A A A . n 
A 1 4  C 4  18 18 C C A . n 
A 1 5  A 5  19 19 A A A . n 
A 1 6  U 6  20 20 U U A . n 
A 1 7  A 7  21 21 A A A . n 
A 1 8  U 8  22 22 U U A . n 
A 1 9  A 9  23 23 A A A . n 
A 1 10 A 10 24 24 A A A . n 
A 1 11 U 11 25 25 U U A . n 
A 1 12 C 12 26 26 C C A . n 
A 1 13 G 13 27 27 G G A . n 
A 1 14 C 14 28 28 C C A . n 
A 1 15 G 15 29 29 G G A . n 
A 1 16 U 16 30 30 U U A . n 
A 1 17 G 17 31 31 G G A . n 
A 1 18 G 18 32 32 G G A . n 
A 1 19 A 19 33 33 A A A . n 
A 1 20 U 20 34 34 U U A . n 
A 1 21 A 21 35 35 A A A . n 
A 1 22 U 22 36 36 U U A . n 
A 1 23 G 23 37 37 G G A . n 
A 1 24 G 24 38 38 G G A . n 
A 1 25 C 25 39 39 C C A . n 
A 1 26 A 26 40 40 A A A . n 
A 1 27 C 27 41 41 C C A . n 
A 1 28 G 28 42 42 G G A . n 
A 1 29 C 29 43 43 C C A . n 
A 1 30 A 30 44 44 A A A . n 
A 1 31 A 31 45 45 A A A . n 
A 1 32 G 32 46 46 G G A . n 
A 1 33 U 33 47 47 U U A . n 
A 1 34 U 34 48 48 U U A . n 
A 1 35 U 35 49 49 U U A . n 
A 1 36 C 36 50 50 C C A . n 
A 1 37 U 37 51 51 U U A . n 
A 1 38 A 38 52 52 A A A . n 
A 1 39 C 39 53 53 C C A . n 
A 1 40 C 40 54 54 C C A . n 
A 1 41 G 41 55 55 G G A . n 
A 1 42 G 42 56 56 G G A . n 
A 1 43 G 43 57 57 G G A . n 
A 1 44 C 44 58 58 C C A . n 
A 1 45 A 45 59 59 A A A . n 
A 1 46 C 46 60 60 C C A . n 
A 1 47 C 47 61 61 C C A . n 
A 1 48 G 48 62 62 G G A . n 
A 1 49 U 49 63 63 U U A . n 
A 1 50 A 50 64 64 A A A . n 
A 1 51 A 51 65 65 A A A . n 
A 1 52 A 52 66 66 A A A . n 
A 1 53 U 53 67 67 U U A . n 
A 1 54 G 54 68 68 G G A . n 
A 1 55 U 55 69 69 U U A . n 
A 1 56 C 56 70 70 C C A . n 
A 1 57 C 57 71 71 C C A . n 
A 1 58 G 58 72 72 G G A . n 
A 1 59 A 59 73 73 A A A . n 
A 1 60 U 60 74 74 U U A . n 
A 1 61 U 61 75 75 U U A . n 
A 1 62 A 62 76 76 A A A . n 
A 1 63 U 63 77 77 U U A . n 
A 1 64 G 64 78 78 G G A . n 
A 1 65 U 65 79 79 U U A . n 
A 1 66 C 66 80 ?  ? ? A . n 
A 1 67 C 67 81 ?  ? ? A . n 
A 1 68 A 68 82 ?  ? ? A . n 
# 
loop_
_pdbx_nonpoly_scheme.asym_id 
_pdbx_nonpoly_scheme.entity_id 
_pdbx_nonpoly_scheme.mon_id 
_pdbx_nonpoly_scheme.ndb_seq_num 
_pdbx_nonpoly_scheme.pdb_seq_num 
_pdbx_nonpoly_scheme.auth_seq_num 
_pdbx_nonpoly_scheme.pdb_mon_id 
_pdbx_nonpoly_scheme.auth_mon_id 
_pdbx_nonpoly_scheme.pdb_strand_id 
_pdbx_nonpoly_scheme.pdb_ins_code 
B 2 6GU 1   91  91  6GU 6GU A . 
C 3 ACT 1   96  96  ACT ACT A . 
D 4 NCO 1   101 101 NCO NCO A . 
E 4 NCO 1   102 102 NCO NCO A . 
F 4 NCO 1   103 103 NCO NCO A . 
G 4 NCO 1   104 104 NCO NCO A . 
H 4 NCO 1   105 105 NCO NCO A . 
I 4 NCO 1   106 106 NCO NCO A . 
J 4 NCO 1   107 107 NCO NCO A . 
K 4 NCO 1   108 108 NCO NCO A . 
L 4 NCO 1   109 109 NCO NCO A . 
M 4 NCO 1   110 110 NCO NCO A . 
N 4 NCO 1   111 111 NCO NCO A . 
O 4 NCO 1   112 112 NCO NCO A . 
P 5 HOH 1   301 301 HOH HOH A . 
P 5 HOH 2   302 302 HOH HOH A . 
P 5 HOH 3   303 303 HOH HOH A . 
P 5 HOH 4   304 304 HOH HOH A . 
P 5 HOH 5   305 305 HOH HOH A . 
P 5 HOH 6   306 306 HOH HOH A . 
P 5 HOH 7   307 307 HOH HOH A . 
P 5 HOH 8   308 308 HOH HOH A . 
P 5 HOH 9   309 309 HOH HOH A . 
P 5 HOH 10  310 310 HOH HOH A . 
P 5 HOH 11  311 311 HOH HOH A . 
P 5 HOH 12  312 312 HOH HOH A . 
P 5 HOH 13  313 313 HOH HOH A . 
P 5 HOH 14  314 314 HOH HOH A . 
P 5 HOH 15  315 315 HOH HOH A . 
P 5 HOH 16  316 316 HOH HOH A . 
P 5 HOH 17  317 317 HOH HOH A . 
P 5 HOH 18  318 318 HOH HOH A . 
P 5 HOH 19  319 319 HOH HOH A . 
P 5 HOH 20  320 320 HOH HOH A . 
P 5 HOH 21  321 321 HOH HOH A . 
P 5 HOH 22  322 322 HOH HOH A . 
P 5 HOH 23  323 323 HOH HOH A . 
P 5 HOH 24  324 324 HOH HOH A . 
P 5 HOH 25  325 325 HOH HOH A . 
P 5 HOH 26  326 326 HOH HOH A . 
P 5 HOH 27  327 327 HOH HOH A . 
P 5 HOH 28  328 328 HOH HOH A . 
P 5 HOH 29  329 329 HOH HOH A . 
P 5 HOH 30  330 330 HOH HOH A . 
P 5 HOH 31  331 331 HOH HOH A . 
P 5 HOH 32  332 332 HOH HOH A . 
P 5 HOH 33  333 333 HOH HOH A . 
P 5 HOH 34  334 334 HOH HOH A . 
P 5 HOH 35  335 335 HOH HOH A . 
P 5 HOH 36  336 336 HOH HOH A . 
P 5 HOH 37  337 337 HOH HOH A . 
P 5 HOH 38  338 338 HOH HOH A . 
P 5 HOH 39  339 339 HOH HOH A . 
P 5 HOH 40  340 340 HOH HOH A . 
P 5 HOH 41  341 341 HOH HOH A . 
P 5 HOH 42  342 342 HOH HOH A . 
P 5 HOH 43  343 343 HOH HOH A . 
P 5 HOH 44  344 344 HOH HOH A . 
P 5 HOH 45  345 345 HOH HOH A . 
P 5 HOH 46  346 346 HOH HOH A . 
P 5 HOH 47  347 347 HOH HOH A . 
P 5 HOH 48  348 348 HOH HOH A . 
P 5 HOH 49  349 349 HOH HOH A . 
P 5 HOH 50  350 350 HOH HOH A . 
P 5 HOH 51  351 351 HOH HOH A . 
P 5 HOH 52  352 352 HOH HOH A . 
P 5 HOH 53  353 353 HOH HOH A . 
P 5 HOH 54  354 354 HOH HOH A . 
P 5 HOH 55  355 355 HOH HOH A . 
P 5 HOH 56  356 356 HOH HOH A . 
P 5 HOH 57  357 357 HOH HOH A . 
P 5 HOH 58  358 358 HOH HOH A . 
P 5 HOH 59  359 359 HOH HOH A . 
P 5 HOH 60  360 360 HOH HOH A . 
P 5 HOH 61  361 361 HOH HOH A . 
P 5 HOH 62  362 362 HOH HOH A . 
P 5 HOH 63  363 363 HOH HOH A . 
P 5 HOH 64  364 364 HOH HOH A . 
P 5 HOH 65  365 365 HOH HOH A . 
P 5 HOH 66  366 366 HOH HOH A . 
P 5 HOH 67  367 367 HOH HOH A . 
P 5 HOH 68  368 368 HOH HOH A . 
P 5 HOH 69  369 369 HOH HOH A . 
P 5 HOH 70  370 370 HOH HOH A . 
P 5 HOH 71  371 371 HOH HOH A . 
P 5 HOH 72  372 372 HOH HOH A . 
P 5 HOH 73  373 373 HOH HOH A . 
P 5 HOH 74  374 374 HOH HOH A . 
P 5 HOH 75  375 375 HOH HOH A . 
P 5 HOH 76  376 376 HOH HOH A . 
P 5 HOH 77  377 377 HOH HOH A . 
P 5 HOH 78  378 378 HOH HOH A . 
P 5 HOH 79  379 379 HOH HOH A . 
P 5 HOH 80  380 380 HOH HOH A . 
P 5 HOH 81  381 381 HOH HOH A . 
P 5 HOH 82  382 382 HOH HOH A . 
P 5 HOH 83  383 383 HOH HOH A . 
P 5 HOH 84  384 384 HOH HOH A . 
P 5 HOH 85  385 385 HOH HOH A . 
P 5 HOH 86  386 386 HOH HOH A . 
P 5 HOH 87  387 387 HOH HOH A . 
P 5 HOH 88  388 388 HOH HOH A . 
P 5 HOH 89  389 389 HOH HOH A . 
P 5 HOH 90  390 390 HOH HOH A . 
P 5 HOH 91  391 391 HOH HOH A . 
P 5 HOH 92  392 392 HOH HOH A . 
P 5 HOH 93  393 393 HOH HOH A . 
P 5 HOH 94  394 394 HOH HOH A . 
P 5 HOH 95  395 395 HOH HOH A . 
P 5 HOH 96  396 396 HOH HOH A . 
P 5 HOH 97  397 397 HOH HOH A . 
P 5 HOH 98  398 398 HOH HOH A . 
P 5 HOH 99  399 399 HOH HOH A . 
P 5 HOH 100 400 400 HOH HOH A . 
P 5 HOH 101 401 401 HOH HOH A . 
P 5 HOH 102 402 402 HOH HOH A . 
P 5 HOH 103 403 403 HOH HOH A . 
P 5 HOH 104 404 404 HOH HOH A . 
P 5 HOH 105 405 405 HOH HOH A . 
P 5 HOH 106 406 406 HOH HOH A . 
P 5 HOH 107 407 407 HOH HOH A . 
P 5 HOH 108 408 408 HOH HOH A . 
P 5 HOH 109 409 409 HOH HOH A . 
P 5 HOH 110 410 410 HOH HOH A . 
P 5 HOH 111 411 411 HOH HOH A . 
P 5 HOH 112 412 412 HOH HOH A . 
P 5 HOH 113 413 413 HOH HOH A . 
P 5 HOH 114 414 414 HOH HOH A . 
P 5 HOH 115 415 415 HOH HOH A . 
P 5 HOH 116 416 416 HOH HOH A . 
P 5 HOH 117 417 417 HOH HOH A . 
P 5 HOH 118 418 418 HOH HOH A . 
P 5 HOH 119 419 419 HOH HOH A . 
P 5 HOH 120 420 420 HOH HOH A . 
P 5 HOH 121 421 421 HOH HOH A . 
P 5 HOH 122 422 422 HOH HOH A . 
P 5 HOH 123 423 423 HOH HOH A . 
P 5 HOH 124 424 424 HOH HOH A . 
P 5 HOH 125 425 425 HOH HOH A . 
P 5 HOH 126 426 426 HOH HOH A . 
P 5 HOH 127 427 427 HOH HOH A . 
P 5 HOH 128 428 428 HOH HOH A . 
P 5 HOH 129 429 429 HOH HOH A . 
P 5 HOH 130 430 430 HOH HOH A . 
P 5 HOH 131 431 431 HOH HOH A . 
P 5 HOH 132 432 432 HOH HOH A . 
P 5 HOH 133 433 433 HOH HOH A . 
P 5 HOH 134 434 434 HOH HOH A . 
P 5 HOH 135 435 435 HOH HOH A . 
P 5 HOH 136 436 436 HOH HOH A . 
P 5 HOH 137 437 437 HOH HOH A . 
P 5 HOH 138 438 438 HOH HOH A . 
P 5 HOH 139 439 439 HOH HOH A . 
P 5 HOH 140 440 440 HOH HOH A . 
P 5 HOH 141 441 441 HOH HOH A . 
P 5 HOH 142 442 442 HOH HOH A . 
P 5 HOH 143 443 443 HOH HOH A . 
P 5 HOH 144 444 444 HOH HOH A . 
P 5 HOH 145 445 445 HOH HOH A . 
P 5 HOH 146 446 446 HOH HOH A . 
P 5 HOH 147 447 447 HOH HOH A . 
P 5 HOH 148 448 448 HOH HOH A . 
P 5 HOH 149 449 449 HOH HOH A . 
P 5 HOH 150 450 450 HOH HOH A . 
P 5 HOH 151 451 451 HOH HOH A . 
P 5 HOH 152 452 452 HOH HOH A . 
P 5 HOH 153 453 453 HOH HOH A . 
P 5 HOH 154 454 454 HOH HOH A . 
P 5 HOH 155 455 455 HOH HOH A . 
P 5 HOH 156 456 456 HOH HOH A . 
P 5 HOH 157 457 457 HOH HOH A . 
P 5 HOH 158 458 458 HOH HOH A . 
P 5 HOH 159 459 459 HOH HOH A . 
P 5 HOH 160 460 460 HOH HOH A . 
P 5 HOH 161 461 461 HOH HOH A . 
P 5 HOH 162 462 462 HOH HOH A . 
P 5 HOH 163 463 463 HOH HOH A . 
P 5 HOH 164 464 464 HOH HOH A . 
P 5 HOH 165 465 465 HOH HOH A . 
P 5 HOH 166 466 466 HOH HOH A . 
P 5 HOH 167 467 467 HOH HOH A . 
P 5 HOH 168 468 468 HOH HOH A . 
P 5 HOH 169 469 469 HOH HOH A . 
P 5 HOH 170 470 470 HOH HOH A . 
P 5 HOH 171 471 471 HOH HOH A . 
P 5 HOH 172 472 472 HOH HOH A . 
P 5 HOH 173 473 473 HOH HOH A . 
P 5 HOH 174 474 474 HOH HOH A . 
P 5 HOH 175 475 475 HOH HOH A . 
P 5 HOH 176 476 476 HOH HOH A . 
P 5 HOH 177 477 477 HOH HOH A . 
P 5 HOH 178 478 478 HOH HOH A . 
P 5 HOH 179 479 479 HOH HOH A . 
P 5 HOH 180 480 480 HOH HOH A . 
P 5 HOH 181 481 481 HOH HOH A . 
P 5 HOH 182 482 482 HOH HOH A . 
P 5 HOH 183 483 483 HOH HOH A . 
P 5 HOH 184 484 484 HOH HOH A . 
P 5 HOH 185 485 485 HOH HOH A . 
P 5 HOH 186 486 486 HOH HOH A . 
P 5 HOH 187 487 487 HOH HOH A . 
P 5 HOH 188 488 488 HOH HOH A . 
P 5 HOH 189 489 489 HOH HOH A . 
P 5 HOH 190 490 490 HOH HOH A . 
P 5 HOH 191 491 491 HOH HOH A . 
P 5 HOH 192 492 492 HOH HOH A . 
P 5 HOH 193 493 493 HOH HOH A . 
P 5 HOH 194 494 494 HOH HOH A . 
P 5 HOH 195 495 495 HOH HOH A . 
P 5 HOH 196 496 496 HOH HOH A . 
P 5 HOH 197 497 497 HOH HOH A . 
P 5 HOH 198 498 498 HOH HOH A . 
P 5 HOH 199 499 499 HOH HOH A . 
P 5 HOH 200 500 500 HOH HOH A . 
P 5 HOH 201 501 501 HOH HOH A . 
P 5 HOH 202 502 502 HOH HOH A . 
P 5 HOH 203 503 503 HOH HOH A . 
# 
_pdbx_struct_assembly.id                   1 
_pdbx_struct_assembly.details              author_and_software_defined_assembly 
_pdbx_struct_assembly.method_details       PISA 
_pdbx_struct_assembly.oligomeric_details   monomeric 
_pdbx_struct_assembly.oligomeric_count     1 
# 
_pdbx_struct_assembly_gen.assembly_id       1 
_pdbx_struct_assembly_gen.oper_expression   1 
_pdbx_struct_assembly_gen.asym_id_list      A,B,C,D,E,F,G,H,I,J,K,L,M,N,O,P 
# 
_pdbx_struct_oper_list.id                   1 
_pdbx_struct_oper_list.type                 'identity operation' 
_pdbx_struct_oper_list.name                 1_555 
_pdbx_struct_oper_list.symmetry_operation   x,y,z 
_pdbx_struct_oper_list.matrix[1][1]         1.0000000000 
_pdbx_struct_oper_list.matrix[1][2]         0.0000000000 
_pdbx_struct_oper_list.matrix[1][3]         0.0000000000 
_pdbx_struct_oper_list.vector[1]            0.0000000000 
_pdbx_struct_oper_list.matrix[2][1]         0.0000000000 
_pdbx_struct_oper_list.matrix[2][2]         1.0000000000 
_pdbx_struct_oper_list.matrix[2][3]         0.0000000000 
_pdbx_struct_oper_list.vector[2]            0.0000000000 
_pdbx_struct_oper_list.matrix[3][1]         0.0000000000 
_pdbx_struct_oper_list.matrix[3][2]         0.0000000000 
_pdbx_struct_oper_list.matrix[3][3]         1.0000000000 
_pdbx_struct_oper_list.vector[3]            0.0000000000 
# 
loop_
_pdbx_audit_revision_history.ordinal 
_pdbx_audit_revision_history.data_content_type 
_pdbx_audit_revision_history.major_revision 
_pdbx_audit_revision_history.minor_revision 
_pdbx_audit_revision_history.revision_date 
1 'Structure model' 1 0 2009-06-23 
2 'Structure model' 1 1 2011-07-13 
3 'Structure model' 1 2 2021-10-20 
4 'Structure model' 1 3 2023-09-06 
# 
_pdbx_audit_revision_details.ordinal             1 
_pdbx_audit_revision_details.revision_ordinal    1 
_pdbx_audit_revision_details.data_content_type   'Structure model' 
_pdbx_audit_revision_details.provider            repository 
_pdbx_audit_revision_details.type                'Initial release' 
_pdbx_audit_revision_details.description         ? 
_pdbx_audit_revision_details.details             ? 
# 
loop_
_pdbx_audit_revision_group.ordinal 
_pdbx_audit_revision_group.revision_ordinal 
_pdbx_audit_revision_group.data_content_type 
_pdbx_audit_revision_group.group 
1 2 'Structure model' 'Version format compliance' 
2 3 'Structure model' 'Database references'       
3 3 'Structure model' 'Derived calculations'      
4 4 'Structure model' 'Data collection'           
5 4 'Structure model' 'Refinement description'    
# 
loop_
_pdbx_audit_revision_category.ordinal 
_pdbx_audit_revision_category.revision_ordinal 
_pdbx_audit_revision_category.data_content_type 
_pdbx_audit_revision_category.category 
1 3 'Structure model' database_2                    
2 3 'Structure model' struct_ref_seq_dif            
3 3 'Structure model' struct_site                   
4 4 'Structure model' chem_comp_atom                
5 4 'Structure model' chem_comp_bond                
6 4 'Structure model' pdbx_initial_refinement_model 
# 
loop_
_pdbx_audit_revision_item.ordinal 
_pdbx_audit_revision_item.revision_ordinal 
_pdbx_audit_revision_item.data_content_type 
_pdbx_audit_revision_item.item 
1 3 'Structure model' '_database_2.pdbx_DOI'                
2 3 'Structure model' '_database_2.pdbx_database_accession' 
3 3 'Structure model' '_struct_ref_seq_dif.details'         
4 3 'Structure model' '_struct_site.pdbx_auth_asym_id'      
5 3 'Structure model' '_struct_site.pdbx_auth_comp_id'      
6 3 'Structure model' '_struct_site.pdbx_auth_seq_id'       
# 
loop_
_software.name 
_software.classification 
_software.version 
_software.citation_id 
_software.pdbx_ordinal 
CrystalClear 'data collection' . ? 1 
CNS          refinement        . ? 2 
d*TREK       'data reduction'  . ? 3 
SCALEPACK    'data scaling'    . ? 4 
CNS          phasing           . ? 5 
# 
_pdbx_validate_planes.id              1 
_pdbx_validate_planes.PDB_model_num   1 
_pdbx_validate_planes.auth_comp_id    G 
_pdbx_validate_planes.auth_asym_id    A 
_pdbx_validate_planes.auth_seq_id     38 
_pdbx_validate_planes.PDB_ins_code    ? 
_pdbx_validate_planes.label_alt_id    ? 
_pdbx_validate_planes.rmsd            0.064 
_pdbx_validate_planes.type            'SIDE CHAIN' 
# 
loop_
_pdbx_unobs_or_zero_occ_atoms.id 
_pdbx_unobs_or_zero_occ_atoms.PDB_model_num 
_pdbx_unobs_or_zero_occ_atoms.polymer_flag 
_pdbx_unobs_or_zero_occ_atoms.occupancy_flag 
_pdbx_unobs_or_zero_occ_atoms.auth_asym_id 
_pdbx_unobs_or_zero_occ_atoms.auth_comp_id 
_pdbx_unobs_or_zero_occ_atoms.auth_seq_id 
_pdbx_unobs_or_zero_occ_atoms.PDB_ins_code 
_pdbx_unobs_or_zero_occ_atoms.auth_atom_id 
_pdbx_unobs_or_zero_occ_atoms.label_alt_id 
_pdbx_unobs_or_zero_occ_atoms.label_asym_id 
_pdbx_unobs_or_zero_occ_atoms.label_comp_id 
_pdbx_unobs_or_zero_occ_atoms.label_seq_id 
_pdbx_unobs_or_zero_occ_atoms.label_atom_id 
1 1 Y 1 A A 17 ? P   ? A A 3 P   
2 1 Y 1 A A 17 ? OP1 ? A A 3 OP1 
3 1 Y 1 A A 17 ? OP2 ? A A 3 OP2 
# 
loop_
_pdbx_unobs_or_zero_occ_residues.id 
_pdbx_unobs_or_zero_occ_residues.PDB_model_num 
_pdbx_unobs_or_zero_occ_residues.polymer_flag 
_pdbx_unobs_or_zero_occ_residues.occupancy_flag 
_pdbx_unobs_or_zero_occ_residues.auth_asym_id 
_pdbx_unobs_or_zero_occ_residues.auth_comp_id 
_pdbx_unobs_or_zero_occ_residues.auth_seq_id 
_pdbx_unobs_or_zero_occ_residues.PDB_ins_code 
_pdbx_unobs_or_zero_occ_residues.label_asym_id 
_pdbx_unobs_or_zero_occ_residues.label_comp_id 
_pdbx_unobs_or_zero_occ_residues.label_seq_id 
1 1 Y 1 A G 15 ? A G 1  
2 1 Y 1 A G 16 ? A G 2  
3 1 Y 1 A C 80 ? A C 66 
4 1 Y 1 A C 81 ? A C 67 
5 1 Y 1 A A 82 ? A A 68 
# 
loop_
_chem_comp_atom.comp_id 
_chem_comp_atom.atom_id 
_chem_comp_atom.type_symbol 
_chem_comp_atom.pdbx_aromatic_flag 
_chem_comp_atom.pdbx_stereo_config 
_chem_comp_atom.pdbx_ordinal 
6GU CL6    CL N N 1   
6GU N1     N  Y N 2   
6GU C2     C  Y N 3   
6GU N2     N  N N 4   
6GU N3     N  Y N 5   
6GU C4     C  Y N 6   
6GU C5     C  Y N 7   
6GU C6     C  Y N 8   
6GU N7     N  Y N 9   
6GU C8     C  Y N 10  
6GU N9     N  Y N 11  
6GU HN2    H  N N 12  
6GU HN2A   H  N N 13  
6GU H8     H  N N 14  
6GU HN9    H  N N 15  
A   OP3    O  N N 16  
A   P      P  N N 17  
A   OP1    O  N N 18  
A   OP2    O  N N 19  
A   "O5'"  O  N N 20  
A   "C5'"  C  N N 21  
A   "C4'"  C  N R 22  
A   "O4'"  O  N N 23  
A   "C3'"  C  N S 24  
A   "O3'"  O  N N 25  
A   "C2'"  C  N R 26  
A   "O2'"  O  N N 27  
A   "C1'"  C  N R 28  
A   N9     N  Y N 29  
A   C8     C  Y N 30  
A   N7     N  Y N 31  
A   C5     C  Y N 32  
A   C6     C  Y N 33  
A   N6     N  N N 34  
A   N1     N  Y N 35  
A   C2     C  Y N 36  
A   N3     N  Y N 37  
A   C4     C  Y N 38  
A   HOP3   H  N N 39  
A   HOP2   H  N N 40  
A   "H5'"  H  N N 41  
A   "H5''" H  N N 42  
A   "H4'"  H  N N 43  
A   "H3'"  H  N N 44  
A   "HO3'" H  N N 45  
A   "H2'"  H  N N 46  
A   "HO2'" H  N N 47  
A   "H1'"  H  N N 48  
A   H8     H  N N 49  
A   H61    H  N N 50  
A   H62    H  N N 51  
A   H2     H  N N 52  
ACT C      C  N N 53  
ACT O      O  N N 54  
ACT OXT    O  N N 55  
ACT CH3    C  N N 56  
ACT H1     H  N N 57  
ACT H2     H  N N 58  
ACT H3     H  N N 59  
C   OP3    O  N N 60  
C   P      P  N N 61  
C   OP1    O  N N 62  
C   OP2    O  N N 63  
C   "O5'"  O  N N 64  
C   "C5'"  C  N N 65  
C   "C4'"  C  N R 66  
C   "O4'"  O  N N 67  
C   "C3'"  C  N S 68  
C   "O3'"  O  N N 69  
C   "C2'"  C  N R 70  
C   "O2'"  O  N N 71  
C   "C1'"  C  N R 72  
C   N1     N  N N 73  
C   C2     C  N N 74  
C   O2     O  N N 75  
C   N3     N  N N 76  
C   C4     C  N N 77  
C   N4     N  N N 78  
C   C5     C  N N 79  
C   C6     C  N N 80  
C   HOP3   H  N N 81  
C   HOP2   H  N N 82  
C   "H5'"  H  N N 83  
C   "H5''" H  N N 84  
C   "H4'"  H  N N 85  
C   "H3'"  H  N N 86  
C   "HO3'" H  N N 87  
C   "H2'"  H  N N 88  
C   "HO2'" H  N N 89  
C   "H1'"  H  N N 90  
C   H41    H  N N 91  
C   H42    H  N N 92  
C   H5     H  N N 93  
C   H6     H  N N 94  
G   OP3    O  N N 95  
G   P      P  N N 96  
G   OP1    O  N N 97  
G   OP2    O  N N 98  
G   "O5'"  O  N N 99  
G   "C5'"  C  N N 100 
G   "C4'"  C  N R 101 
G   "O4'"  O  N N 102 
G   "C3'"  C  N S 103 
G   "O3'"  O  N N 104 
G   "C2'"  C  N R 105 
G   "O2'"  O  N N 106 
G   "C1'"  C  N R 107 
G   N9     N  Y N 108 
G   C8     C  Y N 109 
G   N7     N  Y N 110 
G   C5     C  Y N 111 
G   C6     C  N N 112 
G   O6     O  N N 113 
G   N1     N  N N 114 
G   C2     C  N N 115 
G   N2     N  N N 116 
G   N3     N  N N 117 
G   C4     C  Y N 118 
G   HOP3   H  N N 119 
G   HOP2   H  N N 120 
G   "H5'"  H  N N 121 
G   "H5''" H  N N 122 
G   "H4'"  H  N N 123 
G   "H3'"  H  N N 124 
G   "HO3'" H  N N 125 
G   "H2'"  H  N N 126 
G   "HO2'" H  N N 127 
G   "H1'"  H  N N 128 
G   H8     H  N N 129 
G   H1     H  N N 130 
G   H21    H  N N 131 
G   H22    H  N N 132 
HOH O      O  N N 133 
HOH H1     H  N N 134 
HOH H2     H  N N 135 
NCO CO     CO N N 136 
NCO N1     N  N N 137 
NCO N2     N  N N 138 
NCO N3     N  N N 139 
NCO N4     N  N N 140 
NCO N5     N  N N 141 
NCO N6     N  N N 142 
NCO HN11   H  N N 143 
NCO HN12   H  N N 144 
NCO HN13   H  N N 145 
NCO HN21   H  N N 146 
NCO HN22   H  N N 147 
NCO HN23   H  N N 148 
NCO HN31   H  N N 149 
NCO HN32   H  N N 150 
NCO HN33   H  N N 151 
NCO HN41   H  N N 152 
NCO HN42   H  N N 153 
NCO HN43   H  N N 154 
NCO HN51   H  N N 155 
NCO HN52   H  N N 156 
NCO HN53   H  N N 157 
NCO HN61   H  N N 158 
NCO HN62   H  N N 159 
NCO HN63   H  N N 160 
U   OP3    O  N N 161 
U   P      P  N N 162 
U   OP1    O  N N 163 
U   OP2    O  N N 164 
U   "O5'"  O  N N 165 
U   "C5'"  C  N N 166 
U   "C4'"  C  N R 167 
U   "O4'"  O  N N 168 
U   "C3'"  C  N S 169 
U   "O3'"  O  N N 170 
U   "C2'"  C  N R 171 
U   "O2'"  O  N N 172 
U   "C1'"  C  N R 173 
U   N1     N  N N 174 
U   C2     C  N N 175 
U   O2     O  N N 176 
U   N3     N  N N 177 
U   C4     C  N N 178 
U   O4     O  N N 179 
U   C5     C  N N 180 
U   C6     C  N N 181 
U   HOP3   H  N N 182 
U   HOP2   H  N N 183 
U   "H5'"  H  N N 184 
U   "H5''" H  N N 185 
U   "H4'"  H  N N 186 
U   "H3'"  H  N N 187 
U   "HO3'" H  N N 188 
U   "H2'"  H  N N 189 
U   "HO2'" H  N N 190 
U   "H1'"  H  N N 191 
U   H3     H  N N 192 
U   H5     H  N N 193 
U   H6     H  N N 194 
# 
loop_
_chem_comp_bond.comp_id 
_chem_comp_bond.atom_id_1 
_chem_comp_bond.atom_id_2 
_chem_comp_bond.value_order 
_chem_comp_bond.pdbx_aromatic_flag 
_chem_comp_bond.pdbx_stereo_config 
_chem_comp_bond.pdbx_ordinal 
6GU CL6   C6     sing N N 1   
6GU N1    C2     doub Y N 2   
6GU N1    C6     sing Y N 3   
6GU C2    N2     sing N N 4   
6GU C2    N3     sing Y N 5   
6GU N3    C4     doub Y N 6   
6GU C4    C5     sing Y N 7   
6GU C4    N9     sing Y N 8   
6GU C5    C6     doub Y N 9   
6GU C5    N7     sing Y N 10  
6GU N7    C8     doub Y N 11  
6GU C8    N9     sing Y N 12  
6GU N2    HN2    sing N N 13  
6GU N2    HN2A   sing N N 14  
6GU C8    H8     sing N N 15  
6GU N9    HN9    sing N N 16  
A   OP3   P      sing N N 17  
A   OP3   HOP3   sing N N 18  
A   P     OP1    doub N N 19  
A   P     OP2    sing N N 20  
A   P     "O5'"  sing N N 21  
A   OP2   HOP2   sing N N 22  
A   "O5'" "C5'"  sing N N 23  
A   "C5'" "C4'"  sing N N 24  
A   "C5'" "H5'"  sing N N 25  
A   "C5'" "H5''" sing N N 26  
A   "C4'" "O4'"  sing N N 27  
A   "C4'" "C3'"  sing N N 28  
A   "C4'" "H4'"  sing N N 29  
A   "O4'" "C1'"  sing N N 30  
A   "C3'" "O3'"  sing N N 31  
A   "C3'" "C2'"  sing N N 32  
A   "C3'" "H3'"  sing N N 33  
A   "O3'" "HO3'" sing N N 34  
A   "C2'" "O2'"  sing N N 35  
A   "C2'" "C1'"  sing N N 36  
A   "C2'" "H2'"  sing N N 37  
A   "O2'" "HO2'" sing N N 38  
A   "C1'" N9     sing N N 39  
A   "C1'" "H1'"  sing N N 40  
A   N9    C8     sing Y N 41  
A   N9    C4     sing Y N 42  
A   C8    N7     doub Y N 43  
A   C8    H8     sing N N 44  
A   N7    C5     sing Y N 45  
A   C5    C6     sing Y N 46  
A   C5    C4     doub Y N 47  
A   C6    N6     sing N N 48  
A   C6    N1     doub Y N 49  
A   N6    H61    sing N N 50  
A   N6    H62    sing N N 51  
A   N1    C2     sing Y N 52  
A   C2    N3     doub Y N 53  
A   C2    H2     sing N N 54  
A   N3    C4     sing Y N 55  
ACT C     O      doub N N 56  
ACT C     OXT    sing N N 57  
ACT C     CH3    sing N N 58  
ACT CH3   H1     sing N N 59  
ACT CH3   H2     sing N N 60  
ACT CH3   H3     sing N N 61  
C   OP3   P      sing N N 62  
C   OP3   HOP3   sing N N 63  
C   P     OP1    doub N N 64  
C   P     OP2    sing N N 65  
C   P     "O5'"  sing N N 66  
C   OP2   HOP2   sing N N 67  
C   "O5'" "C5'"  sing N N 68  
C   "C5'" "C4'"  sing N N 69  
C   "C5'" "H5'"  sing N N 70  
C   "C5'" "H5''" sing N N 71  
C   "C4'" "O4'"  sing N N 72  
C   "C4'" "C3'"  sing N N 73  
C   "C4'" "H4'"  sing N N 74  
C   "O4'" "C1'"  sing N N 75  
C   "C3'" "O3'"  sing N N 76  
C   "C3'" "C2'"  sing N N 77  
C   "C3'" "H3'"  sing N N 78  
C   "O3'" "HO3'" sing N N 79  
C   "C2'" "O2'"  sing N N 80  
C   "C2'" "C1'"  sing N N 81  
C   "C2'" "H2'"  sing N N 82  
C   "O2'" "HO2'" sing N N 83  
C   "C1'" N1     sing N N 84  
C   "C1'" "H1'"  sing N N 85  
C   N1    C2     sing N N 86  
C   N1    C6     sing N N 87  
C   C2    O2     doub N N 88  
C   C2    N3     sing N N 89  
C   N3    C4     doub N N 90  
C   C4    N4     sing N N 91  
C   C4    C5     sing N N 92  
C   N4    H41    sing N N 93  
C   N4    H42    sing N N 94  
C   C5    C6     doub N N 95  
C   C5    H5     sing N N 96  
C   C6    H6     sing N N 97  
G   OP3   P      sing N N 98  
G   OP3   HOP3   sing N N 99  
G   P     OP1    doub N N 100 
G   P     OP2    sing N N 101 
G   P     "O5'"  sing N N 102 
G   OP2   HOP2   sing N N 103 
G   "O5'" "C5'"  sing N N 104 
G   "C5'" "C4'"  sing N N 105 
G   "C5'" "H5'"  sing N N 106 
G   "C5'" "H5''" sing N N 107 
G   "C4'" "O4'"  sing N N 108 
G   "C4'" "C3'"  sing N N 109 
G   "C4'" "H4'"  sing N N 110 
G   "O4'" "C1'"  sing N N 111 
G   "C3'" "O3'"  sing N N 112 
G   "C3'" "C2'"  sing N N 113 
G   "C3'" "H3'"  sing N N 114 
G   "O3'" "HO3'" sing N N 115 
G   "C2'" "O2'"  sing N N 116 
G   "C2'" "C1'"  sing N N 117 
G   "C2'" "H2'"  sing N N 118 
G   "O2'" "HO2'" sing N N 119 
G   "C1'" N9     sing N N 120 
G   "C1'" "H1'"  sing N N 121 
G   N9    C8     sing Y N 122 
G   N9    C4     sing Y N 123 
G   C8    N7     doub Y N 124 
G   C8    H8     sing N N 125 
G   N7    C5     sing Y N 126 
G   C5    C6     sing N N 127 
G   C5    C4     doub Y N 128 
G   C6    O6     doub N N 129 
G   C6    N1     sing N N 130 
G   N1    C2     sing N N 131 
G   N1    H1     sing N N 132 
G   C2    N2     sing N N 133 
G   C2    N3     doub N N 134 
G   N2    H21    sing N N 135 
G   N2    H22    sing N N 136 
G   N3    C4     sing N N 137 
HOH O     H1     sing N N 138 
HOH O     H2     sing N N 139 
NCO CO    N1     sing N N 140 
NCO CO    N2     sing N N 141 
NCO CO    N3     sing N N 142 
NCO CO    N4     sing N N 143 
NCO CO    N5     sing N N 144 
NCO CO    N6     sing N N 145 
NCO N1    HN11   sing N N 146 
NCO N1    HN12   sing N N 147 
NCO N1    HN13   sing N N 148 
NCO N2    HN21   sing N N 149 
NCO N2    HN22   sing N N 150 
NCO N2    HN23   sing N N 151 
NCO N3    HN31   sing N N 152 
NCO N3    HN32   sing N N 153 
NCO N3    HN33   sing N N 154 
NCO N4    HN41   sing N N 155 
NCO N4    HN42   sing N N 156 
NCO N4    HN43   sing N N 157 
NCO N5    HN51   sing N N 158 
NCO N5    HN52   sing N N 159 
NCO N5    HN53   sing N N 160 
NCO N6    HN61   sing N N 161 
NCO N6    HN62   sing N N 162 
NCO N6    HN63   sing N N 163 
U   OP3   P      sing N N 164 
U   OP3   HOP3   sing N N 165 
U   P     OP1    doub N N 166 
U   P     OP2    sing N N 167 
U   P     "O5'"  sing N N 168 
U   OP2   HOP2   sing N N 169 
U   "O5'" "C5'"  sing N N 170 
U   "C5'" "C4'"  sing N N 171 
U   "C5'" "H5'"  sing N N 172 
U   "C5'" "H5''" sing N N 173 
U   "C4'" "O4'"  sing N N 174 
U   "C4'" "C3'"  sing N N 175 
U   "C4'" "H4'"  sing N N 176 
U   "O4'" "C1'"  sing N N 177 
U   "C3'" "O3'"  sing N N 178 
U   "C3'" "C2'"  sing N N 179 
U   "C3'" "H3'"  sing N N 180 
U   "O3'" "HO3'" sing N N 181 
U   "C2'" "O2'"  sing N N 182 
U   "C2'" "C1'"  sing N N 183 
U   "C2'" "H2'"  sing N N 184 
U   "O2'" "HO2'" sing N N 185 
U   "C1'" N1     sing N N 186 
U   "C1'" "H1'"  sing N N 187 
U   N1    C2     sing N N 188 
U   N1    C6     sing N N 189 
U   C2    O2     doub N N 190 
U   C2    N3     sing N N 191 
U   N3    C4     sing N N 192 
U   N3    H3     sing N N 193 
U   C4    O4     doub N N 194 
U   C4    C5     sing N N 195 
U   C5    C6     doub N N 196 
U   C5    H5     sing N N 197 
U   C6    H6     sing N N 198 
# 
loop_
_ndb_struct_conf_na.entry_id 
_ndb_struct_conf_na.feature 
3FO4 'double helix'         
3FO4 'a-form double helix'  
3FO4 'mismatched base pair' 
3FO4 'internal loop'        
3FO4 'triple helix'         
3FO4 'three-way junction'   
# 
loop_
_ndb_struct_na_base_pair.model_number 
_ndb_struct_na_base_pair.i_label_asym_id 
_ndb_struct_na_base_pair.i_label_comp_id 
_ndb_struct_na_base_pair.i_label_seq_id 
_ndb_struct_na_base_pair.i_symmetry 
_ndb_struct_na_base_pair.j_label_asym_id 
_ndb_struct_na_base_pair.j_label_comp_id 
_ndb_struct_na_base_pair.j_label_seq_id 
_ndb_struct_na_base_pair.j_symmetry 
_ndb_struct_na_base_pair.shear 
_ndb_struct_na_base_pair.stretch 
_ndb_struct_na_base_pair.stagger 
_ndb_struct_na_base_pair.buckle 
_ndb_struct_na_base_pair.propeller 
_ndb_struct_na_base_pair.opening 
_ndb_struct_na_base_pair.pair_number 
_ndb_struct_na_base_pair.pair_name 
_ndb_struct_na_base_pair.i_auth_asym_id 
_ndb_struct_na_base_pair.i_auth_seq_id 
_ndb_struct_na_base_pair.i_PDB_ins_code 
_ndb_struct_na_base_pair.j_auth_asym_id 
_ndb_struct_na_base_pair.j_auth_seq_id 
_ndb_struct_na_base_pair.j_PDB_ins_code 
_ndb_struct_na_base_pair.hbond_type_28 
_ndb_struct_na_base_pair.hbond_type_12 
1 A A 3  1_555 A U 65 1_555 0.023  -0.076 -0.271 4.025   -22.819 1.560    1  A_A17:U79_A A 17 ? A 79 ? 20 1 
1 A C 4  1_555 A G 64 1_555 0.003  -0.065 0.081  1.170   -14.269 -0.898   2  A_C18:G78_A A 18 ? A 78 ? 19 1 
1 A A 5  1_555 A U 63 1_555 0.022  -0.079 -0.123 -7.035  -9.310  5.146    3  A_A19:U77_A A 19 ? A 77 ? 20 1 
1 A U 6  1_555 A A 62 1_555 0.062  -0.102 0.257  -8.591  -13.910 4.767    4  A_U20:A76_A A 20 ? A 76 ? 20 1 
1 A A 7  1_555 A U 61 1_555 0.103  -0.032 0.173  -0.157  -12.741 2.332    5  A_A21:U75_A A 21 ? A 75 ? 20 1 
1 A U 37 1_555 A U 33 1_555 -3.628 -0.489 0.533  -28.165 42.169  -74.791  6  A_U51:U47_A A 51 ? A 47 ? ?  ? 
1 A A 38 1_555 A U 8  1_555 -0.089 -0.127 -0.318 -12.274 1.075   1.578    7  A_A52:U22_A A 52 ? A 22 ? 20 1 
1 A C 39 1_555 A G 32 1_555 0.251  0.028  -0.243 23.890  -7.786  -1.808   8  A_C53:G46_A A 53 ? A 46 ? 19 1 
1 A U 11 1_555 A A 31 1_555 -0.087 -0.082 0.323  5.469   -10.137 1.664    9  A_U25:A45_A A 25 ? A 45 ? 20 1 
1 A C 12 1_555 A A 30 1_555 -1.890 0.279  0.088  -0.721  -14.832 10.001   10 A_C26:A44_A A 26 ? A 44 ? ?  1 
1 A G 13 1_555 A C 29 1_555 -0.188 -0.067 0.046  -3.423  -8.952  0.585    11 A_G27:C43_A A 27 ? A 43 ? 19 1 
1 A C 14 1_555 A G 28 1_555 -0.011 -0.072 0.002  3.526   -5.377  -0.254   12 A_C28:G42_A A 28 ? A 42 ? 19 1 
1 A G 15 1_555 A C 27 1_555 -0.275 -0.154 0.254  1.195   -9.921  -1.848   13 A_G29:C41_A A 29 ? A 41 ? 19 1 
1 A U 16 1_555 A A 26 1_555 0.063  -0.085 0.224  3.987   -4.253  3.392    14 A_U30:A40_A A 30 ? A 40 ? 20 1 
1 A G 17 1_555 A C 25 1_555 -0.218 -0.151 0.087  4.790   -5.181  2.066    15 A_G31:C39_A A 31 ? A 39 ? 19 1 
1 A A 19 1_555 A A 52 1_555 4.161  1.535  -0.274 -8.942  -7.002  -110.879 16 A_A33:A66_A A 33 ? A 66 ? 5  4 
1 A U 20 1_555 A A 51 1_555 4.278  -2.023 -0.548 -1.114  -4.149  -100.690 17 A_U34:A65_A A 34 ? A 65 ? 24 4 
1 A A 21 1_555 A A 50 1_555 -4.151 1.375  0.461  -2.724  7.120   -110.737 18 A_A35:A64_A A 35 ? A 64 ? 5  4 
1 A G 23 1_555 A C 47 1_555 -0.159 -0.175 0.814  5.404   -8.439  -4.358   19 A_G37:C61_A A 37 ? A 61 ? 19 1 
1 A G 24 1_555 A C 46 1_555 -0.049 -0.049 0.398  16.140  -12.848 0.091    20 A_G38:C60_A A 38 ? A 60 ? 19 1 
1 A U 53 1_555 A A 45 1_555 -0.086 -0.076 0.039  2.125   -8.557  1.527    21 A_U67:A59_A A 67 ? A 59 ? 20 1 
1 A G 54 1_555 A C 44 1_555 -0.159 -0.127 -0.052 -7.326  -15.955 0.584    22 A_G68:C58_A A 68 ? A 58 ? 19 1 
1 A U 55 1_555 A G 43 1_555 2.274  -0.628 0.200  -0.128  -13.978 -4.782   23 A_U69:G57_A A 69 ? A 57 ? 28 ? 
1 A C 56 1_555 A G 42 1_555 0.242  -0.122 0.209  1.171   -13.081 -1.663   24 A_C70:G56_A A 70 ? A 56 ? 19 1 
1 A C 57 1_555 A G 41 1_555 0.129  -0.135 0.159  4.293   -8.927  -2.660   25 A_C71:G55_A A 71 ? A 55 ? 19 1 
1 A G 58 1_555 A C 40 1_555 -0.233 -0.111 0.116  4.292   -13.872 2.970    26 A_G72:C54_A A 72 ? A 54 ? 19 1 
1 A G 48 1_555 A U 49 1_555 8.093  1.534  0.726  -0.872  5.945   16.250   27 A_G62:U63_A A 62 ? A 63 ? ?  ? 
# 
loop_
_ndb_struct_na_base_pair_step.model_number 
_ndb_struct_na_base_pair_step.i_label_asym_id_1 
_ndb_struct_na_base_pair_step.i_label_comp_id_1 
_ndb_struct_na_base_pair_step.i_label_seq_id_1 
_ndb_struct_na_base_pair_step.i_symmetry_1 
_ndb_struct_na_base_pair_step.j_label_asym_id_1 
_ndb_struct_na_base_pair_step.j_label_comp_id_1 
_ndb_struct_na_base_pair_step.j_label_seq_id_1 
_ndb_struct_na_base_pair_step.j_symmetry_1 
_ndb_struct_na_base_pair_step.i_label_asym_id_2 
_ndb_struct_na_base_pair_step.i_label_comp_id_2 
_ndb_struct_na_base_pair_step.i_label_seq_id_2 
_ndb_struct_na_base_pair_step.i_symmetry_2 
_ndb_struct_na_base_pair_step.j_label_asym_id_2 
_ndb_struct_na_base_pair_step.j_label_comp_id_2 
_ndb_struct_na_base_pair_step.j_label_seq_id_2 
_ndb_struct_na_base_pair_step.j_symmetry_2 
_ndb_struct_na_base_pair_step.shift 
_ndb_struct_na_base_pair_step.slide 
_ndb_struct_na_base_pair_step.rise 
_ndb_struct_na_base_pair_step.tilt 
_ndb_struct_na_base_pair_step.roll 
_ndb_struct_na_base_pair_step.twist 
_ndb_struct_na_base_pair_step.x_displacement 
_ndb_struct_na_base_pair_step.y_displacement 
_ndb_struct_na_base_pair_step.helical_rise 
_ndb_struct_na_base_pair_step.inclination 
_ndb_struct_na_base_pair_step.tip 
_ndb_struct_na_base_pair_step.helical_twist 
_ndb_struct_na_base_pair_step.step_number 
_ndb_struct_na_base_pair_step.step_name 
_ndb_struct_na_base_pair_step.i_auth_asym_id_1 
_ndb_struct_na_base_pair_step.i_auth_seq_id_1 
_ndb_struct_na_base_pair_step.i_PDB_ins_code_1 
_ndb_struct_na_base_pair_step.j_auth_asym_id_1 
_ndb_struct_na_base_pair_step.j_auth_seq_id_1 
_ndb_struct_na_base_pair_step.j_PDB_ins_code_1 
_ndb_struct_na_base_pair_step.i_auth_asym_id_2 
_ndb_struct_na_base_pair_step.i_auth_seq_id_2 
_ndb_struct_na_base_pair_step.i_PDB_ins_code_2 
_ndb_struct_na_base_pair_step.j_auth_asym_id_2 
_ndb_struct_na_base_pair_step.j_auth_seq_id_2 
_ndb_struct_na_base_pair_step.j_PDB_ins_code_2 
1 A A 3  1_555 A U 65 1_555 A C 4  1_555 A G 64 1_555 0.776  -1.777 3.307 -2.348  12.298 28.556  -5.416 -1.847 2.295  23.552  
4.497   31.128  1  AA_A17C18:G78U79_AA A 17 ? A 79 ? A 18 ? A 78 ? 
1 A C 4  1_555 A G 64 1_555 A A 5  1_555 A U 63 1_555 0.074  -1.712 3.390 0.785   10.988 32.160  -4.614 -0.007 2.678  19.147  
-1.368  33.947  2  AA_C18A19:U77G78_AA A 18 ? A 78 ? A 19 ? A 77 ? 
1 A A 5  1_555 A U 63 1_555 A U 6  1_555 A A 62 1_555 0.152  -1.274 3.272 -1.972  14.050 30.913  -4.257 -0.551 2.464  24.788  
3.479   33.941  3  AA_A19U20:A76U77_AA A 19 ? A 77 ? A 20 ? A 76 ? 
1 A U 6  1_555 A A 62 1_555 A A 7  1_555 A U 61 1_555 0.521  -1.500 2.866 3.460   17.488 29.169  -4.690 -0.467 1.762  31.310  
-6.194  34.084  4  AA_U20A21:U75A76_AA A 20 ? A 76 ? A 21 ? A 75 ? 
1 A A 7  1_555 A U 61 1_555 A U 37 1_555 A U 33 1_555 -1.913 6.293  2.115 14.916  6.649  158.130 3.191  1.001  2.137  3.385   
-7.594  158.355 5  AA_A21U51:U47U75_AA A 21 ? A 75 ? A 51 ? A 47 ? 
1 A U 37 1_555 A U 33 1_555 A A 38 1_555 A U 8  1_555 -0.047 -0.982 3.303 -2.635  23.960 1.650   -8.025 -0.513 -0.741 85.625  
9.417   24.160  6  AA_U51A52:U22U47_AA A 51 ? A 47 ? A 52 ? A 22 ? 
1 A A 38 1_555 A U 8  1_555 A C 39 1_555 A G 32 1_555 1.962  0.443  2.434 1.901   8.544  46.137  0.013  -2.343 2.548  10.787  
-2.401  46.916  7  AA_A52C53:G46U22_AA A 52 ? A 22 ? A 53 ? A 46 ? 
1 A C 39 1_555 A G 32 1_555 A U 11 1_555 A A 31 1_555 -1.916 -0.376 3.574 -15.012 4.549  54.550  -0.693 1.040  3.897  4.852   
16.011  56.593  8  AA_C53U25:A45G46_AA A 53 ? A 46 ? A 25 ? A 45 ? 
1 A U 11 1_555 A A 31 1_555 A C 12 1_555 A A 30 1_555 -0.261 -2.392 3.066 -0.699  7.948  24.948  -7.067 0.420  2.216  17.825  
1.567   26.174  9  AA_U25C26:A44A45_AA A 25 ? A 45 ? A 26 ? A 44 ? 
1 A C 12 1_555 A A 30 1_555 A G 13 1_555 A C 29 1_555 -0.309 -1.658 3.282 -1.173  8.248  36.551  -3.611 0.335  2.862  12.945  
1.841   37.457  10 AA_C26G27:C43A44_AA A 26 ? A 44 ? A 27 ? A 43 ? 
1 A G 13 1_555 A C 29 1_555 A C 14 1_555 A G 28 1_555 0.790  -2.527 3.157 2.057   4.899  25.218  -6.906 -1.251 2.680  11.065  
-4.645  25.763  11 AA_G27C28:G42C43_AA A 27 ? A 43 ? A 28 ? A 42 ? 
1 A C 14 1_555 A G 28 1_555 A G 15 1_555 A C 27 1_555 -0.733 -2.035 3.121 -2.506  9.749  28.324  -5.658 0.970  2.361  19.173  
4.930   30.025  12 AA_C28G29:C41G42_AA A 28 ? A 42 ? A 29 ? A 41 ? 
1 A G 15 1_555 A C 27 1_555 A U 16 1_555 A A 26 1_555 0.040  -1.359 3.280 -1.291  7.999  32.910  -3.564 -0.267 2.876  13.859  
2.236   33.866  13 AA_G29U30:A40C41_AA A 29 ? A 41 ? A 30 ? A 40 ? 
1 A U 16 1_555 A A 26 1_555 A G 17 1_555 A C 25 1_555 0.703  -1.890 3.122 0.544   3.492  31.195  -4.100 -1.205 2.910  6.468   
-1.007  31.390  14 AA_U30G31:C39A40_AA A 30 ? A 40 ? A 31 ? A 39 ? 
1 A A 19 1_555 A A 52 1_555 A U 20 1_555 A A 51 1_555 0.206  -1.799 3.327 10.349  4.056  38.927  -3.060 0.865  3.086  5.940   
-15.158 40.423  15 AA_A33U34:A65A66_AA A 33 ? A 66 ? A 34 ? A 65 ? 
1 A U 20 1_555 A A 51 1_555 A A 21 1_555 A A 50 1_555 -3.864 4.127  3.663 -21.520 17.971 -20.469 -7.673 -7.374 -2.310 -34.974 
-41.879 -34.592 16 AA_U34A35:A64A65_AA A 34 ? A 65 ? A 35 ? A 64 ? 
1 A G 23 1_555 A C 47 1_555 A G 24 1_555 A C 46 1_555 0.608  -0.653 3.205 4.332   5.453  28.355  -2.454 -0.286 3.085  10.924  
-8.679  29.181  17 AA_G37G38:C60C61_AA A 37 ? A 61 ? A 38 ? A 60 ? 
1 A G 24 1_555 A C 46 1_555 A U 53 1_555 A A 45 1_555 -2.024 -0.444 3.369 -4.078  7.241  54.918  -0.917 1.926  3.421  7.801   
4.393   55.495  18 AA_G38U67:A59C60_AA A 38 ? A 60 ? A 67 ? A 59 ? 
1 A U 53 1_555 A A 45 1_555 A G 54 1_555 A C 44 1_555 -0.381 -1.645 3.481 0.399   6.483  33.765  -3.815 0.707  3.116  11.035  
-0.679  34.367  19 AA_U67G68:C58A59_AA A 67 ? A 59 ? A 68 ? A 58 ? 
1 A G 54 1_555 A C 44 1_555 A U 55 1_555 A G 43 1_555 -0.486 -1.109 3.048 -1.061  3.126  43.142  -1.785 0.563  2.975  4.243   
1.441   43.263  20 AA_G68U69:G57C58_AA A 68 ? A 58 ? A 69 ? A 57 ? 
1 A U 55 1_555 A G 43 1_555 A C 56 1_555 A G 42 1_555 -0.046 -1.464 3.039 3.558   7.895  26.818  -4.611 0.816  2.489  16.485  
-7.430  28.157  21 AA_U69C70:G56G57_AA A 69 ? A 57 ? A 70 ? A 56 ? 
1 A C 56 1_555 A G 42 1_555 A C 57 1_555 A G 41 1_555 0.162  -0.777 3.209 0.065   6.539  31.740  -2.498 -0.279 2.994  11.800  
-0.118  32.390  22 AA_C70C71:G55G56_AA A 70 ? A 56 ? A 71 ? A 55 ? 
1 A C 57 1_555 A G 41 1_555 A G 58 1_555 A C 40 1_555 0.926  -1.734 3.094 0.312   8.742  32.523  -4.251 -1.554 2.564  15.268  
-0.545  33.648  23 AA_C71G72:C54G55_AA A 71 ? A 55 ? A 72 ? A 54 ? 
# 
loop_
_pdbx_entity_nonpoly.entity_id 
_pdbx_entity_nonpoly.name 
_pdbx_entity_nonpoly.comp_id 
2 6-chloroguanine         6GU 
3 'ACETATE ION'           ACT 
4 'COBALT HEXAMMINE(III)' NCO 
5 water                   HOH 
# 
_pdbx_initial_refinement_model.id               1 
_pdbx_initial_refinement_model.entity_id_list   ? 
_pdbx_initial_refinement_model.type             'experimental model' 
_pdbx_initial_refinement_model.source_name      PDB 
_pdbx_initial_refinement_model.accession_code   1U8D 
_pdbx_initial_refinement_model.details          'PDB entry 1U8D' 
# 
